data_8Y69
#
_entry.id   8Y69
#
loop_
_entity.id
_entity.type
_entity.pdbx_description
1 polymer 'Leucine-rich repeat-containing G-protein coupled receptor 4'
2 polymer 'E3 ubiquitin-protein ligase ZNRF3'
3 polymer MB52
4 polymer R-spondin-2
5 non-polymer CHOLESTEROL
#
loop_
_entity_poly.entity_id
_entity_poly.type
_entity_poly.pdbx_seq_one_letter_code
_entity_poly.pdbx_strand_id
1 'polypeptide(L)'
;CSCDGDRRVDCSGKGLTAVPEGLSAFTQALDISMNNITQLPEDAFANFPFLEELQLAGNDLSFIHPKALSGLKELKVLTL
QNNQLKTVPSEAIRGLSALQSLRLDANHITSVPEDSFEGLVQLRHLWLDDNSLTEVPVHPLSNLPTLQALTLALNKISSI
PDFAFTNLSSLVVLHLHNNKIRSLSQHCFDGLDNLETLDLNYNNLGEFPQAIKALPSLKELGFHSNSISVIPDGAFDGNP
LLRTIHLYDNPLSFVGNSAFHNLSDLHSLVIRGASMVQQFPNLTGTVHLESLTLTGTKISSIPNNLCQEQKMLRTLDLSY
NNIRDLPSFNGCHALEEISLQRNQIYQIKEGTFQGLISLRILDLSRNLIHEIHSRAFATLGPITNLDVSFNELTSFPTEG
LNGLNQLKLVGNFKLKEALAAKDFVNLRSLSVPYAYQCCAFWGCDSYANLNTEDNSLQDHSVAQEKGTADAANVTSTLEN
EEHSQIIIHCTPSTGAFKPCEYLLGSWMIRLTVWFIFLVALFFNLLVILTTFACATSLPSSKLFIGLISVSNLFMGIYTG
ILTFLDAVSWGRFAEFGIWWETGSGCKVAGFLAVFSSESAIFLLMLATVERSLSAKDIMKNGKSNHLKQFRVAALLAFLG
ATVAGCFPLFHRGEYSASPLCLPFPTGETPSLGFTVTLVLLNSLAFLLMAVIYTKLYCNLEKEDLSENSQSSMIKHVAWL
IFTNCIFFCPVAFFSFAPLITAISISPEIMKSVTLIFFPLPACLNPVLYVFFNPKFKEDWKLLKRRVT
;
A,D
2 'polypeptide(L)'
;KETAFVEVVLFESSPSGDYTTYTTGLTGRFSRAGATLSAEGEIVQMHPLGLCNNNDEEDLYEYGWVGVVKLEQPELDPKP
CLTVLGKAKRAVQRGATAVIFDVSENPEAIDQLNQGSEDPLKRPVVYVKGADAIKLMNIVNKQKVARARIQHRPPRQPTE
YFDMGIFLAFFVVVSLVCLILLVKIKLK
;
C,H
3 'polypeptide(L)'
;MKKIWLALAGLVLAFSASAQVQLVESGGGLVQTKTTTSVIDTTNDAQNLLTQAQTIVNTLKDYCPILIAKSSSSNGGTNN
ANTPSWQTAGGGKNSCATFGAEFSAASDMINNAQKIVQETQQLSANQPKNITQPHNLNLNSPSSLTALAQKMLKNAQSQA
EILKLANQVESDFNKLSSGHLKDYIGKCDASAISSANMTMQNQKNNWGNGCAGVEETQSLLKTSAADFNNQTPQINQAQN
LANTLIQELGNNPFRASGGGSGGGGSGKLSDTYEQLSRLLTNDNGTNSKTSAQAINQAVNNLNERAKTLAGGTTNSPAYQ
ATLLALRSVLGLWNSMGYAVICGGYTKSPGENNQKDFHYTDENGNGTTINCGGSTNSNGTHSYNGTNTLKADKNVSLSIE
QYEKIHEAYQILSKALKQAGLAPLNSKGEKLEAHVTTSKYGSLRLSCAASGYTYSPYCMGWFRQAPGKAREGVATVDLDG
STIYADSVKGRFTISQDNAKNTLYLQMNSLKPEDTAMYYCASRTRAGVTCGLNWAIFSYWGQGTQVTVSSHHHHHHEPEA
;
E,I
4 'polypeptide(L)'
;KGCLSCSKDNGCSRCQQKLFFFLRREGMRQYGECLHSCPSGYYGHRAPDMNRCARCRIENCDSCFSKDFCTKCKVGFYLH
RGRCFDECPAGFAPLDETMEC
;
G,J
#
loop_
_chem_comp.id
_chem_comp.type
_chem_comp.name
_chem_comp.formula
CLR non-polymer CHOLESTEROL 'C27 H46 O'
#
# COMPACT_ATOMS: atom_id res chain seq x y z
N CYS A 1 0.64 2.29 -51.54
CA CYS A 1 0.72 1.77 -50.18
C CYS A 1 0.51 2.87 -49.16
N SER A 2 1.59 3.23 -48.46
CA SER A 2 1.54 4.30 -47.46
C SER A 2 2.90 5.00 -47.47
N CYS A 3 2.99 6.09 -48.22
CA CYS A 3 4.22 6.87 -48.29
C CYS A 3 4.40 7.67 -47.00
N ASP A 4 5.66 7.87 -46.63
CA ASP A 4 6.02 8.64 -45.45
C ASP A 4 6.90 9.81 -45.86
N GLY A 5 6.91 10.84 -45.02
CA GLY A 5 7.74 12.02 -45.29
C GLY A 5 9.22 11.72 -45.20
N ASP A 6 9.58 10.59 -44.60
CA ASP A 6 10.96 10.14 -44.53
C ASP A 6 11.33 9.25 -45.71
N ARG A 7 10.49 9.21 -46.74
CA ARG A 7 10.70 8.36 -47.92
C ARG A 7 10.84 6.90 -47.53
N ARG A 8 10.02 6.47 -46.58
CA ARG A 8 9.98 5.10 -46.08
C ARG A 8 8.60 4.54 -46.37
N VAL A 9 8.43 3.96 -47.55
CA VAL A 9 7.15 3.38 -47.95
C VAL A 9 7.02 2.00 -47.33
N ASP A 10 5.91 1.76 -46.64
CA ASP A 10 5.61 0.47 -46.03
C ASP A 10 4.41 -0.13 -46.74
N CYS A 11 4.63 -1.23 -47.46
CA CYS A 11 3.56 -1.91 -48.17
C CYS A 11 3.12 -3.19 -47.46
N SER A 12 3.60 -3.42 -46.25
CA SER A 12 3.17 -4.56 -45.44
C SER A 12 1.72 -4.31 -45.04
N GLY A 13 0.81 -5.12 -45.57
CA GLY A 13 -0.60 -4.96 -45.27
C GLY A 13 -1.45 -4.89 -46.53
N LYS A 14 -0.89 -5.34 -47.64
CA LYS A 14 -1.63 -5.41 -48.91
C LYS A 14 -1.78 -6.85 -49.35
N GLY A 15 -0.82 -7.72 -49.03
CA GLY A 15 -0.92 -9.11 -49.42
C GLY A 15 -0.59 -9.33 -50.88
N LEU A 16 -0.03 -8.31 -51.52
CA LEU A 16 0.25 -8.36 -52.95
C LEU A 16 1.35 -9.38 -53.24
N THR A 17 1.29 -9.94 -54.45
CA THR A 17 2.21 -10.98 -54.88
C THR A 17 3.24 -10.47 -55.88
N ALA A 18 3.46 -9.15 -55.89
CA ALA A 18 4.44 -8.54 -56.78
C ALA A 18 5.01 -7.32 -56.09
N VAL A 19 5.85 -6.57 -56.80
CA VAL A 19 6.45 -5.35 -56.26
C VAL A 19 5.40 -4.24 -56.27
N PRO A 20 5.50 -3.24 -55.40
CA PRO A 20 4.52 -2.15 -55.43
C PRO A 20 4.72 -1.24 -56.64
N GLU A 21 3.81 -1.35 -57.61
CA GLU A 21 3.87 -0.53 -58.80
C GLU A 21 3.30 0.86 -58.53
N GLY A 22 3.70 1.81 -59.38
CA GLY A 22 3.20 3.16 -59.28
C GLY A 22 3.82 3.98 -58.18
N LEU A 23 4.79 3.43 -57.45
CA LEU A 23 5.43 4.16 -56.36
C LEU A 23 6.43 5.17 -56.92
N SER A 24 6.54 6.31 -56.24
CA SER A 24 7.49 7.33 -56.65
C SER A 24 8.92 6.82 -56.61
N ALA A 25 9.70 7.23 -57.59
CA ALA A 25 11.11 6.85 -57.67
C ALA A 25 11.95 7.86 -56.89
N PHE A 26 11.52 8.10 -55.67
CA PHE A 26 12.19 9.04 -54.79
C PHE A 26 12.31 8.47 -53.38
N THR A 27 11.59 7.39 -53.12
CA THR A 27 11.59 6.78 -51.79
C THR A 27 12.94 6.15 -51.50
N GLN A 28 13.25 6.04 -50.21
CA GLN A 28 14.52 5.49 -49.76
C GLN A 28 14.39 4.11 -49.13
N ALA A 29 13.34 3.87 -48.36
CA ALA A 29 13.13 2.59 -47.71
C ALA A 29 11.89 1.91 -48.28
N LEU A 30 11.84 0.59 -48.14
CA LEU A 30 10.72 -0.19 -48.65
C LEU A 30 10.57 -1.41 -47.75
N ASP A 31 9.45 -1.48 -47.05
CA ASP A 31 9.15 -2.59 -46.15
C ASP A 31 8.00 -3.40 -46.71
N ILE A 32 8.23 -4.69 -46.92
CA ILE A 32 7.20 -5.61 -47.39
C ILE A 32 7.37 -6.93 -46.66
N SER A 33 6.49 -7.18 -45.69
CA SER A 33 6.57 -8.42 -44.92
C SER A 33 5.24 -9.14 -44.86
N MET A 34 4.14 -8.38 -44.76
CA MET A 34 2.82 -8.99 -44.75
C MET A 34 2.52 -9.72 -46.05
N ASN A 35 2.91 -9.14 -47.17
CA ASN A 35 2.63 -9.70 -48.48
C ASN A 35 3.42 -10.98 -48.70
N ASN A 36 3.00 -11.74 -49.70
CA ASN A 36 3.67 -12.97 -50.09
C ASN A 36 4.11 -12.88 -51.53
N ILE A 37 5.41 -12.79 -51.74
CA ILE A 37 6.00 -12.70 -53.07
C ILE A 37 6.70 -14.02 -53.33
N THR A 38 6.00 -14.95 -53.98
CA THR A 38 6.56 -16.27 -54.22
C THR A 38 7.69 -16.26 -55.24
N GLN A 39 7.87 -15.15 -55.97
CA GLN A 39 8.90 -15.07 -56.99
C GLN A 39 9.17 -13.61 -57.30
N LEU A 40 10.45 -13.25 -57.39
CA LEU A 40 10.83 -11.88 -57.71
C LEU A 40 11.04 -11.75 -59.21
N PRO A 41 10.25 -10.91 -59.90
CA PRO A 41 10.39 -10.81 -61.36
C PRO A 41 11.71 -10.15 -61.75
N GLU A 42 12.04 -10.29 -63.03
CA GLU A 42 13.25 -9.70 -63.56
C GLU A 42 13.08 -8.19 -63.72
N ASP A 43 14.03 -7.44 -63.15
CA ASP A 43 14.04 -5.97 -63.25
C ASP A 43 12.74 -5.36 -62.74
N ALA A 44 12.20 -5.95 -61.68
CA ALA A 44 11.00 -5.40 -61.05
C ALA A 44 11.31 -4.16 -60.23
N PHE A 45 12.58 -3.93 -59.90
CA PHE A 45 13.01 -2.79 -59.12
C PHE A 45 13.64 -1.69 -59.96
N ALA A 46 13.55 -1.78 -61.29
CA ALA A 46 14.06 -0.75 -62.16
C ALA A 46 13.29 0.56 -62.05
N ASN A 47 12.10 0.55 -61.46
CA ASN A 47 11.28 1.74 -61.38
C ASN A 47 11.84 2.78 -60.41
N PHE A 48 12.27 2.35 -59.22
CA PHE A 48 12.74 3.27 -58.18
C PHE A 48 14.12 2.83 -57.71
N PRO A 49 15.17 3.15 -58.48
CA PRO A 49 16.53 2.80 -58.07
C PRO A 49 17.14 3.71 -57.02
N PHE A 50 16.36 4.59 -56.39
CA PHE A 50 16.87 5.54 -55.41
C PHE A 50 16.60 5.11 -53.98
N LEU A 51 16.52 3.80 -53.73
CA LEU A 51 16.31 3.29 -52.39
C LEU A 51 17.63 2.83 -51.80
N GLU A 52 17.64 2.66 -50.48
CA GLU A 52 18.85 2.26 -49.77
C GLU A 52 18.58 1.13 -48.80
N GLU A 53 17.32 0.95 -48.39
CA GLU A 53 16.92 -0.16 -47.53
C GLU A 53 15.80 -0.94 -48.20
N LEU A 54 15.83 -2.26 -48.05
CA LEU A 54 14.85 -3.13 -48.69
C LEU A 54 14.46 -4.20 -47.68
N GLN A 55 13.36 -3.97 -46.97
CA GLN A 55 12.88 -4.88 -45.95
C GLN A 55 11.94 -5.89 -46.61
N LEU A 56 12.50 -6.98 -47.12
CA LEU A 56 11.73 -8.04 -47.76
C LEU A 56 11.75 -9.24 -46.82
N ALA A 57 10.68 -9.41 -46.04
CA ALA A 57 10.67 -10.37 -44.96
C ALA A 57 9.42 -11.24 -45.05
N GLY A 58 9.52 -12.44 -44.45
CA GLY A 58 8.38 -13.31 -44.33
C GLY A 58 7.73 -13.75 -45.63
N ASN A 59 8.24 -13.30 -46.76
CA ASN A 59 7.73 -13.69 -48.06
C ASN A 59 8.26 -15.06 -48.41
N ASP A 60 7.40 -15.89 -49.00
CA ASP A 60 7.83 -17.21 -49.46
C ASP A 60 8.61 -17.07 -50.77
N LEU A 61 9.70 -16.31 -50.72
CA LEU A 61 10.50 -16.00 -51.89
C LEU A 61 11.28 -17.24 -52.29
N SER A 62 10.84 -17.91 -53.34
CA SER A 62 11.47 -19.13 -53.80
C SER A 62 12.47 -18.90 -54.93
N PHE A 63 12.41 -17.75 -55.59
CA PHE A 63 13.30 -17.49 -56.71
C PHE A 63 13.49 -15.99 -56.84
N ILE A 64 14.71 -15.59 -57.19
CA ILE A 64 15.03 -14.20 -57.46
C ILE A 64 15.89 -14.15 -58.72
N HIS A 65 15.40 -13.44 -59.74
CA HIS A 65 16.05 -13.44 -61.04
C HIS A 65 17.42 -12.76 -60.94
N PRO A 66 18.42 -13.27 -61.68
CA PRO A 66 19.76 -12.67 -61.59
C PRO A 66 19.79 -11.19 -61.91
N LYS A 67 18.94 -10.74 -62.81
CA LYS A 67 18.91 -9.33 -63.19
C LYS A 67 17.98 -8.50 -62.30
N ALA A 68 17.25 -9.14 -61.38
CA ALA A 68 16.25 -8.42 -60.60
C ALA A 68 16.87 -7.34 -59.72
N LEU A 69 18.09 -7.55 -59.26
CA LEU A 69 18.76 -6.60 -58.38
C LEU A 69 19.78 -5.73 -59.09
N SER A 70 19.86 -5.81 -60.41
CA SER A 70 20.78 -4.99 -61.17
C SER A 70 20.37 -3.52 -61.12
N GLY A 71 21.36 -2.64 -61.04
CA GLY A 71 21.12 -1.22 -61.04
C GLY A 71 20.80 -0.61 -59.69
N LEU A 72 20.79 -1.41 -58.62
CA LEU A 72 20.51 -0.89 -57.28
C LEU A 72 21.84 -0.60 -56.57
N LYS A 73 22.57 0.37 -57.11
CA LYS A 73 23.85 0.75 -56.54
C LYS A 73 23.70 1.62 -55.29
N GLU A 74 22.51 2.14 -55.02
CA GLU A 74 22.25 2.92 -53.82
C GLU A 74 21.73 2.09 -52.67
N LEU A 75 21.49 0.80 -52.89
CA LEU A 75 21.01 -0.07 -51.82
C LEU A 75 22.10 -0.27 -50.79
N LYS A 76 21.74 -0.16 -49.52
CA LYS A 76 22.70 -0.27 -48.44
C LYS A 76 22.41 -1.43 -47.50
N VAL A 77 21.15 -1.66 -47.16
CA VAL A 77 20.75 -2.76 -46.28
C VAL A 77 19.79 -3.66 -47.03
N LEU A 78 20.14 -4.94 -47.15
CA LEU A 78 19.29 -5.94 -47.79
C LEU A 78 18.88 -6.94 -46.71
N THR A 79 17.58 -7.11 -46.52
CA THR A 79 17.05 -7.98 -45.48
C THR A 79 16.15 -9.02 -46.12
N LEU A 80 16.53 -10.30 -45.98
CA LEU A 80 15.76 -11.42 -46.50
C LEU A 80 15.67 -12.50 -45.42
N GLN A 81 15.35 -12.08 -44.19
CA GLN A 81 15.54 -12.96 -43.05
C GLN A 81 14.71 -14.23 -43.14
N ASN A 82 13.42 -14.12 -43.46
CA ASN A 82 12.54 -15.29 -43.44
C ASN A 82 12.04 -15.54 -44.85
N ASN A 83 12.56 -16.59 -45.49
CA ASN A 83 12.18 -16.94 -46.84
C ASN A 83 12.23 -18.44 -47.05
N GLN A 84 12.23 -18.87 -48.31
CA GLN A 84 12.22 -20.28 -48.64
C GLN A 84 13.30 -20.59 -49.66
N LEU A 85 13.96 -19.55 -50.19
CA LEU A 85 15.05 -19.78 -51.11
C LEU A 85 16.12 -20.66 -50.46
N LYS A 86 16.60 -21.63 -51.22
CA LYS A 86 17.46 -22.65 -50.64
C LYS A 86 18.92 -22.23 -50.68
N THR A 87 19.45 -21.98 -51.87
CA THR A 87 20.86 -21.63 -51.99
C THR A 87 21.04 -20.13 -51.88
N VAL A 88 22.18 -19.72 -51.32
CA VAL A 88 22.51 -18.29 -51.28
C VAL A 88 22.55 -17.75 -52.69
N PRO A 89 21.85 -16.67 -52.99
CA PRO A 89 21.87 -16.14 -54.36
C PRO A 89 23.21 -15.48 -54.68
N SER A 90 24.02 -16.14 -55.50
CA SER A 90 25.33 -15.62 -55.85
C SER A 90 25.31 -14.78 -57.11
N GLU A 91 24.27 -14.90 -57.94
CA GLU A 91 24.16 -14.09 -59.14
C GLU A 91 23.35 -12.83 -58.91
N ALA A 92 22.26 -12.92 -58.15
CA ALA A 92 21.50 -11.72 -57.81
C ALA A 92 22.31 -10.78 -56.93
N ILE A 93 23.05 -11.32 -55.95
CA ILE A 93 23.79 -10.47 -55.02
C ILE A 93 24.95 -9.79 -55.73
N ARG A 94 25.66 -10.51 -56.60
CA ARG A 94 26.86 -9.99 -57.24
C ARG A 94 26.49 -8.79 -58.12
N GLY A 95 26.98 -7.61 -57.74
CA GLY A 95 26.66 -6.40 -58.46
C GLY A 95 26.29 -5.26 -57.54
N LEU A 96 26.43 -5.46 -56.23
CA LEU A 96 26.09 -4.46 -55.23
C LEU A 96 27.38 -3.97 -54.57
N SER A 97 27.72 -2.71 -54.79
CA SER A 97 28.94 -2.13 -54.24
C SER A 97 28.67 -1.23 -53.04
N ALA A 98 27.41 -1.05 -52.63
CA ALA A 98 27.10 -0.23 -51.47
C ALA A 98 26.37 -1.02 -50.39
N LEU A 99 26.26 -2.33 -50.54
CA LEU A 99 25.55 -3.14 -49.56
C LEU A 99 26.39 -3.29 -48.30
N GLN A 100 25.75 -3.10 -47.15
CA GLN A 100 26.44 -3.19 -45.87
C GLN A 100 25.90 -4.30 -44.98
N SER A 101 24.63 -4.67 -45.11
CA SER A 101 24.03 -5.67 -44.23
C SER A 101 23.23 -6.64 -45.08
N LEU A 102 23.62 -7.91 -45.04
CA LEU A 102 22.98 -8.97 -45.83
C LEU A 102 22.42 -10.00 -44.86
N ARG A 103 21.11 -9.96 -44.62
CA ARG A 103 20.47 -10.86 -43.67
C ARG A 103 19.79 -12.00 -44.43
N LEU A 104 20.39 -13.19 -44.37
CA LEU A 104 19.79 -14.40 -44.91
C LEU A 104 19.86 -15.47 -43.82
N ASP A 105 18.87 -15.50 -42.94
CA ASP A 105 18.97 -16.40 -41.80
C ASP A 105 17.94 -17.52 -41.80
N ALA A 106 16.65 -17.20 -41.82
CA ALA A 106 15.65 -18.24 -41.59
C ALA A 106 15.47 -19.14 -42.80
N ASN A 107 15.62 -18.62 -44.01
CA ASN A 107 15.46 -19.45 -45.20
C ASN A 107 16.47 -20.57 -45.18
N HIS A 108 15.98 -21.79 -45.39
CA HIS A 108 16.83 -22.97 -45.29
C HIS A 108 17.92 -22.93 -46.36
N ILE A 109 19.15 -23.20 -45.95
CA ILE A 109 20.30 -23.12 -46.84
C ILE A 109 21.12 -24.39 -46.67
N THR A 110 21.07 -25.25 -47.69
CA THR A 110 21.84 -26.49 -47.65
C THR A 110 23.23 -26.27 -48.22
N SER A 111 23.33 -25.49 -49.30
CA SER A 111 24.59 -25.27 -49.99
C SER A 111 24.81 -23.79 -50.22
N VAL A 112 26.05 -23.43 -50.55
CA VAL A 112 26.42 -22.08 -50.94
C VAL A 112 27.49 -22.18 -52.03
N PRO A 113 27.27 -21.60 -53.20
CA PRO A 113 28.22 -21.77 -54.31
C PRO A 113 29.54 -21.08 -54.03
N GLU A 114 30.58 -21.58 -54.69
CA GLU A 114 31.93 -21.11 -54.46
C GLU A 114 32.11 -19.63 -54.80
N ASP A 115 31.57 -19.18 -55.93
CA ASP A 115 31.72 -17.81 -56.37
C ASP A 115 30.85 -16.83 -55.60
N SER A 116 30.16 -17.29 -54.56
CA SER A 116 29.26 -16.43 -53.82
C SER A 116 30.03 -15.31 -53.13
N PHE A 117 29.30 -14.23 -52.84
CA PHE A 117 29.86 -13.06 -52.16
C PHE A 117 31.04 -12.50 -52.93
N GLU A 118 30.84 -12.28 -54.22
CA GLU A 118 31.88 -11.79 -55.11
C GLU A 118 31.60 -10.34 -55.47
N GLY A 119 32.60 -9.48 -55.30
CA GLY A 119 32.47 -8.08 -55.60
C GLY A 119 31.93 -7.23 -54.47
N LEU A 120 31.51 -7.83 -53.36
CA LEU A 120 31.01 -7.09 -52.21
C LEU A 120 32.19 -6.49 -51.46
N VAL A 121 32.21 -5.16 -51.34
CA VAL A 121 33.31 -4.45 -50.72
C VAL A 121 32.88 -3.61 -49.53
N GLN A 122 31.58 -3.37 -49.35
CA GLN A 122 31.09 -2.57 -48.25
C GLN A 122 30.36 -3.42 -47.20
N LEU A 123 30.49 -4.73 -47.26
CA LEU A 123 29.79 -5.61 -46.33
C LEU A 123 30.42 -5.51 -44.95
N ARG A 124 29.58 -5.30 -43.93
CA ARG A 124 30.04 -5.25 -42.55
C ARG A 124 29.36 -6.26 -41.64
N HIS A 125 28.15 -6.68 -41.94
CA HIS A 125 27.44 -7.68 -41.15
C HIS A 125 26.65 -8.58 -42.08
N LEU A 126 26.65 -9.87 -41.80
CA LEU A 126 25.73 -10.77 -42.49
C LEU A 126 25.34 -11.89 -41.54
N TRP A 127 24.06 -12.22 -41.53
CA TRP A 127 23.51 -13.25 -40.66
C TRP A 127 23.26 -14.51 -41.45
N LEU A 128 23.71 -15.64 -40.94
CA LEU A 128 23.26 -16.94 -41.40
C LEU A 128 22.85 -17.72 -40.15
N ASP A 129 21.64 -17.44 -39.65
CA ASP A 129 21.27 -17.97 -38.35
C ASP A 129 20.70 -19.39 -38.42
N ASP A 130 19.56 -19.56 -39.07
CA ASP A 130 18.81 -20.81 -38.97
C ASP A 130 18.66 -21.42 -40.35
N ASN A 131 19.66 -22.21 -40.74
CA ASN A 131 19.66 -22.88 -42.03
C ASN A 131 20.68 -24.00 -41.98
N SER A 132 20.31 -25.17 -42.48
CA SER A 132 21.10 -26.38 -42.28
C SER A 132 22.35 -26.35 -43.15
N LEU A 133 23.38 -25.68 -42.63
CA LEU A 133 24.72 -25.75 -43.20
C LEU A 133 25.48 -26.89 -42.55
N THR A 134 26.41 -27.48 -43.30
CA THR A 134 27.25 -28.53 -42.76
C THR A 134 28.74 -28.26 -42.89
N GLU A 135 29.14 -27.36 -43.78
CA GLU A 135 30.54 -26.96 -43.92
C GLU A 135 30.62 -25.45 -43.83
N VAL A 136 31.59 -24.95 -43.09
CA VAL A 136 31.83 -23.51 -43.02
C VAL A 136 32.33 -23.07 -44.39
N PRO A 137 31.70 -22.09 -45.03
CA PRO A 137 32.18 -21.64 -46.34
C PRO A 137 33.51 -20.92 -46.23
N VAL A 138 34.59 -21.57 -46.68
CA VAL A 138 35.91 -20.98 -46.54
C VAL A 138 36.23 -20.02 -47.67
N HIS A 139 36.28 -20.52 -48.90
CA HIS A 139 36.51 -19.69 -50.08
C HIS A 139 35.39 -18.64 -50.24
N PRO A 140 34.11 -19.01 -50.06
CA PRO A 140 33.08 -17.96 -50.14
C PRO A 140 33.29 -16.82 -49.16
N LEU A 141 33.73 -17.10 -47.94
CA LEU A 141 34.02 -16.05 -46.98
C LEU A 141 35.34 -15.35 -47.26
N SER A 142 36.25 -15.97 -48.00
CA SER A 142 37.53 -15.36 -48.30
C SER A 142 37.41 -14.09 -49.13
N ASN A 143 36.27 -13.87 -49.78
CA ASN A 143 36.06 -12.70 -50.62
C ASN A 143 35.50 -11.51 -49.85
N LEU A 144 35.46 -11.59 -48.52
CA LEU A 144 34.89 -10.54 -47.68
C LEU A 144 35.91 -10.12 -46.63
N PRO A 145 36.86 -9.25 -46.99
CA PRO A 145 37.84 -8.77 -46.02
C PRO A 145 37.40 -7.54 -45.25
N THR A 146 36.11 -7.20 -45.25
CA THR A 146 35.66 -5.93 -44.70
C THR A 146 34.51 -6.09 -43.71
N LEU A 147 34.05 -7.32 -43.46
CA LEU A 147 32.94 -7.49 -42.56
C LEU A 147 33.39 -7.38 -41.11
N GLN A 148 32.45 -7.02 -40.25
CA GLN A 148 32.73 -6.86 -38.83
C GLN A 148 31.82 -7.70 -37.95
N ALA A 149 31.03 -8.61 -38.53
CA ALA A 149 30.11 -9.42 -37.76
C ALA A 149 29.63 -10.58 -38.62
N LEU A 150 29.57 -11.76 -38.02
CA LEU A 150 29.21 -12.97 -38.75
C LEU A 150 28.62 -13.97 -37.76
N THR A 151 27.41 -14.41 -38.02
CA THR A 151 26.72 -15.36 -37.15
C THR A 151 26.40 -16.62 -37.91
N LEU A 152 26.80 -17.77 -37.38
CA LEU A 152 26.36 -19.07 -37.84
C LEU A 152 25.76 -19.75 -36.62
N ALA A 153 24.49 -19.43 -36.33
CA ALA A 153 23.91 -19.78 -35.03
C ALA A 153 23.23 -21.14 -35.01
N LEU A 154 22.21 -21.32 -35.84
CA LEU A 154 21.44 -22.56 -35.83
C LEU A 154 21.69 -23.34 -37.11
N ASN A 155 22.67 -24.23 -37.09
CA ASN A 155 23.00 -25.04 -38.24
C ASN A 155 23.36 -26.43 -37.76
N LYS A 156 23.91 -27.24 -38.65
CA LYS A 156 24.47 -28.53 -38.25
C LYS A 156 25.95 -28.64 -38.59
N ILE A 157 26.71 -27.58 -38.38
CA ILE A 157 28.16 -27.62 -38.59
C ILE A 157 28.77 -28.67 -37.68
N SER A 158 29.76 -29.41 -38.19
CA SER A 158 30.39 -30.45 -37.39
C SER A 158 31.75 -30.01 -36.88
N SER A 159 32.58 -29.45 -37.76
CA SER A 159 33.91 -29.02 -37.38
C SER A 159 34.32 -27.80 -38.18
N ILE A 160 35.31 -27.08 -37.66
CA ILE A 160 35.85 -25.92 -38.34
C ILE A 160 37.16 -26.34 -39.02
N PRO A 161 37.24 -26.28 -40.35
CA PRO A 161 38.49 -26.62 -41.03
C PRO A 161 39.59 -25.63 -40.69
N ASP A 162 40.83 -26.08 -40.88
CA ASP A 162 41.98 -25.23 -40.60
C ASP A 162 41.97 -24.00 -41.49
N PHE A 163 42.26 -22.85 -40.89
CA PHE A 163 42.36 -21.57 -41.60
C PHE A 163 41.05 -21.22 -42.31
N ALA A 164 39.94 -21.71 -41.78
CA ALA A 164 38.64 -21.42 -42.38
C ALA A 164 38.25 -19.94 -42.26
N PHE A 165 38.84 -19.22 -41.33
CA PHE A 165 38.62 -17.78 -41.16
C PHE A 165 39.98 -17.11 -41.22
N THR A 166 40.45 -16.79 -42.42
CA THR A 166 41.78 -16.24 -42.55
C THR A 166 41.77 -14.85 -43.16
N ASN A 167 41.06 -14.69 -44.28
CA ASN A 167 41.13 -13.44 -45.03
C ASN A 167 40.40 -12.32 -44.29
N LEU A 168 39.28 -12.63 -43.64
CA LEU A 168 38.46 -11.61 -42.98
C LEU A 168 39.10 -11.13 -41.68
N SER A 169 40.24 -10.47 -41.83
CA SER A 169 40.98 -9.97 -40.69
C SER A 169 40.23 -8.89 -39.91
N SER A 170 39.35 -8.14 -40.55
CA SER A 170 38.65 -7.04 -39.90
C SER A 170 37.44 -7.51 -39.09
N LEU A 171 37.34 -8.80 -38.81
CA LEU A 171 36.20 -9.32 -38.06
C LEU A 171 36.25 -8.83 -36.62
N VAL A 172 35.08 -8.72 -36.00
CA VAL A 172 34.96 -8.23 -34.63
C VAL A 172 34.28 -9.25 -33.73
N VAL A 173 33.10 -9.72 -34.12
CA VAL A 173 32.27 -10.61 -33.30
C VAL A 173 31.87 -11.80 -34.14
N LEU A 174 32.02 -13.00 -33.58
CA LEU A 174 31.66 -14.24 -34.25
C LEU A 174 30.68 -15.02 -33.39
N HIS A 175 29.68 -15.64 -34.00
CA HIS A 175 28.70 -16.45 -33.30
C HIS A 175 28.63 -17.83 -33.95
N LEU A 176 28.85 -18.88 -33.16
CA LEU A 176 28.72 -20.25 -33.64
C LEU A 176 28.08 -21.10 -32.56
N HIS A 177 27.07 -20.58 -31.88
CA HIS A 177 26.69 -21.19 -30.61
C HIS A 177 25.80 -22.42 -30.73
N ASN A 178 24.59 -22.30 -31.27
CA ASN A 178 23.60 -23.36 -31.09
C ASN A 178 23.75 -24.52 -32.07
N ASN A 179 24.80 -24.54 -32.89
CA ASN A 179 25.04 -25.68 -33.77
C ASN A 179 25.75 -26.77 -32.97
N LYS A 180 26.30 -27.76 -33.67
CA LYS A 180 26.85 -28.95 -33.03
C LYS A 180 28.30 -29.19 -33.47
N ILE A 181 29.12 -28.15 -33.38
CA ILE A 181 30.56 -28.29 -33.56
C ILE A 181 31.07 -29.39 -32.66
N ARG A 182 31.89 -30.29 -33.21
CA ARG A 182 32.40 -31.41 -32.43
C ARG A 182 33.83 -31.13 -31.95
N SER A 183 34.70 -30.68 -32.85
CA SER A 183 36.07 -30.38 -32.50
C SER A 183 36.63 -29.36 -33.46
N LEU A 184 37.54 -28.54 -32.96
CA LEU A 184 38.18 -27.50 -33.75
C LEU A 184 39.64 -27.83 -33.97
N SER A 185 40.13 -27.54 -35.17
CA SER A 185 41.55 -27.67 -35.42
C SER A 185 42.30 -26.52 -34.73
N GLN A 186 43.57 -26.78 -34.41
CA GLN A 186 44.38 -25.82 -33.67
C GLN A 186 44.79 -24.62 -34.51
N HIS A 187 44.30 -24.51 -35.75
CA HIS A 187 44.61 -23.37 -36.60
C HIS A 187 43.35 -22.79 -37.22
N CYS A 188 42.19 -23.05 -36.64
CA CYS A 188 40.93 -22.59 -37.22
C CYS A 188 40.80 -21.08 -37.23
N PHE A 189 41.21 -20.42 -36.15
CA PHE A 189 41.06 -18.98 -36.02
C PHE A 189 42.32 -18.22 -36.39
N ASP A 190 43.35 -18.91 -36.88
CA ASP A 190 44.61 -18.27 -37.21
C ASP A 190 44.37 -17.22 -38.29
N GLY A 191 44.85 -16.00 -38.04
CA GLY A 191 44.61 -14.87 -38.92
C GLY A 191 43.54 -13.92 -38.43
N LEU A 192 42.73 -14.35 -37.46
CA LEU A 192 41.72 -13.47 -36.90
C LEU A 192 42.37 -12.50 -35.92
N ASP A 193 42.07 -11.22 -36.08
CA ASP A 193 42.53 -10.18 -35.17
C ASP A 193 41.38 -9.27 -34.82
N ASN A 194 41.57 -8.49 -33.76
CA ASN A 194 40.57 -7.60 -33.18
C ASN A 194 39.19 -8.25 -33.16
N LEU A 195 39.18 -9.53 -32.78
CA LEU A 195 37.95 -10.25 -32.51
C LEU A 195 37.59 -10.06 -31.05
N GLU A 196 36.32 -9.76 -30.78
CA GLU A 196 35.94 -9.48 -29.41
C GLU A 196 35.05 -10.59 -28.85
N THR A 197 33.94 -10.88 -29.52
CA THR A 197 33.00 -11.87 -29.01
C THR A 197 33.14 -13.18 -29.76
N LEU A 198 33.18 -14.29 -29.03
CA LEU A 198 33.27 -15.61 -29.65
C LEU A 198 32.34 -16.54 -28.86
N ASP A 199 31.33 -17.07 -29.53
CA ASP A 199 30.32 -17.90 -28.87
C ASP A 199 30.38 -19.33 -29.39
N LEU A 200 30.58 -20.28 -28.46
CA LEU A 200 30.54 -21.70 -28.76
C LEU A 200 29.62 -22.36 -27.74
N ASN A 201 28.46 -21.75 -27.51
CA ASN A 201 27.64 -22.09 -26.35
C ASN A 201 27.17 -23.54 -26.33
N TYR A 202 26.35 -23.96 -27.30
CA TYR A 202 25.69 -25.24 -27.16
C TYR A 202 26.35 -26.35 -27.98
N ASN A 203 27.41 -26.05 -28.72
CA ASN A 203 28.05 -27.08 -29.54
C ASN A 203 29.00 -27.89 -28.67
N ASN A 204 28.77 -29.19 -28.60
CA ASN A 204 29.52 -30.04 -27.68
C ASN A 204 30.95 -30.23 -28.15
N LEU A 205 31.87 -29.61 -27.43
CA LEU A 205 33.31 -29.72 -27.70
C LEU A 205 33.89 -30.88 -26.90
N GLY A 206 34.97 -31.45 -27.43
CA GLY A 206 35.56 -32.61 -26.78
C GLY A 206 36.22 -32.31 -25.46
N GLU A 207 37.38 -31.66 -25.49
CA GLU A 207 38.05 -31.29 -24.24
C GLU A 207 38.14 -29.78 -24.10
N PHE A 208 38.80 -29.12 -25.06
CA PHE A 208 38.99 -27.70 -25.01
C PHE A 208 39.60 -27.25 -26.33
N PRO A 209 39.13 -26.13 -26.89
CA PRO A 209 39.76 -25.61 -28.12
C PRO A 209 41.03 -24.83 -27.80
N GLN A 210 42.17 -25.39 -28.19
CA GLN A 210 43.46 -24.72 -27.99
C GLN A 210 43.70 -23.60 -28.99
N ALA A 211 42.85 -23.46 -30.00
CA ALA A 211 43.03 -22.47 -31.04
C ALA A 211 42.69 -21.06 -30.59
N ILE A 212 42.14 -20.92 -29.39
CA ILE A 212 41.75 -19.60 -28.90
C ILE A 212 42.96 -18.70 -28.71
N LYS A 213 44.07 -19.25 -28.22
CA LYS A 213 45.26 -18.47 -27.91
C LYS A 213 45.89 -17.83 -29.15
N ALA A 214 45.35 -18.08 -30.35
CA ALA A 214 45.91 -17.49 -31.55
C ALA A 214 45.49 -16.03 -31.72
N LEU A 215 44.43 -15.60 -31.03
CA LEU A 215 44.00 -14.22 -31.20
C LEU A 215 44.37 -13.38 -29.99
N PRO A 216 45.19 -12.33 -30.18
CA PRO A 216 45.63 -11.54 -29.02
C PRO A 216 44.59 -10.59 -28.47
N SER A 217 43.59 -10.23 -29.27
CA SER A 217 42.48 -9.39 -28.81
C SER A 217 41.29 -10.29 -28.58
N LEU A 218 40.71 -10.22 -27.38
CA LEU A 218 39.55 -11.03 -27.03
C LEU A 218 38.99 -10.50 -25.72
N LYS A 219 37.68 -10.28 -25.67
CA LYS A 219 37.05 -9.77 -24.45
C LYS A 219 36.06 -10.77 -23.89
N GLU A 220 35.13 -11.29 -24.69
CA GLU A 220 34.21 -12.30 -24.21
C GLU A 220 34.61 -13.67 -24.75
N LEU A 221 34.10 -14.72 -24.12
CA LEU A 221 34.31 -16.08 -24.63
C LEU A 221 33.19 -16.95 -24.07
N GLY A 222 32.20 -17.25 -24.92
CA GLY A 222 31.02 -17.99 -24.51
C GLY A 222 31.10 -19.45 -24.91
N PHE A 223 31.29 -20.31 -23.91
CA PHE A 223 31.20 -21.76 -24.14
C PHE A 223 30.70 -22.37 -22.83
N HIS A 224 29.39 -22.50 -22.71
CA HIS A 224 28.82 -22.99 -21.45
C HIS A 224 28.02 -24.26 -21.60
N SER A 225 27.07 -24.35 -22.53
CA SER A 225 26.17 -25.49 -22.59
C SER A 225 26.84 -26.71 -23.19
N ASN A 226 28.09 -26.62 -23.61
CA ASN A 226 28.81 -27.76 -24.16
C ASN A 226 29.27 -28.68 -23.05
N SER A 227 30.06 -29.69 -23.38
CA SER A 227 30.48 -30.68 -22.39
C SER A 227 32.01 -30.68 -22.33
N ILE A 228 32.57 -29.93 -21.40
CA ILE A 228 34.01 -29.84 -21.20
C ILE A 228 34.33 -30.46 -19.85
N SER A 229 35.27 -31.40 -19.86
CA SER A 229 35.64 -32.08 -18.60
C SER A 229 36.78 -31.35 -17.90
N VAL A 230 37.89 -31.14 -18.61
CA VAL A 230 39.09 -30.58 -18.01
C VAL A 230 39.54 -29.36 -18.81
N ILE A 231 39.79 -28.26 -18.11
CA ILE A 231 40.38 -27.07 -18.70
C ILE A 231 41.89 -27.13 -18.47
N PRO A 232 42.70 -27.20 -19.53
CA PRO A 232 44.16 -27.28 -19.34
C PRO A 232 44.70 -26.02 -18.71
N ASP A 233 45.81 -26.19 -17.98
CA ASP A 233 46.44 -25.09 -17.30
C ASP A 233 47.01 -24.09 -18.30
N GLY A 234 46.90 -22.81 -17.98
CA GLY A 234 47.39 -21.77 -18.86
C GLY A 234 46.65 -21.66 -20.17
N ALA A 235 45.40 -22.13 -20.22
CA ALA A 235 44.63 -22.06 -21.45
C ALA A 235 44.34 -20.63 -21.89
N PHE A 236 43.97 -19.75 -20.96
CA PHE A 236 43.73 -18.35 -21.27
C PHE A 236 45.04 -17.56 -21.09
N ASP A 237 45.93 -17.76 -22.03
CA ASP A 237 47.24 -17.14 -21.91
C ASP A 237 47.50 -16.07 -22.97
N GLY A 238 47.16 -16.35 -24.23
CA GLY A 238 47.43 -15.41 -25.30
C GLY A 238 46.41 -14.30 -25.42
N ASN A 239 45.39 -14.29 -24.57
CA ASN A 239 44.29 -13.33 -24.65
C ASN A 239 44.15 -12.62 -23.31
N PRO A 240 44.98 -11.62 -23.03
CA PRO A 240 44.96 -10.97 -21.72
C PRO A 240 43.90 -9.90 -21.55
N LEU A 241 42.92 -9.82 -22.44
CA LEU A 241 41.90 -8.78 -22.38
C LEU A 241 40.52 -9.34 -22.04
N LEU A 242 40.45 -10.58 -21.59
CA LEU A 242 39.16 -11.19 -21.27
C LEU A 242 38.50 -10.45 -20.11
N ARG A 243 37.17 -10.38 -20.17
CA ARG A 243 36.41 -9.81 -19.06
C ARG A 243 35.18 -10.62 -18.67
N THR A 244 34.79 -11.64 -19.42
CA THR A 244 33.60 -12.41 -19.11
C THR A 244 33.75 -13.77 -19.78
N ILE A 245 33.90 -14.82 -18.98
CA ILE A 245 34.00 -16.18 -19.48
C ILE A 245 32.79 -16.96 -18.98
N HIS A 246 31.96 -17.41 -19.90
CA HIS A 246 30.77 -18.19 -19.58
C HIS A 246 31.12 -19.67 -19.63
N LEU A 247 31.44 -20.25 -18.48
CA LEU A 247 31.82 -21.66 -18.45
C LEU A 247 30.95 -22.49 -17.53
N TYR A 248 29.74 -22.02 -17.23
CA TYR A 248 28.83 -22.81 -16.41
C TYR A 248 28.25 -23.95 -17.24
N ASP A 249 27.55 -24.86 -16.56
CA ASP A 249 26.82 -25.95 -17.20
C ASP A 249 27.76 -26.86 -17.99
N ASN A 250 28.92 -27.12 -17.40
CA ASN A 250 29.89 -28.05 -17.95
C ASN A 250 30.32 -29.01 -16.84
N PRO A 251 30.41 -30.30 -17.12
CA PRO A 251 30.93 -31.23 -16.11
C PRO A 251 32.43 -31.05 -15.93
N LEU A 252 32.85 -29.95 -15.33
CA LEU A 252 34.25 -29.68 -15.13
C LEU A 252 34.83 -30.67 -14.12
N SER A 253 36.10 -31.03 -14.31
CA SER A 253 36.75 -31.92 -13.36
C SER A 253 37.90 -31.21 -12.66
N PHE A 254 38.85 -30.70 -13.43
CA PHE A 254 40.08 -30.14 -12.89
C PHE A 254 40.44 -28.88 -13.66
N VAL A 255 40.13 -27.73 -13.08
CA VAL A 255 40.46 -26.45 -13.72
C VAL A 255 41.97 -26.26 -13.81
N GLY A 256 42.69 -26.59 -12.75
CA GLY A 256 44.12 -26.38 -12.71
C GLY A 256 44.47 -25.07 -12.03
N ASN A 257 45.51 -25.10 -11.20
CA ASN A 257 45.87 -23.92 -10.42
C ASN A 257 46.31 -22.77 -11.32
N SER A 258 47.06 -23.07 -12.38
CA SER A 258 47.57 -22.04 -13.29
C SER A 258 46.61 -21.95 -14.47
N ALA A 259 45.45 -21.32 -14.23
CA ALA A 259 44.43 -21.23 -15.27
C ALA A 259 43.93 -19.81 -15.45
N PHE A 260 44.34 -18.90 -14.57
CA PHE A 260 43.90 -17.51 -14.60
C PHE A 260 45.07 -16.64 -14.15
N HIS A 261 45.61 -15.86 -15.09
CA HIS A 261 46.72 -14.96 -14.78
C HIS A 261 46.53 -13.65 -15.53
N ASN A 262 46.82 -12.56 -14.83
CA ASN A 262 46.80 -11.20 -15.37
C ASN A 262 45.65 -10.97 -16.35
N LEU A 263 44.46 -11.41 -15.94
CA LEU A 263 43.22 -11.11 -16.65
C LEU A 263 42.68 -9.82 -16.04
N SER A 264 43.36 -8.72 -16.34
CA SER A 264 43.16 -7.45 -15.64
C SER A 264 41.80 -6.82 -15.91
N ASP A 265 40.94 -7.47 -16.69
CA ASP A 265 39.59 -6.96 -16.92
C ASP A 265 38.52 -7.96 -16.49
N LEU A 266 38.90 -9.14 -16.02
CA LEU A 266 37.94 -10.15 -15.64
C LEU A 266 37.04 -9.64 -14.52
N HIS A 267 35.73 -9.88 -14.64
CA HIS A 267 34.78 -9.42 -13.64
C HIS A 267 34.19 -10.59 -12.86
N SER A 268 33.74 -11.64 -13.53
CA SER A 268 33.17 -12.77 -12.83
C SER A 268 34.06 -14.00 -12.96
N LEU A 269 33.94 -14.91 -12.00
CA LEU A 269 34.64 -16.19 -12.06
C LEU A 269 33.79 -17.18 -11.27
N VAL A 270 32.98 -17.97 -11.97
CA VAL A 270 32.01 -18.85 -11.33
C VAL A 270 32.37 -20.27 -11.73
N ILE A 271 33.17 -20.94 -10.92
CA ILE A 271 33.49 -22.34 -11.10
C ILE A 271 32.59 -23.14 -10.17
N ARG A 272 31.93 -24.17 -10.71
CA ARG A 272 31.05 -24.99 -9.91
C ARG A 272 31.01 -26.39 -10.49
N GLY A 273 31.02 -27.39 -9.61
CA GLY A 273 31.13 -28.77 -10.04
C GLY A 273 32.54 -29.25 -10.26
N ALA A 274 33.55 -28.42 -9.98
CA ALA A 274 34.95 -28.79 -10.15
C ALA A 274 35.35 -29.73 -9.01
N SER A 275 34.89 -30.97 -9.11
CA SER A 275 34.89 -31.89 -7.99
C SER A 275 36.18 -32.71 -7.93
N MET A 276 37.27 -32.15 -8.44
CA MET A 276 38.55 -32.83 -8.36
C MET A 276 39.66 -31.91 -7.88
N VAL A 277 39.49 -30.59 -8.05
CA VAL A 277 40.51 -29.65 -7.64
C VAL A 277 40.54 -29.56 -6.12
N GLN A 278 41.72 -29.70 -5.54
CA GLN A 278 41.88 -29.62 -4.09
C GLN A 278 42.79 -28.47 -3.66
N GLN A 279 43.03 -27.50 -4.53
CA GLN A 279 43.87 -26.36 -4.22
C GLN A 279 43.20 -25.07 -4.70
N PHE A 280 43.40 -23.99 -3.96
CA PHE A 280 42.85 -22.71 -4.37
C PHE A 280 43.52 -22.24 -5.66
N PRO A 281 42.76 -21.68 -6.60
CA PRO A 281 43.35 -21.26 -7.87
C PRO A 281 44.31 -20.09 -7.69
N ASN A 282 45.27 -19.99 -8.61
CA ASN A 282 46.22 -18.90 -8.62
C ASN A 282 45.56 -17.68 -9.26
N LEU A 283 45.51 -16.58 -8.52
CA LEU A 283 44.88 -15.36 -9.01
C LEU A 283 45.82 -14.17 -8.90
N THR A 284 47.12 -14.42 -9.07
CA THR A 284 48.16 -13.42 -8.83
C THR A 284 48.12 -12.27 -9.82
N GLY A 285 47.18 -12.26 -10.76
CA GLY A 285 47.13 -11.18 -11.73
C GLY A 285 45.74 -10.63 -11.97
N THR A 286 44.72 -11.28 -11.43
CA THR A 286 43.33 -10.85 -11.58
C THR A 286 42.96 -10.04 -10.34
N VAL A 287 42.79 -8.73 -10.53
CA VAL A 287 42.56 -7.82 -9.41
C VAL A 287 41.34 -6.94 -9.64
N HIS A 288 40.41 -7.36 -10.49
CA HIS A 288 39.24 -6.54 -10.81
C HIS A 288 37.95 -7.35 -10.85
N LEU A 289 37.95 -8.57 -10.32
CA LEU A 289 36.73 -9.35 -10.37
C LEU A 289 35.72 -8.83 -9.35
N GLU A 290 34.45 -9.01 -9.68
CA GLU A 290 33.34 -8.64 -8.79
C GLU A 290 32.86 -9.79 -7.94
N SER A 291 32.60 -10.95 -8.54
CA SER A 291 32.11 -12.12 -7.82
C SER A 291 32.99 -13.32 -8.10
N LEU A 292 33.39 -14.01 -7.03
CA LEU A 292 34.21 -15.22 -7.11
C LEU A 292 33.41 -16.35 -6.48
N THR A 293 33.25 -17.45 -7.20
CA THR A 293 32.39 -18.55 -6.76
C THR A 293 33.07 -19.87 -7.07
N LEU A 294 33.25 -20.70 -6.03
CA LEU A 294 33.77 -22.06 -6.20
C LEU A 294 32.85 -23.00 -5.43
N THR A 295 31.74 -23.39 -6.06
CA THR A 295 30.68 -24.07 -5.33
C THR A 295 30.90 -25.58 -5.18
N GLY A 296 30.88 -26.33 -6.28
CA GLY A 296 30.95 -27.77 -6.20
C GLY A 296 32.37 -28.27 -6.14
N THR A 297 33.10 -27.87 -5.11
CA THR A 297 34.54 -28.00 -5.09
C THR A 297 34.98 -28.86 -3.91
N LYS A 298 36.29 -28.89 -3.71
CA LYS A 298 36.92 -29.46 -2.52
C LYS A 298 38.14 -28.58 -2.23
N ILE A 299 37.92 -27.57 -1.39
CA ILE A 299 38.92 -26.55 -1.10
C ILE A 299 38.99 -26.40 0.40
N SER A 300 40.19 -26.52 0.96
CA SER A 300 40.35 -26.56 2.41
C SER A 300 41.28 -25.48 2.94
N SER A 301 41.87 -24.67 2.07
CA SER A 301 42.84 -23.66 2.50
C SER A 301 42.67 -22.40 1.65
N ILE A 302 41.88 -21.46 2.15
CA ILE A 302 41.84 -20.13 1.54
C ILE A 302 43.13 -19.40 1.89
N PRO A 303 43.87 -18.90 0.91
CA PRO A 303 45.10 -18.18 1.21
C PRO A 303 44.83 -16.92 2.03
N ASN A 304 45.72 -16.66 2.97
CA ASN A 304 45.57 -15.49 3.83
C ASN A 304 45.69 -14.20 3.03
N ASN A 305 46.62 -14.17 2.08
CA ASN A 305 46.85 -13.00 1.25
C ASN A 305 45.76 -12.91 0.19
N LEU A 306 44.55 -12.61 0.64
CA LEU A 306 43.41 -12.41 -0.25
C LEU A 306 43.01 -10.96 -0.40
N CYS A 307 42.92 -10.21 0.70
CA CYS A 307 42.58 -8.80 0.58
C CYS A 307 43.71 -7.96 0.01
N GLN A 308 44.92 -8.51 -0.08
CA GLN A 308 46.00 -7.79 -0.74
C GLN A 308 45.66 -7.50 -2.20
N GLU A 309 44.76 -8.29 -2.78
CA GLU A 309 44.28 -8.11 -4.13
C GLU A 309 42.76 -8.25 -4.14
N GLN A 310 42.18 -8.32 -5.34
CA GLN A 310 40.74 -8.44 -5.49
C GLN A 310 40.04 -7.35 -4.71
N LYS A 311 40.54 -6.12 -4.82
CA LYS A 311 40.16 -5.03 -3.92
C LYS A 311 38.78 -4.46 -4.20
N MET A 312 38.02 -5.07 -5.12
CA MET A 312 36.68 -4.53 -5.39
C MET A 312 35.62 -5.61 -5.56
N LEU A 313 35.81 -6.81 -5.02
CA LEU A 313 34.77 -7.83 -5.14
C LEU A 313 33.58 -7.48 -4.24
N ARG A 314 32.39 -7.83 -4.72
CA ARG A 314 31.17 -7.55 -3.97
C ARG A 314 30.36 -8.83 -3.78
N THR A 315 31.04 -9.97 -3.82
CA THR A 315 30.42 -11.27 -3.57
C THR A 315 31.54 -12.27 -3.38
N LEU A 316 31.31 -13.28 -2.53
CA LEU A 316 32.32 -14.29 -2.24
C LEU A 316 31.60 -15.56 -1.80
N ASP A 317 31.50 -16.53 -2.71
CA ASP A 317 30.75 -17.76 -2.47
C ASP A 317 31.69 -18.94 -2.51
N LEU A 318 31.77 -19.69 -1.41
CA LEU A 318 32.47 -20.96 -1.36
C LEU A 318 31.63 -21.90 -0.49
N SER A 319 30.65 -22.58 -1.10
CA SER A 319 29.72 -23.34 -0.28
C SER A 319 30.07 -24.81 -0.14
N TYR A 320 30.05 -25.57 -1.22
CA TYR A 320 30.17 -27.02 -1.06
C TYR A 320 31.61 -27.48 -1.18
N ASN A 321 32.43 -27.16 -0.20
CA ASN A 321 33.84 -27.54 -0.21
C ASN A 321 34.38 -27.45 1.20
N ASN A 322 34.91 -28.55 1.69
CA ASN A 322 35.28 -28.68 3.09
C ASN A 322 36.39 -27.69 3.43
N ILE A 323 36.02 -26.64 4.16
CA ILE A 323 36.97 -25.62 4.62
C ILE A 323 37.19 -25.81 6.11
N ARG A 324 38.46 -25.85 6.51
CA ARG A 324 38.78 -26.09 7.91
C ARG A 324 38.59 -24.84 8.75
N ASP A 325 39.25 -23.75 8.36
CA ASP A 325 39.21 -22.51 9.12
C ASP A 325 39.12 -21.35 8.14
N LEU A 326 39.13 -20.14 8.70
CA LEU A 326 38.96 -18.96 7.86
C LEU A 326 40.12 -18.00 8.05
N PRO A 327 40.47 -17.23 7.02
CA PRO A 327 41.48 -16.19 7.18
C PRO A 327 40.87 -14.90 7.70
N SER A 328 41.70 -13.89 7.91
CA SER A 328 41.22 -12.58 8.34
C SER A 328 40.89 -11.75 7.11
N PHE A 329 39.67 -11.25 7.05
CA PHE A 329 39.26 -10.41 5.92
C PHE A 329 39.62 -8.96 6.24
N ASN A 330 40.87 -8.74 6.61
CA ASN A 330 41.32 -7.41 7.04
C ASN A 330 41.24 -6.44 5.86
N GLY A 331 40.35 -5.46 5.97
CA GLY A 331 40.13 -4.55 4.87
C GLY A 331 39.12 -5.08 3.88
N CYS A 332 39.28 -4.65 2.62
CA CYS A 332 38.36 -5.00 1.55
C CYS A 332 36.93 -4.59 1.90
N HIS A 333 36.73 -3.29 2.11
CA HIS A 333 35.45 -2.77 2.60
C HIS A 333 34.45 -2.58 1.50
N ALA A 334 34.67 -3.19 0.34
CA ALA A 334 33.67 -3.27 -0.71
C ALA A 334 32.95 -4.60 -0.75
N LEU A 335 33.40 -5.58 0.02
CA LEU A 335 32.73 -6.87 0.08
C LEU A 335 31.30 -6.70 0.57
N GLU A 336 30.34 -7.26 -0.17
CA GLU A 336 28.94 -7.06 0.17
C GLU A 336 28.31 -8.30 0.77
N GLU A 337 28.45 -9.45 0.12
CA GLU A 337 27.83 -10.69 0.58
C GLU A 337 28.87 -11.78 0.70
N ILE A 338 28.70 -12.65 1.69
CA ILE A 338 29.54 -13.83 1.87
C ILE A 338 28.61 -15.01 2.06
N SER A 339 29.09 -16.20 1.75
CA SER A 339 28.34 -17.43 1.98
C SER A 339 29.35 -18.56 2.17
N LEU A 340 29.40 -19.13 3.37
CA LEU A 340 30.29 -20.25 3.67
C LEU A 340 29.45 -21.34 4.32
N GLN A 341 28.81 -22.15 3.48
CA GLN A 341 27.95 -23.23 3.96
C GLN A 341 28.71 -24.55 3.82
N ARG A 342 28.12 -25.60 4.37
CA ARG A 342 28.55 -26.99 4.13
C ARG A 342 30.03 -27.22 4.43
N ASN A 343 30.69 -26.25 5.03
CA ASN A 343 32.10 -26.32 5.33
C ASN A 343 32.32 -27.11 6.62
N GLN A 344 33.54 -27.02 7.14
CA GLN A 344 33.91 -27.66 8.39
C GLN A 344 34.63 -26.66 9.29
N ILE A 345 34.06 -25.46 9.39
CA ILE A 345 34.64 -24.39 10.19
C ILE A 345 34.32 -24.64 11.66
N TYR A 346 35.31 -25.12 12.41
CA TYR A 346 35.07 -25.47 13.80
C TYR A 346 35.01 -24.24 14.69
N GLN A 347 35.76 -23.18 14.37
CA GLN A 347 35.82 -22.01 15.22
C GLN A 347 35.82 -20.74 14.38
N ILE A 348 35.43 -19.64 15.01
CA ILE A 348 35.50 -18.31 14.44
C ILE A 348 36.29 -17.43 15.39
N LYS A 349 37.40 -16.87 14.89
CA LYS A 349 38.20 -15.97 15.71
C LYS A 349 37.59 -14.57 15.68
N GLU A 350 38.14 -13.68 16.50
CA GLU A 350 37.64 -12.32 16.61
C GLU A 350 38.07 -11.42 15.46
N GLY A 351 39.18 -11.72 14.80
CA GLY A 351 39.69 -10.86 13.76
C GLY A 351 39.20 -11.21 12.37
N THR A 352 38.19 -12.08 12.30
CA THR A 352 37.67 -12.51 11.01
C THR A 352 36.96 -11.41 10.24
N PHE A 353 36.31 -10.46 10.93
CA PHE A 353 35.50 -9.46 10.24
C PHE A 353 35.89 -8.05 10.67
N GLN A 354 37.20 -7.78 10.71
CA GLN A 354 37.69 -6.44 11.03
C GLN A 354 37.22 -5.49 9.94
N GLY A 355 36.56 -4.41 10.34
CA GLY A 355 36.02 -3.48 9.38
C GLY A 355 34.88 -4.09 8.60
N LEU A 356 35.13 -4.39 7.33
CA LEU A 356 34.16 -5.06 6.47
C LEU A 356 32.86 -4.27 6.39
N ILE A 357 32.96 -3.01 6.00
CA ILE A 357 31.79 -2.15 5.90
C ILE A 357 30.92 -2.60 4.73
N SER A 358 29.63 -2.27 4.81
CA SER A 358 28.66 -2.57 3.76
C SER A 358 28.58 -4.06 3.46
N LEU A 359 28.78 -4.89 4.47
CA LEU A 359 28.55 -6.33 4.37
C LEU A 359 27.11 -6.60 4.77
N ARG A 360 26.32 -7.13 3.84
CA ARG A 360 24.89 -7.25 4.09
C ARG A 360 24.52 -8.64 4.60
N ILE A 361 24.85 -9.67 3.82
CA ILE A 361 24.39 -11.02 4.14
C ILE A 361 25.59 -11.88 4.50
N LEU A 362 25.44 -12.71 5.53
CA LEU A 362 26.54 -13.58 5.98
C LEU A 362 25.90 -14.88 6.46
N ASP A 363 26.13 -15.95 5.71
CA ASP A 363 25.61 -17.27 6.05
C ASP A 363 26.75 -18.16 6.53
N LEU A 364 26.47 -19.01 7.52
CA LEU A 364 27.45 -19.95 8.05
C LEU A 364 26.75 -21.27 8.35
N SER A 365 25.61 -21.49 7.70
CA SER A 365 24.75 -22.62 8.00
C SER A 365 25.43 -23.95 7.68
N ARG A 366 25.08 -24.96 8.48
CA ARG A 366 25.53 -26.34 8.29
C ARG A 366 27.06 -26.42 8.28
N ASN A 367 27.65 -26.05 9.41
CA ASN A 367 29.08 -26.19 9.65
C ASN A 367 29.27 -26.83 11.02
N LEU A 368 30.52 -26.87 11.48
CA LEU A 368 30.86 -27.42 12.79
C LEU A 368 31.22 -26.35 13.79
N ILE A 369 30.56 -25.20 13.72
CA ILE A 369 30.84 -24.10 14.65
C ILE A 369 30.33 -24.47 16.03
N HIS A 370 31.18 -24.34 17.04
CA HIS A 370 30.78 -24.54 18.42
C HIS A 370 31.08 -23.37 19.33
N GLU A 371 31.99 -22.48 18.94
CA GLU A 371 32.31 -21.32 19.76
C GLU A 371 32.49 -20.10 18.87
N ILE A 372 31.69 -19.07 19.11
CA ILE A 372 31.82 -17.78 18.43
C ILE A 372 32.40 -16.80 19.41
N HIS A 373 33.52 -16.17 19.03
CA HIS A 373 34.13 -15.17 19.89
C HIS A 373 33.20 -13.97 20.05
N SER A 374 33.21 -13.40 21.25
CA SER A 374 32.30 -12.31 21.60
C SER A 374 32.48 -11.11 20.68
N ARG A 375 33.73 -10.66 20.54
CA ARG A 375 34.06 -9.52 19.67
C ARG A 375 34.27 -10.02 18.25
N ALA A 376 33.16 -10.42 17.61
CA ALA A 376 33.25 -10.92 16.25
C ALA A 376 32.24 -10.25 15.33
N PHE A 377 31.28 -9.54 15.92
CA PHE A 377 30.24 -8.87 15.15
C PHE A 377 30.11 -7.40 15.55
N ALA A 378 31.11 -6.87 16.24
CA ALA A 378 31.09 -5.50 16.71
C ALA A 378 31.62 -4.49 15.70
N THR A 379 32.35 -4.95 14.68
CA THR A 379 32.99 -4.03 13.74
C THR A 379 32.31 -4.00 12.38
N LEU A 380 31.45 -4.96 12.06
CA LEU A 380 30.86 -5.02 10.74
C LEU A 380 29.83 -3.90 10.55
N GLY A 381 29.54 -3.63 9.29
CA GLY A 381 28.60 -2.59 8.93
C GLY A 381 27.17 -3.01 9.15
N PRO A 382 26.26 -2.38 8.42
CA PRO A 382 24.83 -2.68 8.61
C PRO A 382 24.45 -4.00 7.98
N ILE A 383 24.68 -5.12 8.68
CA ILE A 383 24.29 -6.41 8.15
C ILE A 383 22.77 -6.50 8.21
N THR A 384 22.15 -6.94 7.13
CA THR A 384 20.70 -7.02 7.07
C THR A 384 20.26 -8.43 7.44
N ASN A 385 21.02 -9.42 6.99
CA ASN A 385 20.73 -10.81 7.31
C ASN A 385 21.99 -11.46 7.87
N LEU A 386 21.80 -12.46 8.73
CA LEU A 386 22.91 -13.21 9.31
C LEU A 386 22.34 -14.56 9.76
N ASP A 387 22.74 -15.63 9.08
CA ASP A 387 22.22 -16.97 9.36
C ASP A 387 23.35 -17.84 9.87
N VAL A 388 23.25 -18.22 11.14
CA VAL A 388 24.16 -19.18 11.74
C VAL A 388 23.33 -20.37 12.20
N SER A 389 23.23 -21.41 11.37
CA SER A 389 22.24 -22.45 11.56
C SER A 389 22.91 -23.82 11.53
N PHE A 390 22.25 -24.79 12.16
CA PHE A 390 22.64 -26.20 12.10
C PHE A 390 24.10 -26.43 12.48
N ASN A 391 24.66 -25.51 13.27
CA ASN A 391 26.05 -25.62 13.67
C ASN A 391 26.26 -26.26 15.03
N GLU A 392 25.24 -26.29 15.89
CA GLU A 392 25.33 -26.90 17.22
C GLU A 392 26.44 -26.23 18.04
N LEU A 393 26.32 -24.92 18.19
CA LEU A 393 27.20 -24.16 19.06
C LEU A 393 26.65 -24.15 20.48
N THR A 394 27.35 -23.46 21.39
CA THR A 394 26.95 -23.38 22.78
C THR A 394 26.57 -21.99 23.23
N SER A 395 27.30 -20.96 22.78
CA SER A 395 27.02 -19.59 23.16
C SER A 395 26.93 -18.74 21.90
N PHE A 396 26.20 -17.62 22.02
CA PHE A 396 25.97 -16.75 20.87
C PHE A 396 26.09 -15.29 21.29
N PRO A 397 27.23 -14.65 21.05
CA PRO A 397 27.35 -13.22 21.36
C PRO A 397 26.40 -12.38 20.53
N THR A 398 25.89 -11.32 21.14
CA THR A 398 24.94 -10.42 20.50
C THR A 398 25.48 -8.99 20.43
N GLU A 399 26.79 -8.83 20.58
CA GLU A 399 27.41 -7.51 20.60
C GLU A 399 27.55 -6.99 19.18
N GLY A 400 26.80 -5.94 18.85
CA GLY A 400 26.86 -5.31 17.55
C GLY A 400 25.88 -5.84 16.53
N LEU A 401 24.98 -6.74 16.91
CA LEU A 401 23.97 -7.29 16.02
C LEU A 401 22.68 -6.47 16.05
N ASN A 402 22.79 -5.19 16.37
CA ASN A 402 21.62 -4.34 16.62
C ASN A 402 21.06 -3.73 15.34
N GLY A 403 21.33 -4.34 14.19
CA GLY A 403 20.81 -3.79 12.96
C GLY A 403 20.23 -4.80 12.00
N LEU A 404 20.36 -6.08 12.30
CA LEU A 404 19.89 -7.10 11.38
C LEU A 404 18.38 -7.23 11.42
N ASN A 405 17.79 -7.56 10.27
CA ASN A 405 16.36 -7.76 10.16
C ASN A 405 15.94 -9.21 10.19
N GLN A 406 16.86 -10.14 9.98
CA GLN A 406 16.54 -11.57 9.98
C GLN A 406 17.74 -12.34 10.49
N LEU A 407 17.51 -13.16 11.52
CA LEU A 407 18.57 -13.99 12.08
C LEU A 407 17.94 -15.29 12.54
N LYS A 408 18.31 -16.40 11.91
CA LYS A 408 17.74 -17.70 12.23
C LYS A 408 18.83 -18.65 12.70
N LEU A 409 18.57 -19.32 13.82
CA LEU A 409 19.43 -20.38 14.34
C LEU A 409 18.50 -21.55 14.69
N VAL A 410 18.43 -22.53 13.80
CA VAL A 410 17.43 -23.59 13.96
C VAL A 410 18.09 -24.85 14.52
N GLY A 411 19.06 -25.40 13.81
CA GLY A 411 19.68 -26.63 14.24
C GLY A 411 20.76 -26.45 15.28
N ASN A 412 20.46 -25.69 16.33
CA ASN A 412 21.41 -25.39 17.39
C ASN A 412 20.87 -25.87 18.73
N PHE A 413 20.42 -27.13 18.75
CA PHE A 413 19.80 -27.69 19.95
C PHE A 413 20.72 -27.67 21.15
N LYS A 414 22.03 -27.61 20.94
CA LYS A 414 22.95 -27.50 22.06
C LYS A 414 22.89 -26.11 22.69
N LEU A 415 22.54 -25.09 21.91
CA LEU A 415 22.42 -23.74 22.43
C LEU A 415 21.10 -23.60 23.18
N LYS A 416 21.18 -23.37 24.49
CA LYS A 416 20.00 -23.24 25.33
C LYS A 416 19.85 -21.87 25.96
N GLU A 417 20.86 -21.01 25.84
CA GLU A 417 20.83 -19.68 26.44
C GLU A 417 19.72 -18.84 25.82
N ALA A 418 19.09 -18.00 26.64
CA ALA A 418 18.06 -17.11 26.16
C ALA A 418 18.67 -15.80 25.66
N LEU A 419 18.38 -15.45 24.42
CA LEU A 419 18.95 -14.25 23.82
C LEU A 419 18.32 -13.00 24.43
N ALA A 420 19.15 -11.97 24.62
CA ALA A 420 18.66 -10.70 25.13
C ALA A 420 17.97 -9.92 24.02
N ALA A 421 16.80 -9.35 24.36
CA ALA A 421 16.04 -8.55 23.42
C ALA A 421 16.42 -7.08 23.44
N LYS A 422 17.28 -6.68 24.37
CA LYS A 422 17.72 -5.27 24.42
C LYS A 422 18.66 -4.95 23.27
N ASP A 423 19.52 -5.90 22.89
CA ASP A 423 20.46 -5.65 21.80
C ASP A 423 19.74 -5.54 20.45
N PHE A 424 18.86 -6.48 20.15
CA PHE A 424 18.15 -6.49 18.88
C PHE A 424 16.99 -5.52 18.94
N VAL A 425 17.01 -4.50 18.08
CA VAL A 425 16.01 -3.43 18.10
C VAL A 425 15.10 -3.48 16.89
N ASN A 426 15.67 -3.55 15.69
CA ASN A 426 14.89 -3.52 14.45
C ASN A 426 14.75 -4.90 13.82
N LEU A 427 15.04 -5.94 14.60
CA LEU A 427 14.92 -7.32 14.15
C LEU A 427 13.47 -7.62 13.82
N ARG A 428 13.24 -8.38 12.77
CA ARG A 428 11.88 -8.70 12.38
C ARG A 428 11.62 -10.20 12.26
N SER A 429 12.59 -10.97 11.80
CA SER A 429 12.44 -12.42 11.65
C SER A 429 13.49 -13.12 12.49
N LEU A 430 13.05 -14.04 13.35
CA LEU A 430 13.95 -14.72 14.26
C LEU A 430 13.51 -16.18 14.35
N SER A 431 14.43 -17.10 14.10
CA SER A 431 14.18 -18.53 14.21
C SER A 431 15.21 -19.11 15.18
N VAL A 432 14.76 -19.36 16.40
CA VAL A 432 15.61 -19.87 17.47
C VAL A 432 15.40 -21.38 17.59
N PRO A 433 16.34 -22.13 18.17
CA PRO A 433 16.17 -23.60 18.24
C PRO A 433 14.96 -24.02 19.04
N TYR A 434 14.86 -23.53 20.28
CA TYR A 434 13.70 -23.80 21.11
C TYR A 434 12.69 -22.66 21.01
N ALA A 435 11.42 -23.01 21.16
CA ALA A 435 10.35 -22.01 21.11
C ALA A 435 10.25 -21.21 22.40
N TYR A 436 11.24 -21.31 23.29
CA TYR A 436 11.25 -20.57 24.54
C TYR A 436 12.10 -19.30 24.48
N GLN A 437 12.86 -19.09 23.42
CA GLN A 437 13.53 -17.80 23.23
C GLN A 437 12.66 -16.81 22.48
N CYS A 438 11.90 -17.28 21.49
CA CYS A 438 11.03 -16.39 20.74
C CYS A 438 9.93 -15.80 21.61
N CYS A 439 9.31 -16.61 22.48
CA CYS A 439 8.28 -16.10 23.36
C CYS A 439 8.84 -15.09 24.35
N ALA A 440 9.99 -15.41 24.96
CA ALA A 440 10.63 -14.46 25.87
C ALA A 440 11.11 -13.21 25.14
N PHE A 441 11.29 -13.29 23.83
CA PHE A 441 11.68 -12.11 23.05
C PHE A 441 10.58 -11.07 23.01
N TRP A 442 9.34 -11.44 23.36
CA TRP A 442 8.21 -10.53 23.44
C TRP A 442 7.99 -9.84 22.09
N GLY A 443 7.69 -10.62 21.07
CA GLY A 443 7.46 -10.06 19.75
C GLY A 443 6.01 -9.71 19.50
N CYS A 444 5.68 -9.39 18.25
CA CYS A 444 4.32 -9.03 17.85
C CYS A 444 3.78 -7.85 18.67
N ILE A 486 6.90 -2.94 18.27
CA ILE A 486 7.52 -3.59 17.13
C ILE A 486 7.00 -5.01 17.00
N ILE A 487 6.69 -5.42 15.77
CA ILE A 487 6.15 -6.75 15.51
C ILE A 487 7.24 -7.64 14.94
N ILE A 488 7.43 -8.81 15.55
CA ILE A 488 8.48 -9.74 15.18
C ILE A 488 7.83 -11.08 14.86
N HIS A 489 8.18 -11.65 13.70
CA HIS A 489 7.65 -12.94 13.29
C HIS A 489 8.69 -14.02 13.57
N CYS A 490 8.32 -15.03 14.35
CA CYS A 490 9.22 -16.10 14.75
C CYS A 490 8.74 -17.42 14.16
N THR A 491 9.63 -18.12 13.45
CA THR A 491 9.26 -19.39 12.84
C THR A 491 8.91 -20.45 13.88
N PRO A 492 9.73 -20.71 14.91
CA PRO A 492 9.33 -21.72 15.90
C PRO A 492 8.25 -21.18 16.82
N SER A 493 7.01 -21.13 16.32
CA SER A 493 5.92 -20.52 17.06
C SER A 493 5.69 -21.25 18.37
N THR A 494 5.49 -20.47 19.44
CA THR A 494 5.30 -21.06 20.76
C THR A 494 3.90 -21.65 20.95
N GLY A 495 2.96 -21.32 20.07
CA GLY A 495 1.61 -21.84 20.17
C GLY A 495 0.91 -21.46 21.45
N ALA A 496 0.29 -22.44 22.10
CA ALA A 496 -0.45 -22.19 23.34
C ALA A 496 0.05 -23.09 24.46
N PHE A 497 0.54 -24.28 24.11
CA PHE A 497 1.05 -25.19 25.11
C PHE A 497 2.30 -24.63 25.79
N LYS A 498 3.13 -23.89 25.05
CA LYS A 498 4.37 -23.36 25.58
C LYS A 498 4.19 -21.88 25.92
N PRO A 499 3.98 -21.53 27.17
CA PRO A 499 3.79 -20.12 27.53
C PRO A 499 5.10 -19.44 27.88
N CYS A 500 5.04 -18.15 28.18
CA CYS A 500 6.21 -17.41 28.64
C CYS A 500 5.93 -16.71 29.95
N GLU A 501 4.72 -16.18 30.11
CA GLU A 501 4.37 -15.46 31.32
C GLU A 501 3.95 -16.39 32.44
N TYR A 502 2.84 -17.10 32.25
CA TYR A 502 2.29 -17.94 33.30
C TYR A 502 1.97 -19.32 32.76
N LEU A 503 2.40 -20.34 33.52
CA LEU A 503 2.17 -21.72 33.11
C LEU A 503 0.67 -22.03 33.02
N LEU A 504 -0.10 -21.57 33.99
CA LEU A 504 -1.54 -21.80 33.97
C LEU A 504 -2.28 -20.80 33.08
N GLY A 505 -1.59 -19.78 32.58
CA GLY A 505 -2.20 -18.85 31.65
C GLY A 505 -2.83 -17.64 32.33
N SER A 506 -4.16 -17.61 32.33
CA SER A 506 -4.89 -16.48 32.91
C SER A 506 -4.96 -16.65 34.42
N TRP A 507 -5.31 -15.56 35.12
CA TRP A 507 -5.44 -15.62 36.57
C TRP A 507 -6.69 -16.32 37.03
N MET A 508 -7.70 -16.45 36.18
CA MET A 508 -8.92 -17.17 36.55
C MET A 508 -8.66 -18.66 36.74
N ILE A 509 -8.01 -19.32 35.78
CA ILE A 509 -7.81 -20.75 35.89
C ILE A 509 -6.81 -21.09 37.00
N ARG A 510 -5.85 -20.21 37.25
CA ARG A 510 -4.91 -20.44 38.35
C ARG A 510 -5.63 -20.50 39.69
N LEU A 511 -6.62 -19.63 39.90
CA LEU A 511 -7.43 -19.69 41.11
C LEU A 511 -8.21 -20.98 41.21
N THR A 512 -8.46 -21.65 40.09
CA THR A 512 -9.22 -22.90 40.12
C THR A 512 -8.33 -24.07 40.53
N VAL A 513 -7.22 -24.27 39.83
CA VAL A 513 -6.29 -25.34 40.19
C VAL A 513 -5.67 -25.14 41.56
N TRP A 514 -5.60 -23.89 42.04
CA TRP A 514 -5.14 -23.65 43.40
C TRP A 514 -6.06 -24.30 44.43
N PHE A 515 -7.35 -24.39 44.13
CA PHE A 515 -8.30 -25.09 44.98
C PHE A 515 -8.19 -26.60 44.86
N ILE A 516 -7.78 -27.12 43.71
CA ILE A 516 -7.81 -28.56 43.48
C ILE A 516 -6.74 -29.25 44.33
N PHE A 517 -5.48 -28.89 44.13
CA PHE A 517 -4.40 -29.47 44.91
C PHE A 517 -4.51 -29.15 46.40
N LEU A 518 -5.16 -28.05 46.75
CA LEU A 518 -5.32 -27.71 48.16
C LEU A 518 -6.21 -28.71 48.88
N VAL A 519 -7.18 -29.28 48.17
CA VAL A 519 -8.15 -30.19 48.79
C VAL A 519 -7.90 -31.64 48.43
N ALA A 520 -7.17 -31.91 47.35
CA ALA A 520 -6.95 -33.31 46.95
C ALA A 520 -6.05 -34.05 47.92
N LEU A 521 -5.37 -33.36 48.82
CA LEU A 521 -4.47 -33.99 49.78
C LEU A 521 -4.86 -33.78 51.22
N PHE A 522 -5.51 -32.66 51.56
CA PHE A 522 -5.89 -32.41 52.96
C PHE A 522 -6.88 -33.45 53.46
N PHE A 523 -7.85 -33.81 52.62
CA PHE A 523 -8.80 -34.87 52.97
C PHE A 523 -8.26 -36.25 52.71
N ASN A 524 -7.31 -36.40 51.79
CA ASN A 524 -6.84 -37.72 51.40
C ASN A 524 -6.08 -38.40 52.53
N LEU A 525 -5.32 -37.64 53.32
CA LEU A 525 -4.63 -38.22 54.46
C LEU A 525 -5.61 -38.73 55.52
N LEU A 526 -6.78 -38.11 55.65
CA LEU A 526 -7.79 -38.58 56.59
C LEU A 526 -8.31 -39.96 56.22
N VAL A 527 -8.51 -40.22 54.92
CA VAL A 527 -9.05 -41.50 54.49
C VAL A 527 -8.12 -42.66 54.83
N ILE A 528 -6.81 -42.50 54.58
CA ILE A 528 -5.89 -43.62 54.72
C ILE A 528 -5.82 -44.10 56.16
N LEU A 529 -5.74 -43.18 57.12
CA LEU A 529 -5.62 -43.58 58.52
C LEU A 529 -6.88 -44.28 59.03
N THR A 530 -8.04 -43.97 58.45
CA THR A 530 -9.27 -44.63 58.88
C THR A 530 -9.34 -46.06 58.36
N THR A 531 -8.71 -46.34 57.22
CA THR A 531 -8.75 -47.69 56.67
C THR A 531 -7.76 -48.62 57.39
N PHE A 532 -6.48 -48.25 57.42
CA PHE A 532 -5.47 -49.07 58.06
C PHE A 532 -5.67 -49.12 59.57
N LEU A 538 -9.34 -57.72 57.51
CA LEU A 538 -9.98 -56.50 57.02
C LEU A 538 -10.83 -56.79 55.79
N PRO A 539 -11.96 -56.09 55.66
CA PRO A 539 -12.87 -56.35 54.55
C PRO A 539 -12.21 -56.09 53.20
N SER A 540 -12.60 -56.90 52.21
CA SER A 540 -12.10 -56.72 50.86
C SER A 540 -12.55 -55.40 50.26
N SER A 541 -13.75 -54.95 50.61
CA SER A 541 -14.26 -53.67 50.13
C SER A 541 -13.63 -52.48 50.83
N LYS A 542 -13.10 -52.66 52.04
CA LYS A 542 -12.46 -51.59 52.79
C LYS A 542 -11.04 -51.30 52.30
N LEU A 543 -10.29 -52.33 51.93
CA LEU A 543 -8.89 -52.14 51.57
C LEU A 543 -8.72 -51.55 50.17
N PHE A 544 -9.73 -51.65 49.31
CA PHE A 544 -9.62 -51.08 47.97
C PHE A 544 -9.58 -49.57 48.00
N ILE A 545 -10.31 -48.96 48.94
CA ILE A 545 -10.42 -47.51 48.98
C ILE A 545 -9.09 -46.89 49.42
N GLY A 546 -8.35 -47.56 50.29
CA GLY A 546 -7.08 -47.01 50.75
C GLY A 546 -6.06 -46.88 49.64
N LEU A 547 -5.97 -47.89 48.77
CA LEU A 547 -5.07 -47.81 47.63
C LEU A 547 -5.50 -46.75 46.62
N ILE A 548 -6.79 -46.59 46.39
CA ILE A 548 -7.26 -45.53 45.50
C ILE A 548 -6.95 -44.16 46.09
N SER A 549 -7.01 -44.05 47.41
CA SER A 549 -6.59 -42.81 48.07
C SER A 549 -5.12 -42.50 47.78
N VAL A 550 -4.28 -43.53 47.62
CA VAL A 550 -2.88 -43.29 47.28
C VAL A 550 -2.76 -42.68 45.89
N SER A 551 -3.54 -43.18 44.93
CA SER A 551 -3.53 -42.58 43.60
C SER A 551 -4.09 -41.16 43.63
N ASN A 552 -5.10 -40.92 44.46
CA ASN A 552 -5.60 -39.56 44.62
C ASN A 552 -4.54 -38.64 45.18
N LEU A 553 -3.73 -39.11 46.12
CA LEU A 553 -2.62 -38.31 46.64
C LEU A 553 -1.55 -38.11 45.58
N PHE A 554 -1.29 -39.11 44.75
CA PHE A 554 -0.34 -38.96 43.66
C PHE A 554 -0.77 -37.90 42.67
N MET A 555 -2.05 -37.87 42.28
CA MET A 555 -2.54 -36.85 41.38
C MET A 555 -2.41 -35.47 42.01
N GLY A 556 -2.72 -35.36 43.30
CA GLY A 556 -2.54 -34.10 43.99
C GLY A 556 -1.11 -33.64 44.07
N ILE A 557 -0.17 -34.56 44.29
CA ILE A 557 1.25 -34.22 44.28
C ILE A 557 1.67 -33.74 42.90
N TYR A 558 1.19 -34.41 41.85
CA TYR A 558 1.46 -33.95 40.50
C TYR A 558 0.96 -32.53 40.28
N THR A 559 -0.29 -32.25 40.69
CA THR A 559 -0.83 -30.91 40.49
C THR A 559 -0.09 -29.87 41.32
N GLY A 560 0.32 -30.25 42.53
CA GLY A 560 1.13 -29.36 43.35
C GLY A 560 2.48 -29.06 42.75
N ILE A 561 3.07 -30.01 42.02
CA ILE A 561 4.31 -29.73 41.29
C ILE A 561 4.10 -28.58 40.31
N LEU A 562 3.04 -28.65 39.50
CA LEU A 562 2.74 -27.60 38.55
C LEU A 562 2.41 -26.29 39.23
N THR A 563 1.66 -26.34 40.34
CA THR A 563 1.33 -25.13 41.09
C THR A 563 2.57 -24.45 41.65
N PHE A 564 3.51 -25.23 42.19
CA PHE A 564 4.77 -24.67 42.66
C PHE A 564 5.56 -24.07 41.52
N LEU A 565 5.69 -24.80 40.40
CA LEU A 565 6.41 -24.27 39.25
C LEU A 565 5.72 -23.05 38.64
N ASP A 566 4.44 -22.86 38.91
CA ASP A 566 3.73 -21.67 38.43
C ASP A 566 3.87 -20.49 39.36
N ALA A 567 3.74 -20.69 40.67
CA ALA A 567 3.82 -19.61 41.63
C ALA A 567 5.20 -18.95 41.67
N VAL A 568 6.25 -19.71 41.38
CA VAL A 568 7.61 -19.16 41.39
C VAL A 568 7.84 -18.20 40.23
N SER A 569 7.36 -18.55 39.04
CA SER A 569 7.59 -17.75 37.83
C SER A 569 6.42 -16.77 37.67
N TRP A 570 6.53 -15.61 38.32
CA TRP A 570 5.56 -14.53 38.13
C TRP A 570 5.91 -13.82 36.82
N GLY A 571 5.40 -14.37 35.72
CA GLY A 571 5.63 -13.81 34.41
C GLY A 571 6.92 -14.22 33.75
N ARG A 572 7.74 -15.04 34.41
CA ARG A 572 9.05 -15.43 33.89
C ARG A 572 9.13 -16.94 33.72
N PHE A 573 8.07 -17.56 33.20
CA PHE A 573 8.08 -19.01 33.03
C PHE A 573 9.09 -19.45 31.98
N ALA A 574 9.25 -18.67 30.90
CA ALA A 574 10.12 -19.08 29.81
C ALA A 574 11.56 -19.25 30.25
N GLU A 575 12.00 -18.54 31.29
CA GLU A 575 13.35 -18.72 31.79
C GLU A 575 13.57 -20.12 32.33
N PHE A 576 12.59 -20.68 33.05
CA PHE A 576 12.68 -22.01 33.60
C PHE A 576 12.14 -23.08 32.66
N GLY A 577 11.53 -22.68 31.55
CA GLY A 577 10.92 -23.63 30.63
C GLY A 577 11.89 -24.60 30.01
N ILE A 578 13.02 -24.09 29.52
CA ILE A 578 14.05 -24.96 28.95
C ILE A 578 14.71 -25.84 30.01
N TRP A 579 14.89 -25.33 31.22
CA TRP A 579 15.45 -26.10 32.32
C TRP A 579 14.53 -27.22 32.79
N TRP A 580 13.21 -27.02 32.65
CA TRP A 580 12.26 -28.04 33.09
C TRP A 580 12.22 -29.22 32.13
N GLU A 581 12.16 -28.96 30.83
CA GLU A 581 12.05 -30.05 29.86
C GLU A 581 13.39 -30.75 29.64
N THR A 582 14.48 -29.99 29.62
CA THR A 582 15.79 -30.55 29.31
C THR A 582 16.54 -31.04 30.54
N GLY A 583 15.94 -30.94 31.73
CA GLY A 583 16.57 -31.47 32.92
C GLY A 583 16.20 -32.91 33.17
N SER A 584 15.62 -33.19 34.33
CA SER A 584 15.16 -34.54 34.65
C SER A 584 13.73 -34.59 35.14
N GLY A 585 13.15 -33.50 35.63
CA GLY A 585 11.81 -33.53 36.17
C GLY A 585 10.71 -33.68 35.14
N CYS A 586 10.99 -33.37 33.88
CA CYS A 586 9.97 -33.54 32.85
C CYS A 586 9.66 -35.01 32.58
N LYS A 587 10.60 -35.91 32.87
CA LYS A 587 10.34 -37.34 32.78
C LYS A 587 9.83 -37.94 34.07
N VAL A 588 10.07 -37.29 35.20
CA VAL A 588 9.58 -37.78 36.49
C VAL A 588 8.11 -37.40 36.69
N ALA A 589 7.78 -36.13 36.47
CA ALA A 589 6.41 -35.68 36.66
C ALA A 589 5.46 -36.37 35.69
N GLY A 590 5.87 -36.54 34.43
CA GLY A 590 5.04 -37.27 33.48
C GLY A 590 4.79 -38.71 33.89
N PHE A 591 5.83 -39.39 34.36
CA PHE A 591 5.66 -40.75 34.84
C PHE A 591 4.73 -40.80 36.06
N LEU A 592 4.86 -39.83 36.97
CA LEU A 592 3.97 -39.78 38.11
C LEU A 592 2.52 -39.58 37.67
N ALA A 593 2.30 -38.69 36.71
CA ALA A 593 0.95 -38.46 36.21
C ALA A 593 0.37 -39.69 35.55
N VAL A 594 1.18 -40.40 34.74
CA VAL A 594 0.70 -41.61 34.10
C VAL A 594 0.37 -42.68 35.14
N PHE A 595 1.23 -42.82 36.14
CA PHE A 595 0.99 -43.82 37.19
C PHE A 595 -0.27 -43.49 37.98
N SER A 596 -0.50 -42.23 38.30
CA SER A 596 -1.71 -41.83 39.00
C SER A 596 -2.96 -41.99 38.14
N SER A 597 -2.85 -41.73 36.84
CA SER A 597 -4.01 -41.84 35.96
C SER A 597 -4.42 -43.30 35.78
N GLU A 598 -3.46 -44.18 35.48
CA GLU A 598 -3.81 -45.57 35.22
C GLU A 598 -4.23 -46.32 36.47
N SER A 599 -3.76 -45.88 37.64
CA SER A 599 -4.24 -46.44 38.90
C SER A 599 -5.71 -46.11 39.16
N ALA A 600 -6.18 -44.97 38.64
CA ALA A 600 -7.58 -44.59 38.78
C ALA A 600 -8.53 -45.48 37.99
N ILE A 601 -7.99 -46.33 37.10
CA ILE A 601 -8.79 -47.28 36.33
C ILE A 601 -8.52 -48.71 36.78
N PHE A 602 -7.24 -49.06 36.96
CA PHE A 602 -6.90 -50.44 37.33
C PHE A 602 -7.44 -50.78 38.71
N LEU A 603 -7.32 -49.88 39.68
CA LEU A 603 -7.84 -50.15 41.01
C LEU A 603 -9.36 -50.22 41.00
N LEU A 604 -10.02 -49.36 40.23
CA LEU A 604 -11.48 -49.37 40.17
C LEU A 604 -12.04 -50.56 39.41
N MET A 605 -11.26 -51.19 38.54
CA MET A 605 -11.77 -52.32 37.78
C MET A 605 -12.17 -53.48 38.69
N LEU A 606 -11.36 -53.78 39.70
CA LEU A 606 -11.63 -54.90 40.59
C LEU A 606 -12.78 -54.64 41.55
N ALA A 607 -13.15 -53.38 41.77
CA ALA A 607 -14.24 -53.07 42.71
C ALA A 607 -15.57 -53.64 42.22
N THR A 608 -15.83 -53.56 40.92
CA THR A 608 -17.08 -54.12 40.38
C THR A 608 -17.12 -55.64 40.52
N VAL A 609 -16.00 -56.32 40.28
CA VAL A 609 -15.97 -57.77 40.47
C VAL A 609 -16.16 -58.11 41.93
N GLU A 610 -15.56 -57.32 42.83
CA GLU A 610 -15.76 -57.54 44.26
C GLU A 610 -17.22 -57.39 44.64
N ARG A 611 -17.89 -56.35 44.13
CA ARG A 611 -19.31 -56.17 44.40
C ARG A 611 -20.15 -57.31 43.82
N SER A 612 -19.83 -57.78 42.60
CA SER A 612 -20.56 -58.88 42.02
C SER A 612 -20.42 -60.16 42.84
N LEU A 613 -19.19 -60.44 43.30
CA LEU A 613 -18.97 -61.61 44.15
C LEU A 613 -19.61 -61.45 45.52
N SER A 614 -19.74 -60.22 46.02
CA SER A 614 -20.36 -60.00 47.33
C SER A 614 -21.84 -60.35 47.33
N ALA A 615 -22.54 -60.16 46.20
CA ALA A 615 -23.96 -60.45 46.13
C ALA A 615 -24.26 -61.93 45.90
N LYS A 616 -23.30 -62.67 45.35
CA LYS A 616 -23.53 -64.09 45.08
C LYS A 616 -23.68 -64.90 46.36
N ASP A 617 -22.95 -64.54 47.41
CA ASP A 617 -23.05 -65.25 48.68
C ASP A 617 -22.52 -64.39 49.82
N ASN A 625 -11.31 -68.78 50.99
CA ASN A 625 -10.04 -68.06 50.91
C ASN A 625 -10.02 -67.15 49.70
N HIS A 626 -10.67 -65.98 49.82
CA HIS A 626 -10.71 -64.99 48.76
C HIS A 626 -10.28 -63.61 49.18
N LEU A 627 -10.41 -63.26 50.46
CA LEU A 627 -9.99 -61.94 50.94
C LEU A 627 -8.48 -61.75 50.86
N LYS A 628 -7.72 -62.84 50.84
CA LYS A 628 -6.26 -62.77 50.73
C LYS A 628 -5.77 -63.02 49.30
N GLN A 629 -6.63 -63.52 48.41
CA GLN A 629 -6.27 -63.70 47.02
C GLN A 629 -6.63 -62.48 46.16
N PHE A 630 -7.58 -61.67 46.59
CA PHE A 630 -7.90 -60.45 45.85
C PHE A 630 -6.78 -59.43 45.95
N ARG A 631 -6.14 -59.33 47.13
CA ARG A 631 -5.00 -58.43 47.26
C ARG A 631 -3.81 -58.88 46.41
N VAL A 632 -3.75 -60.16 46.05
CA VAL A 632 -2.72 -60.62 45.14
C VAL A 632 -2.87 -59.94 43.78
N ALA A 633 -4.09 -59.89 43.25
CA ALA A 633 -4.35 -59.18 42.01
C ALA A 633 -4.30 -57.66 42.20
N ALA A 634 -4.61 -57.17 43.39
CA ALA A 634 -4.58 -55.74 43.64
C ALA A 634 -3.17 -55.17 43.46
N LEU A 635 -2.16 -55.81 44.05
CA LEU A 635 -0.79 -55.34 43.90
C LEU A 635 -0.32 -55.45 42.44
N LEU A 636 -0.71 -56.53 41.76
CA LEU A 636 -0.34 -56.68 40.34
C LEU A 636 -0.94 -55.56 39.50
N ALA A 637 -2.21 -55.23 39.70
CA ALA A 637 -2.83 -54.13 38.97
C ALA A 637 -2.21 -52.80 39.34
N PHE A 638 -1.86 -52.60 40.62
CA PHE A 638 -1.23 -51.36 41.04
C PHE A 638 0.13 -51.17 40.36
N LEU A 639 0.92 -52.24 40.28
CA LEU A 639 2.27 -52.16 39.73
C LEU A 639 2.31 -52.30 38.21
N GLY A 640 1.21 -52.72 37.57
CA GLY A 640 1.23 -52.90 36.13
C GLY A 640 1.40 -51.59 35.35
N ALA A 641 1.03 -50.47 35.97
CA ALA A 641 1.13 -49.19 35.29
C ALA A 641 2.54 -48.63 35.23
N THR A 642 3.46 -49.16 36.04
CA THR A 642 4.83 -48.66 36.03
C THR A 642 5.51 -48.90 34.69
N VAL A 643 5.37 -50.11 34.13
CA VAL A 643 5.99 -50.41 32.85
C VAL A 643 5.31 -49.61 31.74
N ALA A 644 3.99 -49.43 31.82
CA ALA A 644 3.29 -48.62 30.84
C ALA A 644 3.78 -47.18 30.85
N GLY A 645 3.99 -46.61 32.04
CA GLY A 645 4.52 -45.27 32.12
C GLY A 645 5.98 -45.13 31.73
N CYS A 646 6.78 -46.16 31.98
CA CYS A 646 8.20 -46.12 31.65
C CYS A 646 8.48 -46.42 30.19
N PHE A 647 7.56 -47.08 29.47
CA PHE A 647 7.77 -47.37 28.06
C PHE A 647 8.05 -46.11 27.24
N PRO A 648 7.33 -44.99 27.42
CA PRO A 648 7.71 -43.77 26.70
C PRO A 648 9.13 -43.30 27.00
N LEU A 649 9.65 -43.55 28.20
CA LEU A 649 10.98 -43.10 28.54
C LEU A 649 12.05 -43.75 27.68
N PHE A 650 11.83 -44.99 27.22
CA PHE A 650 12.79 -45.65 26.35
C PHE A 650 12.87 -45.00 24.98
N HIS A 651 11.80 -44.37 24.52
CA HIS A 651 11.85 -43.62 23.27
C HIS A 651 12.75 -42.41 23.42
N ARG A 652 13.54 -42.12 22.40
CA ARG A 652 14.56 -41.07 22.46
C ARG A 652 13.90 -39.71 22.20
N GLY A 653 13.25 -39.18 23.23
CA GLY A 653 12.67 -37.85 23.18
C GLY A 653 11.17 -37.87 22.93
N GLU A 654 10.39 -37.81 24.00
CA GLU A 654 8.94 -37.81 23.88
C GLU A 654 8.32 -36.65 24.65
N TYR A 655 8.92 -36.32 25.80
CA TYR A 655 8.37 -35.32 26.70
C TYR A 655 8.95 -33.93 26.48
N SER A 656 9.84 -33.76 25.51
CA SER A 656 10.36 -32.43 25.18
C SER A 656 9.43 -31.72 24.20
N ALA A 657 8.13 -31.75 24.48
CA ALA A 657 7.17 -31.09 23.61
C ALA A 657 6.07 -30.37 24.37
N SER A 658 6.10 -30.32 25.70
CA SER A 658 5.05 -29.67 26.47
C SER A 658 5.57 -29.43 27.88
N PRO A 659 5.33 -28.24 28.46
CA PRO A 659 5.69 -28.04 29.86
C PRO A 659 4.93 -28.94 30.81
N LEU A 660 3.71 -29.35 30.45
CA LEU A 660 2.97 -30.30 31.26
C LEU A 660 3.67 -31.65 31.33
N CYS A 661 4.57 -31.92 30.39
CA CYS A 661 5.35 -33.17 30.36
C CYS A 661 4.43 -34.38 30.35
N LEU A 662 3.36 -34.30 29.57
CA LEU A 662 2.41 -35.38 29.43
C LEU A 662 2.40 -35.85 27.98
N PRO A 663 2.28 -37.16 27.75
CA PRO A 663 2.44 -37.73 26.41
C PRO A 663 1.18 -37.70 25.55
N PHE A 664 0.51 -36.55 25.51
CA PHE A 664 -0.67 -36.41 24.66
C PHE A 664 -1.08 -34.95 24.41
N PRO A 665 -0.81 -33.99 25.30
CA PRO A 665 -1.05 -32.58 24.94
C PRO A 665 -0.27 -32.12 23.72
N THR A 666 0.90 -32.70 23.47
CA THR A 666 1.68 -32.34 22.29
C THR A 666 0.97 -32.68 20.99
N GLY A 667 -0.03 -33.56 21.04
CA GLY A 667 -0.81 -33.93 19.87
C GLY A 667 -0.73 -35.43 19.62
N GLU A 668 -0.56 -35.79 18.35
CA GLU A 668 -0.51 -37.19 17.94
C GLU A 668 0.78 -37.58 17.23
N THR A 669 1.54 -36.63 16.72
CA THR A 669 2.80 -36.93 16.04
C THR A 669 3.80 -37.62 16.97
N PRO A 670 4.04 -37.10 18.20
CA PRO A 670 4.95 -37.81 19.11
C PRO A 670 4.31 -39.04 19.71
N SER A 671 4.94 -40.20 19.52
CA SER A 671 4.49 -41.48 20.06
C SER A 671 3.04 -41.76 19.65
N LEU A 672 2.85 -41.83 18.34
CA LEU A 672 1.52 -42.10 17.78
C LEU A 672 0.98 -43.47 18.17
N GLY A 673 1.86 -44.46 18.34
CA GLY A 673 1.43 -45.79 18.74
C GLY A 673 1.17 -45.96 20.21
N PHE A 674 1.46 -44.95 21.02
CA PHE A 674 1.24 -45.01 22.46
C PHE A 674 -0.02 -44.27 22.90
N THR A 675 -0.27 -43.09 22.33
CA THR A 675 -1.44 -42.32 22.70
C THR A 675 -2.73 -43.08 22.38
N VAL A 676 -2.81 -43.68 21.20
CA VAL A 676 -4.01 -44.42 20.82
C VAL A 676 -4.23 -45.61 21.75
N THR A 677 -3.16 -46.35 22.05
CA THR A 677 -3.28 -47.51 22.92
C THR A 677 -3.68 -47.13 24.34
N LEU A 678 -3.15 -46.01 24.86
CA LEU A 678 -3.54 -45.60 26.21
C LEU A 678 -5.02 -45.28 26.28
N VAL A 679 -5.54 -44.56 25.30
CA VAL A 679 -6.97 -44.25 25.28
C VAL A 679 -7.80 -45.51 25.09
N LEU A 680 -7.35 -46.42 24.24
CA LEU A 680 -8.09 -47.67 24.03
C LEU A 680 -8.14 -48.50 25.30
N LEU A 681 -7.04 -48.54 26.07
CA LEU A 681 -7.03 -49.28 27.32
C LEU A 681 -8.05 -48.73 28.31
N ASN A 682 -8.14 -47.41 28.42
CA ASN A 682 -9.15 -46.79 29.27
C ASN A 682 -10.56 -47.04 28.75
N SER A 683 -10.78 -46.99 27.44
CA SER A 683 -12.12 -47.17 26.89
C SER A 683 -12.62 -48.60 27.07
N LEU A 684 -11.73 -49.60 26.93
CA LEU A 684 -12.17 -50.98 27.02
C LEU A 684 -12.53 -51.40 28.44
N ALA A 685 -11.91 -50.78 29.44
CA ALA A 685 -12.14 -51.21 30.82
C ALA A 685 -13.50 -50.77 31.36
N PHE A 686 -14.07 -49.70 30.81
CA PHE A 686 -15.29 -49.14 31.37
C PHE A 686 -16.50 -50.04 31.15
N LEU A 687 -16.56 -50.78 30.04
CA LEU A 687 -17.71 -51.62 29.75
C LEU A 687 -17.86 -52.75 30.77
N LEU A 688 -16.75 -53.36 31.18
CA LEU A 688 -16.83 -54.44 32.18
C LEU A 688 -17.37 -53.94 33.50
N MET A 689 -16.97 -52.74 33.92
CA MET A 689 -17.51 -52.13 35.13
C MET A 689 -18.97 -51.72 34.97
N ALA A 690 -19.36 -51.24 33.80
CA ALA A 690 -20.73 -50.80 33.59
C ALA A 690 -21.72 -51.96 33.56
N VAL A 691 -21.36 -53.06 32.88
CA VAL A 691 -22.29 -54.18 32.77
C VAL A 691 -22.53 -54.86 34.11
N ILE A 692 -21.52 -54.91 34.98
CA ILE A 692 -21.70 -55.52 36.30
C ILE A 692 -22.64 -54.68 37.15
N TYR A 693 -22.43 -53.36 37.18
CA TYR A 693 -23.31 -52.48 37.92
C TYR A 693 -24.72 -52.47 37.35
N THR A 694 -24.88 -52.63 36.03
CA THR A 694 -26.21 -52.71 35.44
C THR A 694 -26.96 -53.93 35.94
N LYS A 695 -26.29 -55.08 36.00
CA LYS A 695 -26.92 -56.29 36.49
C LYS A 695 -27.08 -56.30 38.00
N LEU A 696 -26.30 -55.49 38.73
CA LEU A 696 -26.42 -55.45 40.18
C LEU A 696 -27.79 -54.96 40.62
N TYR A 697 -28.33 -53.94 39.96
CA TYR A 697 -29.65 -53.43 40.33
C TYR A 697 -30.76 -54.42 39.99
N CYS A 698 -30.71 -55.03 38.81
CA CYS A 698 -31.71 -56.03 38.43
C CYS A 698 -31.63 -57.28 39.31
N ASN A 699 -30.45 -57.62 39.82
CA ASN A 699 -30.32 -58.75 40.72
C ASN A 699 -31.06 -58.52 42.03
N LEU A 700 -30.98 -57.31 42.58
CA LEU A 700 -31.63 -57.01 43.84
C LEU A 700 -33.14 -56.92 43.67
N GLU A 701 -33.86 -57.11 44.76
CA GLU A 701 -35.31 -57.02 44.77
C GLU A 701 -35.77 -55.64 45.23
N GLU A 707 -28.48 -58.31 52.60
CA GLU A 707 -27.36 -57.50 53.08
C GLU A 707 -27.69 -56.02 53.03
N ASN A 708 -28.68 -55.60 53.82
CA ASN A 708 -29.08 -54.19 53.84
C ASN A 708 -27.96 -53.30 54.36
N SER A 709 -27.11 -53.81 55.25
CA SER A 709 -25.96 -53.05 55.71
C SER A 709 -24.92 -52.86 54.62
N GLN A 710 -24.86 -53.77 53.66
CA GLN A 710 -23.93 -53.69 52.54
C GLN A 710 -24.46 -52.85 51.39
N SER A 711 -25.68 -52.32 51.51
CA SER A 711 -26.26 -51.52 50.45
C SER A 711 -25.50 -50.22 50.20
N SER A 712 -24.84 -49.68 51.23
CA SER A 712 -24.14 -48.41 51.07
C SER A 712 -22.99 -48.51 50.07
N MET A 713 -22.25 -49.63 50.09
CA MET A 713 -21.11 -49.79 49.21
C MET A 713 -21.49 -49.96 47.75
N ILE A 714 -22.67 -50.50 47.45
CA ILE A 714 -23.03 -50.78 46.07
C ILE A 714 -23.13 -49.48 45.28
N LYS A 715 -23.80 -48.47 45.84
CA LYS A 715 -23.92 -47.19 45.17
C LYS A 715 -22.60 -46.43 45.13
N HIS A 716 -21.75 -46.61 46.14
CA HIS A 716 -20.48 -45.90 46.16
C HIS A 716 -19.60 -46.31 44.99
N VAL A 717 -19.52 -47.60 44.70
CA VAL A 717 -18.72 -48.07 43.57
C VAL A 717 -19.34 -47.59 42.27
N ALA A 718 -20.67 -47.61 42.18
CA ALA A 718 -21.33 -47.13 40.97
C ALA A 718 -21.02 -45.67 40.69
N TRP A 719 -21.06 -44.82 41.73
CA TRP A 719 -20.72 -43.41 41.55
C TRP A 719 -19.29 -43.24 41.06
N LEU A 720 -18.34 -43.97 41.63
CA LEU A 720 -16.96 -43.89 41.19
C LEU A 720 -16.75 -44.34 39.77
N ILE A 721 -17.36 -45.45 39.36
CA ILE A 721 -17.18 -45.96 38.01
C ILE A 721 -17.96 -45.17 36.97
N PHE A 722 -19.00 -44.43 37.38
CA PHE A 722 -19.74 -43.62 36.42
C PHE A 722 -19.16 -42.22 36.29
N THR A 723 -18.89 -41.54 37.41
CA THR A 723 -18.33 -40.19 37.36
C THR A 723 -16.93 -40.13 36.78
N ASN A 724 -16.21 -41.25 36.75
CA ASN A 724 -14.87 -41.25 36.16
C ASN A 724 -14.92 -40.98 34.66
N CYS A 725 -15.87 -41.57 33.95
CA CYS A 725 -16.07 -41.33 32.54
C CYS A 725 -16.82 -40.04 32.26
N ILE A 726 -17.17 -39.30 33.31
CA ILE A 726 -17.79 -37.99 33.14
C ILE A 726 -16.67 -36.95 33.17
N PHE A 727 -15.58 -37.27 33.85
CA PHE A 727 -14.45 -36.35 33.96
C PHE A 727 -13.27 -36.73 33.08
N PHE A 728 -13.21 -37.96 32.58
CA PHE A 728 -12.08 -38.40 31.77
C PHE A 728 -12.43 -38.70 30.33
N CYS A 729 -13.61 -39.29 30.06
CA CYS A 729 -14.01 -39.55 28.69
C CYS A 729 -14.09 -38.30 27.83
N PRO A 730 -14.62 -37.16 28.30
CA PRO A 730 -14.56 -35.94 27.47
C PRO A 730 -13.15 -35.42 27.22
N VAL A 731 -12.16 -35.85 27.98
CA VAL A 731 -10.80 -35.36 27.79
C VAL A 731 -10.24 -35.82 26.46
N ALA A 732 -10.40 -37.11 26.13
CA ALA A 732 -9.81 -37.67 24.92
C ALA A 732 -10.39 -37.08 23.64
N PHE A 733 -11.58 -36.47 23.70
CA PHE A 733 -12.16 -35.87 22.51
C PHE A 733 -11.29 -34.75 21.96
N PHE A 734 -10.74 -33.90 22.83
CA PHE A 734 -9.86 -32.85 22.40
C PHE A 734 -8.51 -33.37 21.93
N SER A 735 -8.02 -34.46 22.53
CA SER A 735 -6.78 -35.07 22.04
C SER A 735 -6.95 -35.67 20.66
N PHE A 736 -8.14 -36.19 20.35
CA PHE A 736 -8.44 -36.77 19.05
C PHE A 736 -8.87 -35.74 18.02
N ALA A 737 -8.88 -34.46 18.38
CA ALA A 737 -9.30 -33.41 17.46
C ALA A 737 -8.25 -33.08 16.41
N PRO A 738 -6.98 -32.84 16.77
CA PRO A 738 -6.00 -32.42 15.74
C PRO A 738 -5.72 -33.48 14.69
N LEU A 739 -6.03 -34.75 14.95
CA LEU A 739 -5.77 -35.82 14.02
C LEU A 739 -6.95 -36.08 13.08
N ILE A 740 -8.02 -35.29 13.18
CA ILE A 740 -9.18 -35.39 12.30
C ILE A 740 -9.32 -34.05 11.57
N THR A 741 -9.39 -34.12 10.23
CA THR A 741 -9.47 -32.90 9.43
C THR A 741 -10.79 -32.16 9.65
N ALA A 742 -11.90 -32.90 9.74
CA ALA A 742 -13.22 -32.29 9.81
C ALA A 742 -13.39 -31.39 11.05
N ILE A 743 -12.91 -31.86 12.19
CA ILE A 743 -13.06 -31.09 13.42
C ILE A 743 -11.73 -30.45 13.80
N SER A 744 -11.76 -29.15 14.10
CA SER A 744 -10.56 -28.41 14.46
C SER A 744 -10.79 -27.71 15.80
N ILE A 745 -9.84 -27.87 16.72
CA ILE A 745 -9.93 -27.29 18.05
C ILE A 745 -8.66 -26.49 18.32
N SER A 746 -8.83 -25.26 18.79
CA SER A 746 -7.69 -24.41 19.08
C SER A 746 -6.87 -24.98 20.23
N PRO A 747 -5.54 -24.88 20.17
CA PRO A 747 -4.69 -25.41 21.25
C PRO A 747 -4.92 -24.76 22.60
N GLU A 748 -5.33 -23.48 22.65
CA GLU A 748 -5.57 -22.81 23.91
C GLU A 748 -6.65 -23.48 24.75
N ILE A 749 -7.54 -24.23 24.13
CA ILE A 749 -8.62 -24.90 24.82
C ILE A 749 -8.18 -26.26 25.36
N MET A 750 -7.35 -26.98 24.61
CA MET A 750 -6.95 -28.33 25.00
C MET A 750 -6.21 -28.34 26.33
N LYS A 751 -5.21 -27.48 26.48
CA LYS A 751 -4.43 -27.42 27.72
C LYS A 751 -5.29 -26.99 28.91
N SER A 752 -6.13 -25.97 28.70
CA SER A 752 -7.00 -25.50 29.77
C SER A 752 -7.97 -26.58 30.23
N VAL A 753 -8.53 -27.33 29.28
CA VAL A 753 -9.44 -28.41 29.62
C VAL A 753 -8.69 -29.54 30.32
N THR A 754 -7.49 -29.86 29.86
CA THR A 754 -6.72 -30.94 30.48
C THR A 754 -6.37 -30.60 31.92
N LEU A 755 -5.96 -29.37 32.19
CA LEU A 755 -5.49 -28.96 33.51
C LEU A 755 -6.60 -28.91 34.54
N ILE A 756 -7.87 -29.05 34.14
CA ILE A 756 -8.96 -28.95 35.09
C ILE A 756 -9.78 -30.24 35.08
N PHE A 757 -9.67 -31.03 34.02
CA PHE A 757 -10.41 -32.26 33.91
C PHE A 757 -9.57 -33.51 34.11
N PHE A 758 -8.24 -33.37 34.12
CA PHE A 758 -7.39 -34.52 34.40
C PHE A 758 -7.27 -34.76 35.91
N PRO A 759 -7.00 -33.76 36.75
CA PRO A 759 -6.94 -34.01 38.19
C PRO A 759 -8.28 -33.99 38.90
N LEU A 760 -9.35 -33.53 38.24
CA LEU A 760 -10.66 -33.49 38.89
C LEU A 760 -11.16 -34.86 39.31
N PRO A 761 -11.16 -35.90 38.46
CA PRO A 761 -11.74 -37.18 38.88
C PRO A 761 -11.06 -37.82 40.07
N ALA A 762 -9.80 -37.53 40.33
CA ALA A 762 -9.08 -38.07 41.47
C ALA A 762 -9.01 -37.05 42.61
N CYS A 763 -10.01 -36.17 42.68
CA CYS A 763 -10.00 -35.10 43.66
C CYS A 763 -11.29 -35.06 44.46
N LEU A 764 -12.38 -35.53 43.87
CA LEU A 764 -13.70 -35.44 44.50
C LEU A 764 -14.09 -36.68 45.28
N ASN A 765 -13.50 -37.84 44.97
CA ASN A 765 -13.90 -39.07 45.66
C ASN A 765 -13.63 -39.00 47.16
N PRO A 766 -12.43 -38.64 47.64
CA PRO A 766 -12.22 -38.61 49.10
C PRO A 766 -13.10 -37.64 49.85
N VAL A 767 -13.42 -36.49 49.25
CA VAL A 767 -14.27 -35.51 49.94
C VAL A 767 -15.68 -36.07 50.12
N LEU A 768 -16.24 -36.64 49.05
CA LEU A 768 -17.57 -37.25 49.12
C LEU A 768 -17.59 -38.51 49.98
N TYR A 769 -16.45 -39.18 50.14
CA TYR A 769 -16.39 -40.36 50.99
C TYR A 769 -16.72 -40.04 52.43
N VAL A 770 -16.30 -38.88 52.93
CA VAL A 770 -16.60 -38.47 54.30
C VAL A 770 -18.09 -38.27 54.51
N PHE A 771 -18.75 -37.62 53.56
CA PHE A 771 -20.15 -37.22 53.73
C PHE A 771 -21.15 -38.23 53.16
N PHE A 772 -20.68 -39.33 52.57
CA PHE A 772 -21.58 -40.31 51.96
C PHE A 772 -21.40 -41.73 52.45
N ASN A 773 -20.35 -42.03 53.22
CA ASN A 773 -20.15 -43.37 53.71
C ASN A 773 -20.47 -43.42 55.20
N PRO A 774 -21.56 -44.07 55.61
CA PRO A 774 -21.87 -44.15 57.05
C PRO A 774 -20.79 -44.84 57.86
N LYS A 775 -20.12 -45.86 57.31
CA LYS A 775 -19.03 -46.52 58.02
C LYS A 775 -17.86 -45.59 58.30
N PHE A 776 -17.70 -44.52 57.52
CA PHE A 776 -16.63 -43.58 57.78
C PHE A 776 -16.77 -42.93 59.15
N LYS A 777 -18.00 -42.66 59.59
CA LYS A 777 -18.19 -42.05 60.89
C LYS A 777 -17.65 -42.95 62.01
N GLU A 778 -17.99 -44.24 61.98
CA GLU A 778 -17.48 -45.16 62.99
C GLU A 778 -15.97 -45.35 62.86
N ASP A 779 -15.45 -45.43 61.63
CA ASP A 779 -14.01 -45.59 61.46
C ASP A 779 -13.24 -44.38 61.99
N TRP A 780 -13.78 -43.18 61.75
CA TRP A 780 -13.16 -41.97 62.27
C TRP A 780 -13.25 -41.90 63.79
N LYS A 781 -14.39 -42.30 64.36
CA LYS A 781 -14.53 -42.25 65.81
C LYS A 781 -13.70 -43.33 66.51
N LEU A 782 -13.41 -44.44 65.83
CA LEU A 782 -12.62 -45.50 66.44
C LEU A 782 -11.21 -45.01 66.79
N LEU A 783 -10.59 -44.24 65.91
CA LEU A 783 -9.23 -43.77 66.14
C LEU A 783 -9.16 -42.52 67.02
N LYS A 784 -10.30 -41.89 67.31
CA LYS A 784 -10.28 -40.73 68.20
C LYS A 784 -9.92 -41.13 69.62
N ARG A 785 -10.47 -42.23 70.11
CA ARG A 785 -10.17 -42.69 71.46
C ARG A 785 -8.77 -43.29 71.58
N ARG A 786 -8.20 -43.77 70.48
CA ARG A 786 -6.85 -44.30 70.51
C ARG A 786 -5.79 -43.22 70.73
N VAL A 787 -6.16 -41.95 70.56
CA VAL A 787 -5.24 -40.84 70.80
C VAL A 787 -5.76 -39.87 71.86
N THR A 788 -7.03 -39.95 72.22
CA THR A 788 -7.58 -39.08 73.25
C THR A 788 -8.09 -39.87 74.44
N LYS B 1 -4.41 -18.68 5.22
CA LYS B 1 -4.91 -19.03 3.90
C LYS B 1 -6.41 -18.74 3.78
N GLU B 2 -6.83 -17.62 4.36
CA GLU B 2 -8.21 -17.19 4.31
C GLU B 2 -8.47 -16.45 3.00
N THR B 3 -9.66 -15.87 2.86
CA THR B 3 -9.96 -15.12 1.65
C THR B 3 -9.21 -13.79 1.66
N ALA B 4 -9.19 -13.14 0.48
CA ALA B 4 -8.56 -11.84 0.31
C ALA B 4 -9.50 -11.00 -0.57
N PHE B 5 -10.07 -9.96 0.04
CA PHE B 5 -10.99 -9.07 -0.66
C PHE B 5 -10.17 -7.97 -1.31
N VAL B 6 -9.55 -8.31 -2.44
CA VAL B 6 -8.75 -7.36 -3.19
C VAL B 6 -9.68 -6.33 -3.85
N GLU B 7 -9.37 -5.06 -3.68
CA GLU B 7 -10.15 -3.99 -4.27
C GLU B 7 -9.23 -3.10 -5.09
N VAL B 8 -9.74 -2.68 -6.25
CA VAL B 8 -8.99 -1.85 -7.18
C VAL B 8 -9.59 -0.45 -7.15
N VAL B 9 -8.75 0.54 -7.43
CA VAL B 9 -9.12 1.94 -7.34
C VAL B 9 -8.89 2.59 -8.69
N LEU B 10 -9.86 3.38 -9.13
CA LEU B 10 -9.84 4.01 -10.46
C LEU B 10 -10.02 5.52 -10.25
N PHE B 11 -8.92 6.22 -10.04
CA PHE B 11 -8.97 7.63 -9.73
C PHE B 11 -9.12 8.45 -11.01
N GLU B 12 -8.94 9.77 -10.89
CA GLU B 12 -9.13 10.70 -12.00
C GLU B 12 -8.24 10.35 -13.19
N THR B 20 -11.89 12.60 -7.38
CA THR B 20 -12.71 11.49 -7.86
C THR B 20 -12.01 10.17 -7.60
N THR B 21 -12.78 9.19 -7.12
CA THR B 21 -12.22 7.87 -6.82
C THR B 21 -13.35 6.85 -6.85
N TYR B 22 -13.33 5.96 -7.83
CA TYR B 22 -14.27 4.86 -7.93
C TYR B 22 -13.57 3.58 -7.50
N THR B 23 -14.19 2.86 -6.56
CA THR B 23 -13.61 1.66 -5.99
C THR B 23 -14.44 0.45 -6.38
N THR B 24 -13.80 -0.58 -6.92
CA THR B 24 -14.41 -1.86 -7.20
C THR B 24 -13.60 -2.94 -6.53
N GLY B 25 -14.28 -3.84 -5.83
CA GLY B 25 -13.63 -4.89 -5.08
C GLY B 25 -13.97 -6.26 -5.64
N LEU B 26 -13.15 -7.25 -5.26
CA LEU B 26 -13.40 -8.63 -5.64
C LEU B 26 -12.71 -9.54 -4.62
N THR B 27 -13.12 -10.80 -4.61
CA THR B 27 -12.61 -11.71 -3.60
C THR B 27 -11.64 -12.72 -4.22
N GLY B 28 -10.61 -13.07 -3.45
CA GLY B 28 -9.64 -14.04 -3.86
C GLY B 28 -9.09 -14.75 -2.65
N ARG B 29 -8.33 -15.81 -2.89
CA ARG B 29 -7.83 -16.65 -1.83
C ARG B 29 -6.33 -16.43 -1.64
N PHE B 30 -5.94 -16.21 -0.39
CA PHE B 30 -4.53 -16.16 -0.04
C PHE B 30 -3.89 -17.52 -0.30
N SER B 31 -2.57 -17.52 -0.38
CA SER B 31 -1.82 -18.75 -0.59
C SER B 31 -0.67 -18.84 0.39
N ARG B 32 -0.24 -20.08 0.66
CA ARG B 32 0.82 -20.35 1.63
C ARG B 32 2.21 -20.12 1.06
N ALA B 33 2.31 -19.64 -0.17
CA ALA B 33 3.61 -19.33 -0.75
C ALA B 33 4.32 -18.20 -0.03
N GLY B 34 3.57 -17.23 0.48
CA GLY B 34 4.18 -16.15 1.22
C GLY B 34 3.29 -15.73 2.36
N ALA B 35 3.90 -15.10 3.37
CA ALA B 35 3.16 -14.71 4.55
C ALA B 35 2.03 -13.77 4.19
N THR B 36 0.86 -14.03 4.76
CA THR B 36 -0.34 -13.26 4.46
C THR B 36 -0.29 -11.94 5.22
N LEU B 37 -0.23 -10.84 4.47
CA LEU B 37 -0.24 -9.51 5.06
C LEU B 37 -1.10 -8.59 4.20
N SER B 38 -0.99 -7.30 4.43
CA SER B 38 -1.73 -6.32 3.65
C SER B 38 -0.74 -5.47 2.87
N ALA B 39 -1.01 -5.28 1.59
CA ALA B 39 -0.11 -4.55 0.72
C ALA B 39 -0.94 -3.74 -0.25
N GLU B 40 -0.29 -2.74 -0.85
CA GLU B 40 -0.97 -1.82 -1.75
C GLU B 40 0.05 -1.20 -2.68
N GLY B 41 -0.28 -1.13 -3.96
CA GLY B 41 0.59 -0.51 -4.94
C GLY B 41 -0.11 -0.42 -6.28
N GLU B 42 0.58 0.15 -7.25
CA GLU B 42 0.05 0.23 -8.60
C GLU B 42 0.01 -1.16 -9.20
N ILE B 43 -1.08 -1.49 -9.89
CA ILE B 43 -1.21 -2.80 -10.49
C ILE B 43 -0.49 -2.81 -11.83
N VAL B 44 0.52 -3.66 -11.96
CA VAL B 44 1.33 -3.76 -13.17
C VAL B 44 1.33 -5.20 -13.62
N GLN B 45 0.65 -5.48 -14.73
CA GLN B 45 0.60 -6.83 -15.25
C GLN B 45 1.97 -7.26 -15.75
N MET B 46 2.32 -8.50 -15.48
CA MET B 46 3.50 -9.13 -16.06
C MET B 46 3.03 -10.25 -16.99
N HIS B 47 3.99 -10.86 -17.68
CA HIS B 47 3.67 -11.97 -18.55
C HIS B 47 4.27 -13.25 -17.98
N PRO B 48 3.60 -14.39 -18.13
CA PRO B 48 4.17 -15.63 -17.58
C PRO B 48 5.55 -15.93 -18.12
N LEU B 49 5.81 -15.60 -19.38
CA LEU B 49 7.13 -15.80 -19.97
C LEU B 49 8.06 -14.62 -19.74
N GLY B 50 7.57 -13.53 -19.16
CA GLY B 50 8.41 -12.39 -18.90
C GLY B 50 9.12 -12.49 -17.57
N LEU B 51 8.65 -13.37 -16.71
CA LEU B 51 9.28 -13.60 -15.41
C LEU B 51 10.26 -14.77 -15.49
N CYS B 52 11.21 -14.64 -16.40
CA CYS B 52 12.27 -15.64 -16.56
C CYS B 52 13.50 -15.18 -15.77
N ASN B 53 14.52 -16.03 -15.70
CA ASN B 53 15.75 -15.71 -14.98
C ASN B 53 16.98 -15.65 -15.86
N ASN B 54 16.98 -16.32 -17.01
CA ASN B 54 18.14 -16.30 -17.90
C ASN B 54 18.47 -14.90 -18.39
N ASN B 55 17.47 -14.03 -18.49
CA ASN B 55 17.72 -12.65 -18.92
C ASN B 55 18.45 -11.91 -17.81
N ASP B 56 19.77 -11.78 -17.96
CA ASP B 56 20.57 -11.12 -16.94
C ASP B 56 20.26 -9.64 -16.83
N GLU B 57 19.77 -9.02 -17.91
CA GLU B 57 19.45 -7.60 -17.93
C GLU B 57 17.98 -7.45 -18.31
N GLU B 58 17.19 -6.90 -17.39
CA GLU B 58 15.78 -6.63 -17.62
C GLU B 58 15.45 -5.23 -17.13
N ASP B 59 14.41 -4.65 -17.70
CA ASP B 59 13.96 -3.32 -17.30
C ASP B 59 13.47 -3.37 -15.87
N LEU B 60 13.90 -2.41 -15.06
CA LEU B 60 13.46 -2.36 -13.67
C LEU B 60 12.31 -1.38 -13.50
N TYR B 61 11.47 -1.65 -12.50
CA TYR B 61 10.33 -0.82 -12.18
C TYR B 61 10.58 -0.11 -10.86
N GLU B 62 9.73 0.85 -10.54
CA GLU B 62 9.77 1.47 -9.23
C GLU B 62 9.40 0.46 -8.16
N TYR B 63 9.88 0.68 -6.95
CA TYR B 63 9.58 -0.21 -5.85
C TYR B 63 8.10 -0.12 -5.51
N GLY B 64 7.47 -1.28 -5.38
CA GLY B 64 6.08 -1.32 -4.98
C GLY B 64 5.15 -1.42 -6.17
N TRP B 65 4.62 -2.60 -6.42
CA TRP B 65 3.66 -2.80 -7.50
C TRP B 65 3.04 -4.18 -7.35
N VAL B 66 1.73 -4.24 -7.42
CA VAL B 66 1.00 -5.49 -7.34
C VAL B 66 0.92 -6.07 -8.75
N GLY B 67 1.66 -7.16 -8.97
CA GLY B 67 1.75 -7.76 -10.29
C GLY B 67 0.63 -8.75 -10.52
N VAL B 68 0.01 -8.65 -11.69
CA VAL B 68 -1.04 -9.57 -12.11
C VAL B 68 -0.44 -10.49 -13.17
N VAL B 69 -0.50 -11.80 -12.91
CA VAL B 69 0.05 -12.79 -13.82
C VAL B 69 -1.08 -13.71 -14.24
N LYS B 70 -1.42 -13.68 -15.53
CA LYS B 70 -2.47 -14.52 -16.09
C LYS B 70 -1.83 -15.85 -16.49
N LEU B 71 -2.02 -16.87 -15.67
CA LEU B 71 -1.39 -18.16 -15.93
C LEU B 71 -1.97 -18.81 -17.18
N GLU B 72 -1.10 -19.41 -17.98
CA GLU B 72 -1.54 -20.11 -19.20
C GLU B 72 -1.63 -21.60 -18.95
N GLN B 73 -2.10 -22.36 -19.94
CA GLN B 73 -2.29 -23.79 -19.79
C GLN B 73 -0.95 -24.48 -19.58
N PRO B 74 -0.84 -25.37 -18.59
CA PRO B 74 0.45 -26.01 -18.31
C PRO B 74 0.97 -26.87 -19.45
N GLU B 75 0.08 -27.40 -20.29
CA GLU B 75 0.49 -28.27 -21.39
C GLU B 75 0.92 -27.49 -22.63
N LEU B 76 0.68 -26.18 -22.67
CA LEU B 76 1.05 -25.40 -23.84
C LEU B 76 2.56 -25.31 -23.99
N ASP B 77 3.27 -24.97 -22.90
CA ASP B 77 4.71 -24.90 -22.97
C ASP B 77 5.32 -26.26 -22.61
N PRO B 78 6.19 -26.80 -23.47
CA PRO B 78 6.79 -28.10 -23.17
C PRO B 78 7.63 -28.12 -21.91
N LYS B 79 8.30 -27.02 -21.59
CA LYS B 79 9.15 -26.97 -20.41
C LYS B 79 9.22 -25.55 -19.86
N PRO B 80 8.45 -25.23 -18.84
CA PRO B 80 8.52 -23.91 -18.23
C PRO B 80 9.90 -23.63 -17.66
N CYS B 81 10.32 -22.37 -17.78
CA CYS B 81 11.65 -21.99 -17.31
C CYS B 81 11.76 -22.09 -15.80
N LEU B 82 10.73 -21.63 -15.07
CA LEU B 82 10.74 -21.60 -13.62
C LEU B 82 9.42 -22.11 -13.09
N THR B 83 9.44 -22.57 -11.84
CA THR B 83 8.25 -23.05 -11.17
C THR B 83 7.35 -21.85 -10.84
N VAL B 84 6.07 -22.12 -10.57
CA VAL B 84 5.14 -21.05 -10.27
C VAL B 84 5.57 -20.29 -9.03
N LEU B 85 5.98 -21.01 -7.99
CA LEU B 85 6.50 -20.36 -6.80
C LEU B 85 7.86 -19.71 -7.04
N GLY B 86 8.54 -20.06 -8.14
CA GLY B 86 9.74 -19.34 -8.52
C GLY B 86 9.47 -18.01 -9.20
N LYS B 87 8.37 -17.93 -9.96
CA LYS B 87 7.97 -16.65 -10.55
C LYS B 87 7.69 -15.61 -9.48
N ALA B 88 7.00 -15.99 -8.41
CA ALA B 88 6.72 -15.04 -7.33
C ALA B 88 8.00 -14.55 -6.69
N LYS B 89 8.94 -15.47 -6.43
CA LYS B 89 10.20 -15.05 -5.82
C LYS B 89 11.00 -14.15 -6.75
N ARG B 90 10.96 -14.41 -8.06
CA ARG B 90 11.62 -13.52 -9.01
C ARG B 90 10.97 -12.15 -9.02
N ALA B 91 9.64 -12.10 -9.00
CA ALA B 91 8.93 -10.82 -9.03
C ALA B 91 9.20 -9.96 -7.80
N VAL B 92 9.26 -10.56 -6.61
CA VAL B 92 9.56 -9.78 -5.42
C VAL B 92 10.94 -9.14 -5.53
N GLN B 93 11.91 -9.86 -6.11
CA GLN B 93 13.21 -9.27 -6.36
C GLN B 93 13.13 -8.07 -7.28
N ARG B 94 12.20 -8.07 -8.24
CA ARG B 94 12.04 -6.93 -9.13
C ARG B 94 11.49 -5.71 -8.39
N GLY B 95 11.02 -5.89 -7.17
CA GLY B 95 10.53 -4.78 -6.38
C GLY B 95 9.02 -4.76 -6.22
N ALA B 96 8.39 -5.91 -6.36
CA ALA B 96 6.97 -6.04 -6.16
C ALA B 96 6.66 -6.21 -4.68
N THR B 97 5.41 -5.97 -4.32
CA THR B 97 4.94 -6.15 -2.95
C THR B 97 3.93 -7.29 -2.85
N ALA B 98 3.20 -7.55 -3.92
CA ALA B 98 2.24 -8.65 -3.95
C ALA B 98 2.12 -9.15 -5.38
N VAL B 99 1.67 -10.39 -5.54
CA VAL B 99 1.46 -10.98 -6.86
C VAL B 99 0.06 -11.60 -6.85
N ILE B 100 -0.67 -11.41 -7.94
CA ILE B 100 -2.02 -11.96 -8.08
C ILE B 100 -1.99 -12.97 -9.21
N PHE B 101 -1.76 -14.23 -8.88
CA PHE B 101 -1.70 -15.30 -9.88
C PHE B 101 -3.11 -15.65 -10.33
N ASP B 102 -3.51 -15.20 -11.51
CA ASP B 102 -4.79 -15.61 -12.08
C ASP B 102 -4.67 -17.07 -12.50
N VAL B 103 -5.07 -17.98 -11.62
CA VAL B 103 -4.91 -19.41 -11.86
C VAL B 103 -6.19 -20.02 -12.43
N SER B 104 -7.07 -19.20 -12.99
CA SER B 104 -8.34 -19.68 -13.52
C SER B 104 -8.18 -20.61 -14.71
N GLU B 105 -7.00 -20.66 -15.32
CA GLU B 105 -6.75 -21.54 -16.46
C GLU B 105 -5.81 -22.68 -16.15
N ASN B 106 -4.93 -22.54 -15.16
CA ASN B 106 -4.06 -23.62 -14.72
C ASN B 106 -4.47 -24.03 -13.32
N PRO B 107 -5.50 -24.87 -13.15
CA PRO B 107 -5.94 -25.24 -11.80
C PRO B 107 -4.87 -25.91 -10.97
N GLU B 108 -3.95 -26.65 -11.59
CA GLU B 108 -2.91 -27.34 -10.85
C GLU B 108 -1.94 -26.40 -10.16
N ALA B 109 -1.92 -25.12 -10.54
CA ALA B 109 -1.01 -24.16 -9.92
C ALA B 109 -1.32 -23.90 -8.45
N ILE B 110 -2.57 -24.10 -8.03
CA ILE B 110 -2.92 -23.91 -6.63
C ILE B 110 -2.14 -24.87 -5.74
N ASP B 111 -2.07 -26.15 -6.14
CA ASP B 111 -1.26 -27.10 -5.43
C ASP B 111 0.23 -26.77 -5.53
N GLN B 112 0.66 -26.19 -6.64
CA GLN B 112 2.05 -25.77 -6.77
C GLN B 112 2.43 -24.77 -5.69
N LEU B 113 1.58 -23.78 -5.45
CA LEU B 113 1.82 -22.81 -4.39
C LEU B 113 1.64 -23.40 -3.00
N ASN B 114 0.59 -24.18 -2.79
CA ASN B 114 0.29 -24.70 -1.46
C ASN B 114 1.34 -25.65 -0.93
N GLN B 115 2.15 -26.25 -1.81
CA GLN B 115 3.24 -27.12 -1.38
C GLN B 115 4.51 -26.34 -1.10
N GLY B 116 4.50 -25.03 -1.28
CA GLY B 116 5.66 -24.21 -1.03
C GLY B 116 5.75 -23.75 0.41
N SER B 117 5.28 -24.58 1.34
CA SER B 117 5.39 -24.27 2.76
C SER B 117 6.78 -24.53 3.30
N GLU B 118 7.65 -25.19 2.54
CA GLU B 118 9.02 -25.43 2.96
C GLU B 118 9.82 -24.15 3.13
N ASP B 119 9.69 -23.20 2.21
CA ASP B 119 10.43 -21.94 2.27
C ASP B 119 9.44 -20.79 2.20
N PRO B 120 9.15 -20.12 3.31
CA PRO B 120 8.19 -19.02 3.30
C PRO B 120 8.73 -17.83 2.53
N LEU B 121 7.83 -17.03 1.97
CA LEU B 121 8.19 -15.82 1.25
C LEU B 121 7.78 -14.60 2.06
N LYS B 122 8.60 -13.55 2.00
CA LYS B 122 8.39 -12.38 2.84
C LYS B 122 7.13 -11.59 2.46
N ARG B 123 6.60 -11.77 1.27
CA ARG B 123 5.50 -10.93 0.82
C ARG B 123 4.30 -11.77 0.43
N PRO B 124 3.09 -11.21 0.49
CA PRO B 124 1.89 -12.00 0.20
C PRO B 124 1.83 -12.45 -1.25
N VAL B 125 1.15 -13.57 -1.46
CA VAL B 125 0.88 -14.12 -2.78
C VAL B 125 -0.58 -14.54 -2.81
N VAL B 126 -1.30 -14.12 -3.84
CA VAL B 126 -2.74 -14.34 -3.93
C VAL B 126 -3.02 -15.02 -5.26
N TYR B 127 -4.03 -15.88 -5.28
CA TYR B 127 -4.53 -16.47 -6.52
C TYR B 127 -6.03 -16.24 -6.61
N VAL B 128 -6.48 -15.77 -7.77
CA VAL B 128 -7.87 -15.44 -8.01
C VAL B 128 -8.38 -16.31 -9.15
N LYS B 129 -9.32 -17.20 -8.84
CA LYS B 129 -9.82 -18.15 -9.80
C LYS B 129 -11.27 -17.82 -10.17
N GLY B 130 -11.87 -18.68 -10.99
CA GLY B 130 -13.27 -18.53 -11.34
C GLY B 130 -13.53 -17.31 -12.20
N ALA B 131 -14.81 -16.97 -12.29
CA ALA B 131 -15.26 -15.83 -13.09
C ALA B 131 -15.03 -14.50 -12.38
N ASP B 132 -14.66 -14.52 -11.11
CA ASP B 132 -14.30 -13.29 -10.41
C ASP B 132 -13.01 -12.68 -10.93
N ALA B 133 -12.13 -13.49 -11.52
CA ALA B 133 -10.93 -12.96 -12.14
C ALA B 133 -11.22 -12.28 -13.47
N ILE B 134 -12.38 -12.54 -14.08
CA ILE B 134 -12.74 -11.84 -15.30
C ILE B 134 -12.92 -10.35 -15.02
N LYS B 135 -13.49 -10.01 -13.86
CA LYS B 135 -13.63 -8.60 -13.50
C LYS B 135 -12.27 -7.94 -13.35
N LEU B 136 -11.31 -8.63 -12.73
CA LEU B 136 -9.96 -8.08 -12.60
C LEU B 136 -9.30 -7.93 -13.95
N MET B 137 -9.46 -8.92 -14.84
CA MET B 137 -8.85 -8.83 -16.16
C MET B 137 -9.45 -7.71 -16.99
N ASN B 138 -10.76 -7.49 -16.90
CA ASN B 138 -11.36 -6.35 -17.58
C ASN B 138 -10.82 -5.02 -17.08
N ILE B 139 -10.53 -4.91 -15.78
CA ILE B 139 -9.94 -3.69 -15.26
C ILE B 139 -8.53 -3.49 -15.79
N VAL B 140 -7.74 -4.55 -15.80
CA VAL B 140 -6.37 -4.44 -16.30
C VAL B 140 -6.35 -4.19 -17.81
N ASN B 141 -7.43 -4.54 -18.51
CA ASN B 141 -7.51 -4.31 -19.95
C ASN B 141 -7.99 -2.91 -20.30
N LYS B 142 -9.08 -2.46 -19.69
CA LYS B 142 -9.71 -1.21 -20.12
C LYS B 142 -9.00 0.01 -19.53
N GLN B 143 -8.97 0.12 -18.21
CA GLN B 143 -8.45 1.32 -17.58
C GLN B 143 -6.95 1.47 -17.80
N LYS B 144 -6.53 2.71 -17.98
CA LYS B 144 -5.12 3.01 -18.23
C LYS B 144 -4.27 2.86 -16.98
N VAL B 145 -4.73 3.36 -15.84
CA VAL B 145 -4.01 3.27 -14.58
C VAL B 145 -5.00 2.93 -13.47
N ALA B 146 -4.64 1.98 -12.61
CA ALA B 146 -5.44 1.63 -11.46
C ALA B 146 -4.52 1.40 -10.28
N ARG B 147 -5.11 1.09 -9.13
CA ARG B 147 -4.32 0.84 -7.93
C ARG B 147 -4.94 -0.31 -7.16
N ALA B 148 -4.17 -1.37 -6.96
CA ALA B 148 -4.65 -2.54 -6.25
C ALA B 148 -4.41 -2.39 -4.75
N ARG B 149 -5.29 -3.00 -3.98
CA ARG B 149 -5.26 -2.85 -2.53
C ARG B 149 -5.75 -4.13 -1.90
N ILE B 150 -4.86 -4.87 -1.25
CA ILE B 150 -5.18 -6.13 -0.60
C ILE B 150 -4.92 -5.99 0.89
N GLN B 151 -5.79 -6.59 1.68
CA GLN B 151 -5.75 -6.45 3.13
C GLN B 151 -5.89 -7.81 3.79
N HIS B 152 -5.15 -8.01 4.87
CA HIS B 152 -5.10 -9.27 5.58
C HIS B 152 -6.38 -9.47 6.37
N ARG B 153 -6.95 -10.68 6.30
CA ARG B 153 -8.17 -11.07 6.98
C ARG B 153 -9.25 -9.99 6.79
N PRO B 154 -9.77 -9.84 5.58
CA PRO B 154 -10.75 -8.77 5.32
C PRO B 154 -11.98 -8.85 6.21
N PRO B 155 -12.51 -10.04 6.50
CA PRO B 155 -13.61 -10.13 7.47
C PRO B 155 -13.06 -10.14 8.89
N ARG B 156 -13.97 -10.03 9.86
CA ARG B 156 -13.66 -10.10 11.28
C ARG B 156 -14.22 -11.40 11.82
N GLN B 157 -13.34 -12.32 12.19
CA GLN B 157 -13.76 -13.62 12.69
C GLN B 157 -13.63 -13.63 14.20
N PRO B 158 -14.73 -13.69 14.96
CA PRO B 158 -14.62 -13.75 16.42
C PRO B 158 -14.09 -15.08 16.90
N THR B 159 -12.80 -15.34 16.64
CA THR B 159 -12.22 -16.63 17.01
C THR B 159 -12.20 -16.83 18.52
N GLU B 160 -11.84 -15.81 19.28
CA GLU B 160 -11.80 -15.88 20.74
C GLU B 160 -13.04 -15.29 21.39
N TYR B 161 -14.13 -15.14 20.64
CA TYR B 161 -15.37 -14.59 21.15
C TYR B 161 -16.56 -15.50 20.96
N PHE B 162 -16.63 -16.23 19.84
CA PHE B 162 -17.78 -17.10 19.60
C PHE B 162 -17.72 -18.35 20.47
N ASP B 163 -16.52 -18.81 20.82
CA ASP B 163 -16.37 -20.05 21.57
C ASP B 163 -16.48 -19.86 23.08
N MET B 164 -16.59 -18.61 23.56
CA MET B 164 -16.63 -18.38 25.00
C MET B 164 -17.84 -19.02 25.65
N GLY B 165 -19.03 -18.83 25.08
CA GLY B 165 -20.23 -19.41 25.65
C GLY B 165 -20.44 -20.87 25.38
N ILE B 166 -19.63 -21.45 24.49
CA ILE B 166 -19.72 -22.89 24.22
C ILE B 166 -19.29 -23.69 25.44
N PHE B 167 -18.32 -23.17 26.20
CA PHE B 167 -17.86 -23.85 27.41
C PHE B 167 -18.96 -23.96 28.45
N LEU B 168 -19.78 -22.91 28.61
CA LEU B 168 -20.87 -23.01 29.58
C LEU B 168 -21.86 -24.10 29.19
N ALA B 169 -22.20 -24.18 27.90
CA ALA B 169 -23.07 -25.26 27.44
C ALA B 169 -22.42 -26.62 27.63
N PHE B 170 -21.10 -26.69 27.49
CA PHE B 170 -20.37 -27.92 27.79
C PHE B 170 -20.51 -28.30 29.26
N PHE B 171 -20.45 -27.30 30.15
CA PHE B 171 -20.60 -27.55 31.58
C PHE B 171 -22.02 -27.93 31.98
N VAL B 172 -23.03 -27.48 31.22
CA VAL B 172 -24.41 -27.83 31.55
C VAL B 172 -24.63 -29.33 31.44
N VAL B 173 -24.08 -29.95 30.40
CA VAL B 173 -24.22 -31.39 30.24
C VAL B 173 -23.57 -32.13 31.41
N VAL B 174 -22.39 -31.68 31.84
CA VAL B 174 -21.72 -32.30 32.98
C VAL B 174 -22.56 -32.15 34.24
N SER B 175 -23.14 -30.97 34.45
CA SER B 175 -23.98 -30.75 35.62
C SER B 175 -25.29 -31.52 35.58
N LEU B 176 -25.79 -31.85 34.39
CA LEU B 176 -27.08 -32.51 34.27
C LEU B 176 -26.98 -34.03 34.22
N VAL B 177 -25.91 -34.60 33.67
CA VAL B 177 -25.79 -36.05 33.59
C VAL B 177 -25.75 -36.71 34.96
N CYS B 178 -25.33 -35.98 36.00
CA CYS B 178 -25.31 -36.53 37.35
C CYS B 178 -26.68 -36.63 37.98
N LEU B 179 -27.64 -35.79 37.55
CA LEU B 179 -28.96 -35.78 38.18
C LEU B 179 -29.73 -37.06 37.93
N ILE B 180 -29.68 -37.60 36.71
CA ILE B 180 -30.40 -38.83 36.41
C ILE B 180 -29.84 -40.01 37.21
N LEU B 181 -28.59 -39.91 37.66
CA LEU B 181 -28.00 -40.97 38.46
C LEU B 181 -28.72 -41.13 39.80
N LEU B 182 -29.27 -40.04 40.33
CA LEU B 182 -29.98 -40.11 41.60
C LEU B 182 -31.27 -40.92 41.49
N VAL B 183 -31.84 -41.00 40.28
CA VAL B 183 -33.07 -41.77 40.10
C VAL B 183 -32.85 -43.23 40.43
N LYS B 184 -31.76 -43.82 39.93
CA LYS B 184 -31.44 -45.20 40.27
C LYS B 184 -31.07 -45.36 41.73
N ILE B 185 -30.52 -44.31 42.36
CA ILE B 185 -30.26 -44.35 43.79
C ILE B 185 -31.56 -44.49 44.57
N LYS B 186 -32.56 -43.70 44.21
CA LYS B 186 -33.85 -43.76 44.90
C LYS B 186 -34.57 -45.07 44.65
N LEU B 187 -34.45 -45.65 43.45
CA LEU B 187 -35.09 -46.92 43.15
C LEU B 187 -34.47 -48.09 43.91
N LYS B 188 -33.26 -47.92 44.44
CA LYS B 188 -32.60 -48.98 45.19
C LYS B 188 -32.90 -48.87 46.68
N VAL C 21 23.07 -11.57 -75.61
CA VAL C 21 22.80 -11.54 -74.18
C VAL C 21 21.44 -12.14 -73.87
N GLN C 22 20.59 -12.22 -74.89
CA GLN C 22 19.23 -12.72 -74.75
C GLN C 22 19.18 -14.20 -75.12
N LEU C 23 18.43 -14.97 -74.35
CA LEU C 23 18.25 -16.40 -74.57
C LEU C 23 16.82 -16.66 -75.04
N VAL C 24 16.69 -17.36 -76.16
CA VAL C 24 15.39 -17.63 -76.76
C VAL C 24 15.13 -19.13 -76.71
N GLU C 25 13.97 -19.50 -76.19
CA GLU C 25 13.58 -20.89 -75.99
C GLU C 25 12.42 -21.23 -76.91
N SER C 26 12.49 -22.41 -77.52
CA SER C 26 11.41 -22.90 -78.38
C SER C 26 10.16 -23.19 -77.55
N SER C 442 7.58 -37.74 -74.44
CA SER C 442 7.98 -37.83 -75.84
C SER C 442 7.88 -36.46 -76.51
N LEU C 443 8.65 -35.50 -76.01
CA LEU C 443 8.64 -34.15 -76.55
C LEU C 443 10.05 -33.71 -76.91
N ARG C 444 10.13 -32.60 -77.65
CA ARG C 444 11.40 -31.98 -78.02
C ARG C 444 11.43 -30.59 -77.42
N LEU C 445 12.37 -30.36 -76.50
CA LEU C 445 12.55 -29.08 -75.85
C LEU C 445 13.91 -28.54 -76.26
N SER C 446 13.90 -27.56 -77.16
CA SER C 446 15.12 -27.00 -77.71
C SER C 446 15.31 -25.57 -77.21
N CYS C 447 16.53 -25.25 -76.79
CA CYS C 447 16.86 -23.92 -76.29
C CYS C 447 17.85 -23.29 -77.27
N ALA C 448 17.36 -22.37 -78.09
CA ALA C 448 18.19 -21.69 -79.08
C ALA C 448 19.09 -20.70 -78.35
N ALA C 449 20.36 -21.08 -78.18
CA ALA C 449 21.28 -20.27 -77.40
C ALA C 449 21.83 -19.13 -78.26
N SER C 450 21.47 -17.90 -77.93
CA SER C 450 21.94 -16.72 -78.62
C SER C 450 22.55 -15.68 -77.68
N GLY C 451 22.42 -15.86 -76.37
CA GLY C 451 22.92 -14.90 -75.41
C GLY C 451 24.41 -14.70 -75.47
N TYR C 452 25.17 -15.76 -75.18
CA TYR C 452 26.62 -15.70 -75.25
C TYR C 452 27.07 -15.94 -76.69
N THR C 453 28.37 -16.05 -76.90
CA THR C 453 28.94 -16.29 -78.23
C THR C 453 29.36 -17.73 -78.45
N TYR C 454 30.05 -18.34 -77.49
CA TYR C 454 30.48 -19.73 -77.61
C TYR C 454 30.84 -20.25 -76.22
N SER C 455 31.44 -21.44 -76.19
CA SER C 455 31.90 -22.10 -74.97
C SER C 455 30.77 -22.22 -73.95
N PRO C 456 29.78 -23.08 -74.19
CA PRO C 456 28.71 -23.26 -73.20
C PRO C 456 29.24 -23.85 -71.90
N TYR C 457 28.61 -23.46 -70.81
CA TYR C 457 29.06 -23.87 -69.47
C TYR C 457 27.84 -24.06 -68.59
N CYS C 458 27.69 -25.27 -68.05
CA CYS C 458 26.60 -25.57 -67.13
C CYS C 458 25.24 -25.26 -67.73
N MET C 459 24.88 -25.93 -68.83
CA MET C 459 23.56 -25.82 -69.43
C MET C 459 22.63 -26.71 -68.61
N GLY C 460 21.51 -26.15 -68.15
CA GLY C 460 20.60 -26.87 -67.28
C GLY C 460 19.15 -26.56 -67.59
N TRP C 461 18.30 -27.54 -67.32
CA TRP C 461 16.86 -27.43 -67.48
C TRP C 461 16.21 -27.37 -66.11
N PHE C 462 15.26 -26.45 -65.95
CA PHE C 462 14.55 -26.26 -64.70
C PHE C 462 13.06 -26.35 -64.95
N ARG C 463 12.36 -27.15 -64.15
CA ARG C 463 10.91 -27.19 -64.17
C ARG C 463 10.37 -26.42 -62.97
N GLN C 464 9.38 -25.58 -63.23
CA GLN C 464 8.82 -24.71 -62.22
C GLN C 464 7.39 -25.14 -61.91
N ALA C 465 7.10 -25.36 -60.64
CA ALA C 465 5.72 -25.69 -60.34
C ALA C 465 4.94 -24.43 -59.99
N PRO C 466 3.68 -24.35 -60.39
CA PRO C 466 2.94 -23.08 -60.23
C PRO C 466 2.55 -22.83 -58.78
N GLY C 467 3.48 -22.30 -58.00
CA GLY C 467 3.23 -21.99 -56.61
C GLY C 467 4.39 -22.34 -55.71
N LYS C 468 5.25 -23.24 -56.18
CA LYS C 468 6.42 -23.69 -55.44
C LYS C 468 7.67 -23.14 -56.13
N ALA C 469 8.83 -23.57 -55.63
CA ALA C 469 10.10 -23.15 -56.19
C ALA C 469 10.33 -23.85 -57.53
N ARG C 470 11.46 -23.54 -58.15
CA ARG C 470 11.89 -24.22 -59.35
C ARG C 470 13.21 -24.93 -59.09
N GLU C 471 13.32 -26.16 -59.58
CA GLU C 471 14.49 -26.99 -59.36
C GLU C 471 14.94 -27.57 -60.69
N GLY C 472 16.20 -28.01 -60.72
CA GLY C 472 16.77 -28.54 -61.93
C GLY C 472 16.44 -30.01 -62.13
N VAL C 473 16.41 -30.42 -63.40
CA VAL C 473 16.18 -31.81 -63.76
C VAL C 473 17.36 -32.45 -64.48
N ALA C 474 18.16 -31.68 -65.20
CA ALA C 474 19.33 -32.23 -65.89
C ALA C 474 20.26 -31.08 -66.24
N THR C 475 21.54 -31.23 -65.95
CA THR C 475 22.52 -30.19 -66.23
C THR C 475 23.78 -30.82 -66.78
N VAL C 476 24.26 -30.32 -67.92
CA VAL C 476 25.49 -30.81 -68.51
C VAL C 476 26.56 -29.74 -68.39
N ASP C 477 27.82 -30.13 -68.52
CA ASP C 477 28.94 -29.22 -68.42
C ASP C 477 29.60 -29.14 -69.79
N LEU C 478 30.63 -28.30 -69.90
CA LEU C 478 31.34 -28.16 -71.16
C LEU C 478 32.01 -29.45 -71.61
N ASP C 479 32.46 -30.29 -70.65
CA ASP C 479 33.07 -31.55 -71.00
C ASP C 479 32.04 -32.60 -71.43
N GLY C 480 30.82 -32.52 -70.92
CA GLY C 480 29.77 -33.44 -71.30
C GLY C 480 29.17 -34.19 -70.13
N SER C 481 29.78 -34.05 -68.95
CA SER C 481 29.26 -34.70 -67.76
C SER C 481 27.88 -34.15 -67.43
N THR C 482 26.94 -35.04 -67.13
CA THR C 482 25.56 -34.68 -66.89
C THR C 482 25.16 -35.06 -65.47
N ILE C 483 24.25 -34.26 -64.90
CA ILE C 483 23.73 -34.51 -63.56
C ILE C 483 22.21 -34.48 -63.65
N TYR C 484 21.57 -35.59 -63.31
CA TYR C 484 20.12 -35.69 -63.29
C TYR C 484 19.65 -35.60 -61.84
N ALA C 485 18.34 -35.78 -61.62
CA ALA C 485 17.81 -35.89 -60.28
C ALA C 485 17.33 -37.32 -60.04
N ASP C 486 16.83 -37.60 -58.84
CA ASP C 486 16.36 -38.94 -58.50
C ASP C 486 15.15 -39.37 -59.31
N SER C 487 14.26 -38.44 -59.66
CA SER C 487 13.05 -38.73 -60.40
C SER C 487 13.27 -38.63 -61.91
N VAL C 488 14.50 -38.41 -62.35
CA VAL C 488 14.80 -38.23 -63.76
C VAL C 488 15.76 -39.30 -64.29
N LYS C 489 16.63 -39.85 -63.45
CA LYS C 489 17.61 -40.85 -63.88
C LYS C 489 16.88 -42.05 -64.47
N GLY C 490 17.08 -42.28 -65.77
CA GLY C 490 16.42 -43.37 -66.48
C GLY C 490 15.10 -42.99 -67.11
N ARG C 491 14.57 -41.80 -66.83
CA ARG C 491 13.31 -41.39 -67.41
C ARG C 491 13.54 -40.38 -68.52
N PHE C 492 14.27 -39.31 -68.22
CA PHE C 492 14.60 -38.34 -69.25
C PHE C 492 16.06 -38.48 -69.66
N THR C 493 16.50 -37.58 -70.54
CA THR C 493 17.88 -37.47 -70.94
C THR C 493 18.18 -36.00 -71.21
N ILE C 494 19.41 -35.73 -71.62
CA ILE C 494 19.83 -34.37 -71.94
C ILE C 494 20.87 -34.44 -73.04
N SER C 495 20.68 -33.63 -74.08
CA SER C 495 21.58 -33.63 -75.23
C SER C 495 21.92 -32.21 -75.60
N GLN C 496 23.22 -32.00 -75.88
CA GLN C 496 23.73 -30.67 -76.20
C GLN C 496 24.93 -30.83 -77.13
N ASP C 497 24.93 -30.05 -78.21
CA ASP C 497 26.04 -30.06 -79.15
C ASP C 497 26.69 -28.68 -79.17
N ASN C 498 28.01 -28.66 -79.06
CA ASN C 498 28.78 -27.43 -79.08
C ASN C 498 29.05 -26.93 -80.49
N ALA C 499 28.78 -27.75 -81.51
CA ALA C 499 28.96 -27.31 -82.89
C ALA C 499 27.90 -26.29 -83.28
N LYS C 500 26.63 -26.69 -83.20
CA LYS C 500 25.53 -25.78 -83.49
C LYS C 500 25.10 -24.96 -82.28
N ASN C 501 25.64 -25.26 -81.10
CA ASN C 501 25.35 -24.52 -79.87
C ASN C 501 23.84 -24.49 -79.60
N THR C 502 23.25 -25.68 -79.48
CA THR C 502 21.81 -25.80 -79.28
C THR C 502 21.54 -26.84 -78.20
N LEU C 503 20.66 -26.50 -77.26
CA LEU C 503 20.33 -27.37 -76.14
C LEU C 503 19.11 -28.20 -76.48
N TYR C 504 19.20 -29.52 -76.31
CA TYR C 504 18.08 -30.41 -76.56
C TYR C 504 17.66 -31.12 -75.28
N LEU C 505 16.35 -31.32 -75.14
CA LEU C 505 15.80 -32.02 -73.99
C LEU C 505 14.73 -32.98 -74.47
N GLN C 506 14.86 -34.25 -74.11
CA GLN C 506 13.93 -35.29 -74.53
C GLN C 506 13.21 -35.83 -73.31
N MET C 507 11.88 -35.90 -73.40
CA MET C 507 11.04 -36.45 -72.36
C MET C 507 10.64 -37.88 -72.72
N ASN C 508 10.63 -38.76 -71.73
CA ASN C 508 10.19 -40.13 -71.91
C ASN C 508 9.43 -40.58 -70.68
N SER C 509 8.58 -41.59 -70.85
CA SER C 509 7.75 -42.11 -69.77
C SER C 509 6.92 -40.99 -69.15
N LEU C 510 6.01 -40.41 -69.93
CA LEU C 510 5.21 -39.30 -69.46
C LEU C 510 4.36 -39.70 -68.27
N LYS C 511 4.23 -38.79 -67.31
CA LYS C 511 3.41 -39.02 -66.12
C LYS C 511 2.70 -37.71 -65.77
N PRO C 512 1.52 -37.78 -65.16
CA PRO C 512 0.77 -36.55 -64.87
C PRO C 512 1.51 -35.57 -63.97
N GLU C 513 2.30 -36.06 -63.01
CA GLU C 513 3.00 -35.18 -62.09
C GLU C 513 4.08 -34.35 -62.78
N ASP C 514 4.57 -34.77 -63.94
CA ASP C 514 5.68 -34.11 -64.61
C ASP C 514 5.27 -32.80 -65.27
N THR C 515 3.97 -32.54 -65.42
CA THR C 515 3.49 -31.33 -66.09
C THR C 515 3.85 -30.11 -65.24
N ALA C 516 4.61 -29.19 -65.83
CA ALA C 516 5.00 -27.96 -65.14
C ALA C 516 5.42 -26.94 -66.20
N MET C 517 6.02 -25.85 -65.74
CA MET C 517 6.53 -24.79 -66.62
C MET C 517 8.04 -24.91 -66.64
N TYR C 518 8.60 -25.35 -67.77
CA TYR C 518 10.01 -25.69 -67.84
C TYR C 518 10.81 -24.54 -68.41
N TYR C 519 12.00 -24.34 -67.85
CA TYR C 519 12.85 -23.20 -68.19
C TYR C 519 14.24 -23.66 -68.57
N CYS C 520 14.88 -22.86 -69.43
CA CYS C 520 16.23 -23.11 -69.91
C CYS C 520 17.19 -22.14 -69.24
N ALA C 521 18.32 -22.67 -68.74
CA ALA C 521 19.29 -21.86 -68.02
C ALA C 521 20.68 -22.15 -68.56
N SER C 522 21.54 -21.14 -68.47
CA SER C 522 22.90 -21.24 -69.00
C SER C 522 23.82 -20.39 -68.14
N ARG C 523 25.12 -20.68 -68.24
CA ARG C 523 26.13 -19.94 -67.50
C ARG C 523 27.33 -19.71 -68.40
N THR C 524 27.84 -18.49 -68.40
CA THR C 524 29.04 -18.16 -69.16
C THR C 524 30.32 -18.24 -68.33
N ARG C 525 30.39 -17.48 -67.24
CA ARG C 525 31.59 -17.44 -66.42
C ARG C 525 31.73 -18.72 -65.63
N ALA C 526 32.92 -19.34 -65.69
CA ALA C 526 33.19 -20.57 -64.98
C ALA C 526 33.57 -20.26 -63.53
N GLY C 527 34.03 -21.29 -62.82
CA GLY C 527 34.45 -21.16 -61.43
C GLY C 527 33.50 -21.75 -60.43
N VAL C 528 32.42 -22.41 -60.83
CA VAL C 528 31.45 -22.99 -59.92
C VAL C 528 31.20 -24.43 -60.34
N THR C 529 31.17 -25.34 -59.36
CA THR C 529 30.84 -26.72 -59.64
C THR C 529 29.40 -26.84 -60.13
N CYS C 530 29.17 -27.81 -61.00
CA CYS C 530 27.83 -28.04 -61.54
C CYS C 530 26.91 -28.60 -60.46
N GLY C 531 25.64 -28.65 -60.79
CA GLY C 531 24.63 -29.17 -59.88
C GLY C 531 23.27 -28.57 -60.19
N LEU C 532 22.23 -29.29 -59.79
CA LEU C 532 20.86 -28.83 -60.00
C LEU C 532 20.53 -27.74 -58.99
N ASN C 533 21.04 -26.54 -59.21
CA ASN C 533 20.82 -25.42 -58.32
C ASN C 533 20.58 -24.17 -59.17
N TRP C 534 19.56 -23.40 -58.81
CA TRP C 534 19.16 -22.26 -59.62
C TRP C 534 19.93 -20.99 -59.31
N ALA C 535 20.79 -20.99 -58.29
CA ALA C 535 21.47 -19.79 -57.86
C ALA C 535 22.72 -19.48 -58.66
N ILE C 536 23.15 -20.39 -59.54
CA ILE C 536 24.43 -20.24 -60.22
C ILE C 536 24.29 -19.98 -61.71
N PHE C 537 23.08 -19.73 -62.21
CA PHE C 537 22.88 -19.52 -63.63
C PHE C 537 22.41 -18.09 -63.88
N SER C 538 23.03 -17.45 -64.87
CA SER C 538 22.85 -16.04 -65.14
C SER C 538 21.80 -15.74 -66.20
N TYR C 539 21.50 -16.69 -67.08
CA TYR C 539 20.57 -16.45 -68.17
C TYR C 539 19.44 -17.47 -68.13
N TRP C 540 18.21 -16.95 -68.05
CA TRP C 540 17.02 -17.80 -67.96
C TRP C 540 16.17 -17.56 -69.20
N GLY C 541 15.73 -18.65 -69.83
CA GLY C 541 14.85 -18.57 -70.97
C GLY C 541 13.45 -18.20 -70.55
N GLN C 542 12.63 -17.86 -71.55
CA GLN C 542 11.25 -17.46 -71.29
C GLN C 542 10.46 -18.60 -70.68
N GLY C 543 10.75 -19.83 -71.10
CA GLY C 543 10.08 -20.98 -70.51
C GLY C 543 8.86 -21.40 -71.30
N THR C 544 8.61 -22.71 -71.28
CA THR C 544 7.47 -23.29 -71.96
C THR C 544 6.64 -24.11 -70.98
N GLN C 545 5.33 -24.09 -71.16
CA GLN C 545 4.41 -24.87 -70.34
C GLN C 545 4.24 -26.24 -71.01
N VAL C 546 4.41 -27.30 -70.22
CA VAL C 546 4.40 -28.66 -70.73
C VAL C 546 3.32 -29.45 -70.02
N THR C 547 2.47 -30.12 -70.81
CA THR C 547 1.46 -31.03 -70.31
C THR C 547 1.77 -32.45 -70.82
N VAL C 548 0.92 -33.41 -70.46
CA VAL C 548 1.06 -34.78 -70.91
C VAL C 548 -0.16 -35.16 -71.72
N SER C 549 -0.03 -36.29 -72.42
CA SER C 549 -1.12 -36.79 -73.27
C SER C 549 -1.14 -38.31 -73.30
N LYS D 1 -3.70 -11.99 -35.68
CA LYS D 1 -2.39 -11.76 -35.06
C LYS D 1 -1.29 -12.42 -35.87
N GLY D 2 -0.10 -12.53 -35.27
CA GLY D 2 1.02 -13.17 -35.91
C GLY D 2 1.22 -14.61 -35.48
N CYS D 3 1.13 -14.85 -34.18
CA CYS D 3 1.32 -16.19 -33.65
C CYS D 3 0.04 -16.99 -33.71
N LEU D 4 0.01 -18.14 -33.05
CA LEU D 4 -1.12 -19.06 -33.14
C LEU D 4 -2.01 -19.05 -31.91
N SER D 5 -1.43 -19.07 -30.71
CA SER D 5 -2.25 -19.21 -29.51
C SER D 5 -3.03 -17.92 -29.25
N CYS D 6 -2.30 -16.84 -28.99
CA CYS D 6 -2.85 -15.49 -28.95
C CYS D 6 -4.13 -15.37 -28.12
N SER D 7 -4.03 -15.66 -26.82
CA SER D 7 -5.16 -15.44 -25.94
C SER D 7 -5.51 -13.96 -25.87
N LYS D 8 -6.81 -13.68 -25.82
CA LYS D 8 -7.34 -12.34 -26.03
C LYS D 8 -7.14 -11.42 -24.82
N ASP D 9 -6.36 -11.85 -23.84
CA ASP D 9 -6.11 -11.02 -22.67
C ASP D 9 -4.62 -10.96 -22.35
N ASN D 10 -3.88 -11.96 -22.80
CA ASN D 10 -2.47 -12.12 -22.46
C ASN D 10 -1.54 -11.94 -23.65
N GLY D 11 -2.07 -11.82 -24.86
CA GLY D 11 -1.27 -11.73 -26.05
C GLY D 11 -0.96 -13.10 -26.59
N CYS D 12 -0.07 -13.15 -27.57
CA CYS D 12 0.31 -14.41 -28.18
C CYS D 12 1.42 -15.08 -27.37
N SER D 13 1.02 -16.06 -26.56
CA SER D 13 1.91 -16.67 -25.58
C SER D 13 3.11 -17.36 -26.22
N ARG D 14 2.88 -18.41 -27.00
CA ARG D 14 3.95 -19.18 -27.61
C ARG D 14 3.98 -18.91 -29.11
N CYS D 15 5.08 -18.32 -29.57
CA CYS D 15 5.20 -17.93 -30.97
C CYS D 15 5.58 -19.12 -31.83
N GLN D 16 5.88 -18.87 -33.11
CA GLN D 16 6.18 -19.96 -34.04
C GLN D 16 7.66 -20.32 -33.99
N GLN D 17 8.11 -21.14 -34.94
CA GLN D 17 9.46 -21.66 -34.93
C GLN D 17 10.47 -20.75 -35.61
N LYS D 18 10.04 -19.77 -36.37
CA LYS D 18 10.97 -18.87 -37.07
C LYS D 18 10.62 -17.40 -36.90
N LEU D 19 9.86 -17.03 -35.88
CA LEU D 19 9.54 -15.63 -35.62
C LEU D 19 9.97 -15.27 -34.20
N PHE D 20 10.13 -13.98 -33.96
CA PHE D 20 10.60 -13.51 -32.67
C PHE D 20 9.44 -13.29 -31.72
N PHE D 21 9.76 -12.97 -30.46
CA PHE D 21 8.74 -12.86 -29.41
C PHE D 21 9.06 -11.65 -28.57
N PHE D 22 8.35 -10.56 -28.82
CA PHE D 22 8.63 -9.27 -28.20
C PHE D 22 7.52 -8.84 -27.27
N LEU D 23 7.88 -8.52 -26.03
CA LEU D 23 6.90 -8.17 -24.99
C LEU D 23 6.64 -6.67 -25.02
N ARG D 24 5.52 -6.29 -25.60
CA ARG D 24 5.11 -4.89 -25.72
C ARG D 24 4.18 -4.55 -24.56
N ARG D 25 4.65 -3.73 -23.63
CA ARG D 25 3.83 -3.29 -22.51
C ARG D 25 3.58 -1.79 -22.62
N GLU D 26 2.31 -1.40 -22.65
CA GLU D 26 1.93 0.00 -22.62
C GLU D 26 0.86 0.17 -21.55
N GLY D 27 0.94 1.28 -20.83
CA GLY D 27 0.06 1.48 -19.70
C GLY D 27 0.29 0.45 -18.62
N MET D 28 -0.60 -0.52 -18.51
CA MET D 28 -0.45 -1.58 -17.53
C MET D 28 -0.27 -2.94 -18.19
N ARG D 29 -1.08 -3.22 -19.21
CA ARG D 29 -1.08 -4.53 -19.83
C ARG D 29 0.22 -4.78 -20.58
N GLN D 30 0.72 -6.01 -20.47
CA GLN D 30 1.92 -6.44 -21.17
C GLN D 30 1.57 -7.69 -21.96
N TYR D 31 1.84 -7.66 -23.26
CA TYR D 31 1.51 -8.78 -24.13
C TYR D 31 2.56 -8.85 -25.22
N GLY D 32 2.63 -10.00 -25.89
CA GLY D 32 3.64 -10.19 -26.90
C GLY D 32 3.05 -10.88 -28.11
N GLU D 33 3.73 -10.70 -29.24
CA GLU D 33 3.27 -11.25 -30.50
C GLU D 33 4.48 -11.56 -31.36
N CYS D 34 4.29 -12.42 -32.36
CA CYS D 34 5.37 -12.83 -33.26
C CYS D 34 5.78 -11.62 -34.10
N LEU D 35 7.09 -11.41 -34.22
CA LEU D 35 7.65 -10.40 -35.10
C LEU D 35 8.69 -11.01 -36.01
N HIS D 36 8.77 -10.52 -37.25
CA HIS D 36 9.78 -11.01 -38.17
C HIS D 36 11.16 -10.47 -37.83
N SER D 37 11.23 -9.27 -37.27
CA SER D 37 12.50 -8.65 -36.92
C SER D 37 12.30 -7.83 -35.65
N CYS D 38 13.39 -7.64 -34.90
CA CYS D 38 13.33 -6.77 -33.74
C CYS D 38 13.03 -5.34 -34.18
N PRO D 39 12.09 -4.67 -33.52
CA PRO D 39 11.59 -3.39 -34.02
C PRO D 39 12.65 -2.30 -34.13
N SER D 40 13.24 -1.91 -33.01
CA SER D 40 14.21 -0.82 -32.99
C SER D 40 14.85 -0.77 -31.61
N GLY D 41 16.16 -0.61 -31.57
CA GLY D 41 16.88 -0.69 -30.31
C GLY D 41 16.81 -2.03 -29.65
N TYR D 42 16.67 -3.10 -30.42
CA TYR D 42 16.65 -4.46 -29.90
C TYR D 42 17.56 -5.31 -30.80
N TYR D 43 17.94 -6.48 -30.31
CA TYR D 43 18.74 -7.39 -31.12
C TYR D 43 18.16 -8.78 -31.04
N GLY D 44 17.84 -9.34 -32.20
CA GLY D 44 17.31 -10.69 -32.25
C GLY D 44 18.31 -11.70 -31.72
N HIS D 45 17.77 -12.75 -31.10
CA HIS D 45 18.61 -13.78 -30.49
C HIS D 45 17.90 -15.10 -30.69
N ARG D 46 18.26 -15.81 -31.77
CA ARG D 46 17.56 -17.04 -32.08
C ARG D 46 18.00 -18.17 -31.15
N ALA D 47 17.11 -19.13 -30.98
CA ALA D 47 17.32 -20.24 -30.07
C ALA D 47 16.53 -21.42 -30.59
N PRO D 48 16.94 -22.65 -30.26
CA PRO D 48 16.23 -23.83 -30.79
C PRO D 48 14.84 -24.02 -30.22
N ASP D 49 14.45 -23.26 -29.19
CA ASP D 49 13.14 -23.40 -28.58
C ASP D 49 12.25 -22.17 -28.75
N MET D 50 12.78 -20.97 -28.48
CA MET D 50 11.95 -19.77 -28.56
C MET D 50 12.83 -18.59 -28.91
N ASN D 51 12.52 -17.91 -30.01
CA ASN D 51 13.29 -16.75 -30.43
C ASN D 51 12.92 -15.54 -29.59
N ARG D 52 13.88 -15.03 -28.84
CA ARG D 52 13.64 -13.90 -27.96
C ARG D 52 14.24 -12.64 -28.58
N CYS D 53 13.43 -11.59 -28.71
CA CYS D 53 13.94 -10.31 -29.16
C CYS D 53 14.35 -9.50 -27.93
N ALA D 54 15.63 -9.58 -27.57
CA ALA D 54 16.12 -8.97 -26.34
C ALA D 54 16.45 -7.50 -26.56
N ARG D 55 16.76 -6.82 -25.47
CA ARG D 55 16.98 -5.38 -25.45
C ARG D 55 18.47 -5.07 -25.45
N CYS D 56 18.86 -4.03 -26.19
CA CYS D 56 20.24 -3.61 -26.26
C CYS D 56 20.68 -2.97 -24.93
N ARG D 57 21.98 -3.01 -24.68
CA ARG D 57 22.55 -2.41 -23.49
C ARG D 57 23.70 -1.45 -23.79
N ILE D 58 24.22 -1.45 -25.01
CA ILE D 58 25.27 -0.51 -25.38
C ILE D 58 24.65 0.87 -25.53
N GLU D 59 25.25 1.87 -24.89
CA GLU D 59 24.70 3.21 -24.85
C GLU D 59 24.89 3.92 -26.19
N ASN D 60 24.06 4.93 -26.41
CA ASN D 60 24.12 5.76 -27.62
C ASN D 60 23.92 4.93 -28.88
N CYS D 61 23.15 3.85 -28.77
CA CYS D 61 22.91 2.94 -29.88
C CYS D 61 21.43 2.92 -30.21
N ASP D 62 21.10 3.22 -31.46
CA ASP D 62 19.71 3.21 -31.90
C ASP D 62 19.31 1.89 -32.54
N SER D 63 20.27 1.09 -32.99
CA SER D 63 19.98 -0.21 -33.57
C SER D 63 21.24 -1.05 -33.47
N CYS D 64 21.12 -2.23 -32.86
CA CYS D 64 22.27 -3.07 -32.56
C CYS D 64 22.23 -4.37 -33.35
N PHE D 65 23.29 -5.14 -33.22
CA PHE D 65 23.45 -6.43 -33.87
C PHE D 65 23.55 -7.57 -32.87
N SER D 66 24.21 -7.33 -31.74
CA SER D 66 24.28 -8.29 -30.64
C SER D 66 24.15 -7.54 -29.33
N LYS D 67 24.48 -8.19 -28.22
CA LYS D 67 24.42 -7.52 -26.93
C LYS D 67 25.54 -6.51 -26.75
N ASP D 68 26.55 -6.51 -27.62
CA ASP D 68 27.69 -5.62 -27.44
C ASP D 68 28.04 -4.87 -28.72
N PHE D 69 27.64 -5.40 -29.87
CA PHE D 69 27.97 -4.78 -31.14
C PHE D 69 26.82 -3.89 -31.61
N CYS D 70 27.10 -2.61 -31.80
CA CYS D 70 26.10 -1.65 -32.25
C CYS D 70 26.23 -1.41 -33.74
N THR D 71 25.10 -1.44 -34.44
CA THR D 71 25.10 -1.25 -35.88
C THR D 71 25.00 0.22 -36.27
N LYS D 72 23.93 0.89 -35.85
CA LYS D 72 23.76 2.32 -36.10
C LYS D 72 23.76 3.04 -34.76
N CYS D 73 24.73 3.94 -34.58
CA CYS D 73 24.88 4.64 -33.32
C CYS D 73 23.93 5.83 -33.26
N LYS D 74 24.00 6.59 -32.17
CA LYS D 74 23.16 7.77 -32.00
C LYS D 74 23.61 8.88 -32.96
N VAL D 75 22.71 9.84 -33.18
CA VAL D 75 23.00 10.93 -34.10
C VAL D 75 24.10 11.86 -33.63
N GLY D 76 24.63 11.65 -32.43
CA GLY D 76 25.67 12.52 -31.92
C GLY D 76 27.02 11.85 -31.76
N PHE D 77 27.10 10.55 -32.08
CA PHE D 77 28.34 9.81 -31.95
C PHE D 77 28.57 8.99 -33.21
N TYR D 78 29.83 8.87 -33.60
CA TYR D 78 30.22 8.01 -34.71
C TYR D 78 30.79 6.71 -34.18
N LEU D 79 30.76 5.69 -35.03
CA LEU D 79 31.14 4.33 -34.64
C LEU D 79 32.44 3.94 -35.31
N HIS D 80 33.30 3.27 -34.55
CA HIS D 80 34.60 2.85 -35.04
C HIS D 80 34.69 1.38 -35.36
N ARG D 81 34.40 0.51 -34.39
CA ARG D 81 34.30 -0.92 -34.69
C ARG D 81 32.88 -1.40 -34.44
N GLY D 82 32.45 -1.34 -33.17
CA GLY D 82 31.08 -1.65 -32.83
C GLY D 82 30.53 -0.72 -31.79
N ARG D 83 31.37 0.15 -31.27
CA ARG D 83 31.02 1.06 -30.19
C ARG D 83 30.53 2.38 -30.78
N CYS D 84 30.09 3.27 -29.88
CA CYS D 84 29.64 4.61 -30.26
C CYS D 84 30.57 5.63 -29.59
N PHE D 85 31.65 5.96 -30.28
CA PHE D 85 32.65 6.86 -29.73
C PHE D 85 32.33 8.32 -30.08
N ASP D 86 32.84 9.22 -29.26
CA ASP D 86 32.82 10.65 -29.54
C ASP D 86 34.15 11.15 -30.10
N GLU D 87 35.23 10.39 -29.93
CA GLU D 87 36.55 10.74 -30.44
C GLU D 87 36.96 9.73 -31.48
N CYS D 88 37.35 10.22 -32.66
CA CYS D 88 37.82 9.36 -33.73
C CYS D 88 39.34 9.30 -33.70
N PRO D 89 39.94 8.15 -33.43
CA PRO D 89 41.41 8.07 -33.38
C PRO D 89 42.02 8.30 -34.75
N ALA D 90 43.34 8.57 -34.72
CA ALA D 90 44.07 8.88 -35.93
C ALA D 90 44.16 7.66 -36.85
N GLY D 91 44.44 7.93 -38.12
CA GLY D 91 44.48 6.88 -39.12
C GLY D 91 43.13 6.49 -39.68
N PHE D 92 42.05 7.16 -39.27
CA PHE D 92 40.72 6.84 -39.77
C PHE D 92 40.00 8.11 -40.22
N ALA D 93 39.00 7.95 -41.08
CA ALA D 93 38.23 9.09 -41.56
C ALA D 93 37.47 9.73 -40.40
N PRO D 94 37.50 11.06 -40.30
CA PRO D 94 36.88 11.73 -39.15
C PRO D 94 35.39 11.46 -39.03
N LEU D 95 34.61 11.86 -40.03
CA LEU D 95 33.18 11.54 -40.03
C LEU D 95 32.69 11.11 -41.41
N ASP D 96 33.40 11.52 -42.45
CA ASP D 96 32.99 11.28 -43.85
C ASP D 96 31.59 11.80 -44.12
N GLU D 97 31.13 12.78 -43.34
CA GLU D 97 29.80 13.37 -43.47
C GLU D 97 28.70 12.33 -43.36
N THR D 98 29.00 11.18 -42.73
CA THR D 98 28.00 10.13 -42.57
C THR D 98 28.04 9.51 -41.17
N MET D 99 28.61 10.20 -40.18
CA MET D 99 28.66 9.74 -38.79
C MET D 99 29.37 8.39 -38.69
N GLU D 100 30.65 8.36 -39.04
CA GLU D 100 31.47 7.16 -38.92
C GLU D 100 32.85 7.58 -38.46
N CYS D 101 33.75 6.61 -38.35
CA CYS D 101 35.13 6.88 -37.97
C CYS D 101 36.07 5.85 -38.55
N CYS E 1 32.68 39.86 -5.26
CA CYS E 1 31.67 38.92 -4.78
C CYS E 1 31.83 37.55 -5.44
N SER E 2 30.77 37.11 -6.11
CA SER E 2 30.77 35.86 -6.86
C SER E 2 30.29 36.16 -8.28
N CYS E 3 31.21 36.54 -9.15
CA CYS E 3 30.89 36.84 -10.53
C CYS E 3 30.58 35.56 -11.30
N ASP E 4 29.65 35.68 -12.25
CA ASP E 4 29.30 34.54 -13.10
C ASP E 4 29.57 34.87 -14.56
N GLY E 5 29.53 33.87 -15.42
CA GLY E 5 29.85 34.06 -16.82
C GLY E 5 28.67 34.44 -17.68
N ASP E 6 27.51 34.63 -17.04
CA ASP E 6 26.30 35.03 -17.73
C ASP E 6 25.97 36.50 -17.53
N ARG E 7 27.00 37.34 -17.37
CA ARG E 7 26.85 38.78 -17.19
C ARG E 7 26.04 39.11 -15.94
N ARG E 8 26.07 38.23 -14.93
CA ARG E 8 25.34 38.41 -13.70
C ARG E 8 26.27 38.17 -12.52
N VAL E 9 26.19 39.03 -11.51
CA VAL E 9 27.02 38.93 -10.31
C VAL E 9 26.10 38.95 -9.11
N ASP E 10 26.31 38.01 -8.18
CA ASP E 10 25.54 37.94 -6.96
C ASP E 10 26.42 38.33 -5.78
N CYS E 11 25.95 39.25 -4.95
CA CYS E 11 26.65 39.68 -3.75
C CYS E 11 25.83 39.41 -2.49
N SER E 12 25.08 38.31 -2.50
CA SER E 12 24.28 37.94 -1.34
C SER E 12 25.13 37.10 -0.40
N GLY E 13 25.28 37.56 0.84
CA GLY E 13 26.06 36.84 1.83
C GLY E 13 27.43 37.44 2.06
N LYS E 14 27.49 38.78 2.03
CA LYS E 14 28.75 39.49 2.24
C LYS E 14 28.59 40.35 3.48
N GLY E 15 27.49 41.08 3.62
CA GLY E 15 27.27 41.91 4.79
C GLY E 15 27.91 43.28 4.66
N LEU E 16 28.42 43.58 3.46
CA LEU E 16 29.10 44.85 3.25
C LEU E 16 28.13 46.02 3.33
N THR E 17 28.66 47.17 3.71
CA THR E 17 27.86 48.37 3.95
C THR E 17 28.12 49.44 2.91
N ALA E 18 28.48 49.04 1.70
CA ALA E 18 28.74 49.99 0.61
C ALA E 18 28.55 49.25 -0.71
N VAL E 19 28.80 49.94 -1.81
CA VAL E 19 28.72 49.38 -3.15
C VAL E 19 29.95 48.50 -3.38
N PRO E 20 29.79 47.29 -3.89
CA PRO E 20 30.97 46.43 -4.10
C PRO E 20 31.86 46.94 -5.23
N GLU E 21 33.01 47.48 -4.87
CA GLU E 21 33.95 47.99 -5.85
C GLU E 21 34.81 46.86 -6.40
N GLY E 22 35.53 47.17 -7.49
CA GLY E 22 36.40 46.21 -8.12
C GLY E 22 35.72 45.24 -9.04
N LEU E 23 34.39 45.32 -9.17
CA LEU E 23 33.66 44.43 -10.07
C LEU E 23 33.84 44.90 -11.51
N SER E 24 33.85 43.94 -12.43
CA SER E 24 34.05 44.26 -13.84
C SER E 24 32.88 45.07 -14.38
N ALA E 25 33.17 45.87 -15.41
CA ALA E 25 32.12 46.64 -16.08
C ALA E 25 31.18 45.76 -16.89
N PHE E 26 31.52 44.50 -17.09
CA PHE E 26 30.65 43.55 -17.78
C PHE E 26 29.73 42.82 -16.82
N THR E 27 28.97 43.56 -16.02
CA THR E 27 28.01 43.00 -15.09
C THR E 27 26.65 43.61 -15.40
N GLN E 28 25.70 42.79 -15.84
CA GLN E 28 24.39 43.28 -16.22
C GLN E 28 23.39 43.25 -15.08
N ALA E 29 23.46 42.24 -14.21
CA ALA E 29 22.55 42.11 -13.08
C ALA E 29 23.35 42.09 -11.79
N LEU E 30 22.97 42.95 -10.85
CA LEU E 30 23.62 43.04 -9.56
C LEU E 30 22.63 42.58 -8.49
N ASP E 31 23.05 41.64 -7.65
CA ASP E 31 22.19 41.06 -6.63
C ASP E 31 22.68 41.51 -5.27
N ILE E 32 21.94 42.43 -4.65
CA ILE E 32 22.30 43.00 -3.35
C ILE E 32 21.09 42.83 -2.45
N SER E 33 21.04 41.73 -1.70
CA SER E 33 19.88 41.50 -0.85
C SER E 33 20.25 41.20 0.60
N MET E 34 21.33 40.45 0.81
CA MET E 34 21.69 40.06 2.16
C MET E 34 22.32 41.23 2.92
N ASN E 35 23.34 41.84 2.33
CA ASN E 35 24.08 42.90 3.00
C ASN E 35 23.19 44.12 3.22
N ASN E 36 23.63 45.00 4.10
CA ASN E 36 22.88 46.19 4.47
C ASN E 36 23.63 47.44 4.03
N ILE E 37 22.93 48.27 3.26
CA ILE E 37 23.45 49.56 2.81
C ILE E 37 22.53 50.65 3.34
N THR E 38 23.05 51.47 4.25
CA THR E 38 22.21 52.51 4.85
C THR E 38 22.10 53.72 3.94
N GLN E 39 23.08 53.93 3.06
CA GLN E 39 23.13 55.12 2.24
C GLN E 39 23.86 54.83 0.94
N LEU E 40 23.32 55.31 -0.17
CA LEU E 40 24.00 55.20 -1.45
C LEU E 40 24.92 56.40 -1.66
N PRO E 41 26.21 56.18 -1.86
CA PRO E 41 27.11 57.31 -2.12
C PRO E 41 26.80 57.97 -3.45
N GLU E 42 27.21 59.23 -3.56
CA GLU E 42 27.00 59.97 -4.80
C GLU E 42 27.82 59.36 -5.92
N ASP E 43 27.15 59.05 -7.04
CA ASP E 43 27.80 58.48 -8.22
C ASP E 43 28.58 57.22 -7.89
N ALA E 44 28.02 56.38 -7.02
CA ALA E 44 28.64 55.11 -6.68
C ALA E 44 28.39 54.03 -7.72
N PHE E 45 27.51 54.28 -8.69
CA PHE E 45 27.20 53.32 -9.74
C PHE E 45 27.68 53.78 -11.11
N ALA E 46 28.85 54.43 -11.17
CA ALA E 46 29.41 54.89 -12.42
C ALA E 46 30.41 53.92 -13.04
N ASN E 47 30.98 53.02 -12.24
CA ASN E 47 32.02 52.14 -12.73
C ASN E 47 31.49 51.01 -13.61
N PHE E 48 30.22 50.64 -13.47
CA PHE E 48 29.63 49.57 -14.26
C PHE E 48 28.32 50.06 -14.89
N PRO E 49 28.39 50.89 -15.92
CA PRO E 49 27.17 51.33 -16.60
C PRO E 49 26.54 50.27 -17.49
N PHE E 50 27.22 49.14 -17.71
CA PHE E 50 26.68 48.08 -18.56
C PHE E 50 25.87 47.09 -17.72
N LEU E 51 24.91 47.63 -16.98
CA LEU E 51 24.02 46.84 -16.15
C LEU E 51 22.58 47.10 -16.54
N GLU E 52 21.73 46.12 -16.28
CA GLU E 52 20.34 46.17 -16.70
C GLU E 52 19.37 45.98 -15.55
N GLU E 53 19.77 45.28 -14.50
CA GLU E 53 18.95 45.05 -13.32
C GLU E 53 19.73 45.40 -12.07
N LEU E 54 19.00 45.84 -11.04
CA LEU E 54 19.63 46.28 -9.80
C LEU E 54 18.66 45.99 -8.66
N GLN E 55 18.96 44.97 -7.86
CA GLN E 55 18.14 44.60 -6.72
C GLN E 55 18.84 45.05 -5.44
N LEU E 56 18.16 45.88 -4.66
CA LEU E 56 18.66 46.32 -3.36
C LEU E 56 17.70 45.87 -2.27
N ALA E 57 16.98 44.80 -2.53
CA ALA E 57 15.89 44.33 -1.67
C ALA E 57 16.45 43.82 -0.35
N GLY E 58 16.20 44.56 0.72
CA GLY E 58 16.52 44.08 2.05
C GLY E 58 17.56 44.91 2.78
N ASN E 59 18.08 45.94 2.12
CA ASN E 59 18.99 46.87 2.75
C ASN E 59 18.18 47.86 3.55
N ASP E 60 18.68 48.23 4.73
CA ASP E 60 18.07 49.32 5.49
C ASP E 60 18.47 50.66 4.85
N LEU E 61 17.98 50.85 3.64
CA LEU E 61 18.36 52.01 2.83
C LEU E 61 17.54 53.22 3.28
N SER E 62 18.23 54.25 3.76
CA SER E 62 17.57 55.45 4.26
C SER E 62 17.75 56.66 3.37
N PHE E 63 18.87 56.76 2.66
CA PHE E 63 19.13 57.93 1.82
C PHE E 63 19.78 57.46 0.54
N ILE E 64 19.34 58.00 -0.59
CA ILE E 64 19.93 57.74 -1.89
C ILE E 64 20.19 59.08 -2.55
N HIS E 65 21.46 59.33 -2.89
CA HIS E 65 21.85 60.64 -3.41
C HIS E 65 21.19 60.89 -4.76
N PRO E 66 20.79 62.13 -5.03
CA PRO E 66 20.09 62.41 -6.29
C PRO E 66 20.88 62.02 -7.53
N LYS E 67 22.20 62.15 -7.49
CA LYS E 67 23.04 61.80 -8.63
C LYS E 67 23.57 60.37 -8.56
N ALA E 68 23.20 59.61 -7.53
CA ALA E 68 23.73 58.26 -7.38
C ALA E 68 23.30 57.36 -8.53
N LEU E 69 22.08 57.53 -9.03
CA LEU E 69 21.55 56.69 -10.11
C LEU E 69 21.69 57.35 -11.48
N SER E 70 22.32 58.51 -11.56
CA SER E 70 22.49 59.17 -12.84
C SER E 70 23.46 58.40 -13.73
N GLY E 71 23.27 58.55 -15.03
CA GLY E 71 24.16 57.92 -15.99
C GLY E 71 23.94 56.43 -16.19
N LEU E 72 22.77 55.93 -15.85
CA LEU E 72 22.42 54.52 -16.05
C LEU E 72 21.23 54.46 -16.99
N LYS E 73 21.51 54.40 -18.30
CA LYS E 73 20.48 54.35 -19.32
C LYS E 73 20.24 52.94 -19.84
N GLU E 74 20.87 51.94 -19.24
CA GLU E 74 20.65 50.55 -19.61
C GLU E 74 19.89 49.78 -18.54
N LEU E 75 19.56 50.41 -17.42
CA LEU E 75 18.84 49.76 -16.34
C LEU E 75 17.38 49.60 -16.74
N LYS E 76 16.85 48.38 -16.59
CA LYS E 76 15.46 48.11 -16.92
C LYS E 76 14.61 47.70 -15.72
N VAL E 77 15.18 46.96 -14.77
CA VAL E 77 14.46 46.51 -13.60
C VAL E 77 15.14 47.08 -12.36
N LEU E 78 14.41 47.85 -11.57
CA LEU E 78 14.92 48.44 -10.33
C LEU E 78 14.11 47.86 -9.19
N THR E 79 14.79 47.23 -8.24
CA THR E 79 14.12 46.60 -7.10
C THR E 79 14.61 47.27 -5.82
N LEU E 80 13.70 47.97 -5.15
CA LEU E 80 13.95 48.57 -3.84
C LEU E 80 12.90 48.02 -2.89
N GLN E 81 12.73 46.69 -2.93
CA GLN E 81 11.60 46.01 -2.32
C GLN E 81 11.40 46.34 -0.85
N ASN E 82 12.36 46.00 -0.01
CA ASN E 82 12.19 46.13 1.43
C ASN E 82 13.29 47.05 1.96
N ASN E 83 12.91 48.29 2.28
CA ASN E 83 13.86 49.30 2.73
C ASN E 83 13.18 50.22 3.72
N GLN E 84 13.82 51.36 3.98
CA GLN E 84 13.32 52.37 4.91
C GLN E 84 13.18 53.72 4.21
N LEU E 85 12.94 53.70 2.91
CA LEU E 85 12.70 54.93 2.16
C LEU E 85 11.36 55.49 2.61
N LYS E 86 11.39 56.52 3.45
CA LYS E 86 10.15 57.10 3.96
C LYS E 86 9.35 57.79 2.86
N THR E 87 9.99 58.15 1.75
CA THR E 87 9.30 58.85 0.68
C THR E 87 9.82 58.34 -0.66
N VAL E 88 8.96 58.32 -1.66
CA VAL E 88 9.40 57.93 -3.00
C VAL E 88 10.52 58.86 -3.45
N PRO E 89 11.64 58.35 -3.93
CA PRO E 89 12.70 59.24 -4.43
C PRO E 89 12.29 59.86 -5.75
N SER E 90 11.95 61.15 -5.70
CA SER E 90 11.52 61.88 -6.89
C SER E 90 12.66 62.54 -7.63
N GLU E 91 13.86 62.62 -7.03
CA GLU E 91 15.02 63.17 -7.72
C GLU E 91 16.08 62.14 -8.03
N ALA E 92 16.07 61.00 -7.35
CA ALA E 92 17.05 59.96 -7.62
C ALA E 92 16.75 59.23 -8.92
N ILE E 93 15.48 58.93 -9.18
CA ILE E 93 15.11 58.13 -10.34
C ILE E 93 14.80 58.97 -11.57
N ARG E 94 14.60 60.27 -11.42
CA ARG E 94 14.24 61.12 -12.54
C ARG E 94 15.41 61.17 -13.52
N GLY E 95 15.24 60.51 -14.66
CA GLY E 95 16.29 60.46 -15.67
C GLY E 95 16.47 59.08 -16.26
N LEU E 96 15.81 58.09 -15.67
CA LEU E 96 15.91 56.70 -16.15
C LEU E 96 14.88 56.50 -17.26
N SER E 97 15.33 56.60 -18.51
CA SER E 97 14.44 56.45 -19.65
C SER E 97 14.34 55.02 -20.15
N ALA E 98 15.05 54.08 -19.53
CA ALA E 98 14.97 52.69 -19.92
C ALA E 98 14.36 51.80 -18.84
N LEU E 99 13.92 52.39 -17.72
CA LEU E 99 13.37 51.60 -16.63
C LEU E 99 12.00 51.03 -17.02
N GLN E 100 11.74 49.79 -16.62
CA GLN E 100 10.47 49.15 -16.89
C GLN E 100 9.72 48.69 -15.65
N SER E 101 10.43 48.25 -14.61
CA SER E 101 9.80 47.73 -13.40
C SER E 101 10.36 48.49 -12.21
N LEU E 102 9.48 48.92 -11.31
CA LEU E 102 9.86 49.71 -10.15
C LEU E 102 9.16 49.12 -8.93
N ARG E 103 9.90 48.42 -8.07
CA ARG E 103 9.33 47.82 -6.87
C ARG E 103 9.67 48.70 -5.67
N LEU E 104 8.64 49.17 -4.97
CA LEU E 104 8.79 49.97 -3.76
C LEU E 104 7.88 49.38 -2.68
N ASP E 105 7.97 48.07 -2.50
CA ASP E 105 6.95 47.36 -1.75
C ASP E 105 6.96 47.70 -0.26
N ALA E 106 8.03 47.35 0.44
CA ALA E 106 8.05 47.47 1.90
C ALA E 106 9.01 48.59 2.28
N ASN E 107 8.50 49.82 2.26
CA ASN E 107 9.22 50.97 2.77
C ASN E 107 8.17 52.05 3.02
N HIS E 108 8.10 52.56 4.24
CA HIS E 108 6.92 53.25 4.73
C HIS E 108 6.81 54.60 4.04
N ILE E 109 6.19 54.57 2.86
CA ILE E 109 6.02 55.76 2.03
C ILE E 109 4.81 56.52 2.56
N THR E 110 5.07 57.53 3.39
CA THR E 110 3.98 58.33 3.93
C THR E 110 3.48 59.34 2.90
N SER E 111 4.35 59.76 1.98
CA SER E 111 4.01 60.82 1.05
C SER E 111 4.71 60.59 -0.27
N VAL E 112 4.17 61.20 -1.32
CA VAL E 112 4.75 61.14 -2.65
C VAL E 112 4.91 62.58 -3.15
N PRO E 113 6.09 62.98 -3.61
CA PRO E 113 6.24 64.32 -4.17
C PRO E 113 5.42 64.48 -5.44
N GLU E 114 4.99 65.72 -5.69
CA GLU E 114 4.13 65.99 -6.83
C GLU E 114 4.86 65.75 -8.15
N ASP E 115 6.12 66.14 -8.26
CA ASP E 115 6.89 65.96 -9.47
C ASP E 115 7.44 64.54 -9.61
N SER E 116 7.09 63.65 -8.70
CA SER E 116 7.61 62.28 -8.74
C SER E 116 7.18 61.58 -10.02
N PHE E 117 7.97 60.57 -10.39
CA PHE E 117 7.72 59.78 -11.60
C PHE E 117 7.69 60.68 -12.84
N GLU E 118 8.74 61.49 -12.99
CA GLU E 118 8.87 62.43 -14.08
C GLU E 118 9.91 61.92 -15.06
N GLY E 119 9.53 61.80 -16.33
CA GLY E 119 10.42 61.30 -17.35
C GLY E 119 10.40 59.80 -17.54
N LEU E 120 9.63 59.06 -16.74
CA LEU E 120 9.54 57.61 -16.87
C LEU E 120 8.69 57.28 -18.08
N VAL E 121 9.34 57.25 -19.24
CA VAL E 121 8.61 57.00 -20.49
C VAL E 121 8.50 55.51 -20.82
N GLN E 122 9.23 54.65 -20.13
CA GLN E 122 9.20 53.21 -20.41
C GLN E 122 8.70 52.39 -19.24
N LEU E 123 8.03 53.00 -18.28
CA LEU E 123 7.57 52.26 -17.12
C LEU E 123 6.43 51.32 -17.50
N ARG E 124 6.53 50.07 -17.07
CA ARG E 124 5.55 49.04 -17.38
C ARG E 124 4.78 48.58 -16.15
N HIS E 125 5.48 48.22 -15.09
CA HIS E 125 4.87 47.78 -13.85
C HIS E 125 5.24 48.75 -12.73
N LEU E 126 4.56 48.60 -11.59
CA LEU E 126 4.82 49.46 -10.44
C LEU E 126 4.18 48.85 -9.21
N TRP E 127 4.94 48.75 -8.12
CA TRP E 127 4.44 48.21 -6.86
C TRP E 127 4.50 49.32 -5.81
N LEU E 128 3.40 49.51 -5.09
CA LEU E 128 3.36 50.42 -3.96
C LEU E 128 2.54 49.79 -2.83
N ASP E 129 2.77 48.51 -2.58
CA ASP E 129 1.83 47.70 -1.79
C ASP E 129 1.92 47.94 -0.28
N ASP E 130 3.07 47.64 0.31
CA ASP E 130 3.15 47.59 1.77
C ASP E 130 3.83 48.85 2.31
N ASN E 131 3.03 49.90 2.45
CA ASN E 131 3.48 51.15 3.03
C ASN E 131 2.29 51.78 3.73
N SER E 132 2.39 53.07 4.02
CA SER E 132 1.27 53.79 4.61
C SER E 132 1.05 55.07 3.82
N LEU E 133 0.28 54.95 2.75
CA LEU E 133 -0.19 56.12 2.01
C LEU E 133 -1.43 56.67 2.70
N THR E 134 -1.98 57.76 2.19
CA THR E 134 -3.25 58.28 2.66
C THR E 134 -4.28 58.38 1.55
N GLU E 135 -3.88 58.85 0.37
CA GLU E 135 -4.76 58.91 -0.79
C GLU E 135 -3.95 58.54 -2.02
N VAL E 136 -4.65 58.14 -3.08
CA VAL E 136 -4.01 57.79 -4.34
C VAL E 136 -3.30 59.02 -4.89
N PRO E 137 -2.09 58.89 -5.40
CA PRO E 137 -1.43 60.05 -6.01
C PRO E 137 -1.95 60.31 -7.40
N VAL E 138 -2.77 61.35 -7.57
CA VAL E 138 -3.40 61.62 -8.85
C VAL E 138 -2.44 62.25 -9.83
N HIS E 139 -1.91 63.43 -9.49
CA HIS E 139 -0.95 64.09 -10.38
C HIS E 139 0.31 63.25 -10.59
N PRO E 140 0.93 62.65 -9.58
CA PRO E 140 2.10 61.81 -9.85
C PRO E 140 1.82 60.67 -10.81
N LEU E 141 0.66 60.04 -10.72
CA LEU E 141 0.30 58.95 -11.63
C LEU E 141 -0.16 59.44 -12.98
N SER E 142 -0.53 60.72 -13.10
CA SER E 142 -0.94 61.29 -14.37
C SER E 142 0.23 61.62 -15.27
N ASN E 143 1.42 61.14 -14.92
CA ASN E 143 2.65 61.47 -15.65
C ASN E 143 3.10 60.35 -16.57
N LEU E 144 2.82 59.10 -16.24
CA LEU E 144 3.31 57.96 -17.00
C LEU E 144 2.14 57.22 -17.64
N PRO E 145 1.86 57.41 -18.92
CA PRO E 145 0.73 56.72 -19.54
C PRO E 145 1.10 55.37 -20.14
N THR E 146 2.24 54.81 -19.77
CA THR E 146 2.74 53.61 -20.41
C THR E 146 2.72 52.38 -19.51
N LEU E 147 2.40 52.54 -18.23
CA LEU E 147 2.45 51.41 -17.31
C LEU E 147 1.25 50.51 -17.52
N GLN E 148 1.44 49.22 -17.23
CA GLN E 148 0.40 48.22 -17.45
C GLN E 148 0.07 47.43 -16.19
N ALA E 149 0.51 47.90 -15.03
CA ALA E 149 0.22 47.21 -13.79
C ALA E 149 0.52 48.14 -12.62
N LEU E 150 -0.46 48.30 -11.73
CA LEU E 150 -0.30 49.16 -10.56
C LEU E 150 -0.85 48.42 -9.36
N THR E 151 -0.12 48.45 -8.25
CA THR E 151 -0.53 47.74 -7.04
C THR E 151 -0.48 48.69 -5.85
N LEU E 152 -1.62 48.83 -5.18
CA LEU E 152 -1.72 49.56 -3.92
C LEU E 152 -2.44 48.64 -2.95
N ALA E 153 -1.68 47.86 -2.18
CA ALA E 153 -2.31 46.72 -1.53
C ALA E 153 -2.59 46.94 -0.05
N LEU E 154 -1.57 47.25 0.75
CA LEU E 154 -1.82 47.33 2.18
C LEU E 154 -1.92 48.77 2.68
N ASN E 155 -1.37 49.74 1.95
CA ASN E 155 -1.36 51.10 2.43
C ASN E 155 -2.79 51.65 2.55
N LYS E 156 -3.09 52.25 3.69
CA LYS E 156 -4.44 52.67 4.01
C LYS E 156 -4.87 53.81 3.09
N ILE E 157 -6.02 53.63 2.45
CA ILE E 157 -6.59 54.63 1.56
C ILE E 157 -8.07 54.78 1.93
N SER E 158 -8.48 55.99 2.26
CA SER E 158 -9.87 56.20 2.67
C SER E 158 -10.81 56.14 1.47
N SER E 159 -10.45 56.80 0.37
CA SER E 159 -11.33 56.86 -0.79
C SER E 159 -10.50 57.22 -2.02
N ILE E 160 -11.18 57.27 -3.16
CA ILE E 160 -10.55 57.59 -4.43
C ILE E 160 -11.30 58.78 -5.04
N PRO E 161 -10.64 59.89 -5.31
CA PRO E 161 -11.32 61.04 -5.90
C PRO E 161 -11.68 60.77 -7.36
N ASP E 162 -12.55 61.64 -7.89
CA ASP E 162 -12.98 61.49 -9.27
C ASP E 162 -11.81 61.70 -10.22
N PHE E 163 -11.80 60.90 -11.29
CA PHE E 163 -10.81 60.99 -12.36
C PHE E 163 -9.39 60.84 -11.80
N ALA E 164 -9.27 60.05 -10.74
CA ALA E 164 -7.97 59.81 -10.14
C ALA E 164 -7.06 58.96 -11.00
N PHE E 165 -7.63 58.22 -11.97
CA PHE E 165 -6.85 57.43 -12.92
C PHE E 165 -7.36 57.81 -14.31
N THR E 166 -6.82 58.88 -14.86
CA THR E 166 -7.29 59.39 -16.14
C THR E 166 -6.23 59.36 -17.23
N ASN E 167 -5.09 60.00 -17.01
CA ASN E 167 -4.12 60.17 -18.08
C ASN E 167 -3.55 58.83 -18.54
N LEU E 168 -3.29 57.94 -17.60
CA LEU E 168 -2.86 56.58 -17.96
C LEU E 168 -4.00 55.84 -18.63
N SER E 169 -3.67 55.15 -19.71
CA SER E 169 -4.70 54.47 -20.48
C SER E 169 -4.29 53.07 -20.93
N SER E 170 -3.07 52.63 -20.64
CA SER E 170 -2.64 51.28 -20.97
C SER E 170 -2.66 50.37 -19.75
N LEU E 171 -3.31 50.79 -18.67
CA LEU E 171 -3.36 50.01 -17.45
C LEU E 171 -4.15 48.74 -17.69
N VAL E 172 -3.61 47.60 -17.26
CA VAL E 172 -4.24 46.31 -17.43
C VAL E 172 -4.77 45.77 -16.10
N VAL E 173 -3.91 45.70 -15.09
CA VAL E 173 -4.25 45.11 -13.80
C VAL E 173 -4.11 46.17 -12.72
N LEU E 174 -5.13 46.29 -11.88
CA LEU E 174 -5.12 47.22 -10.76
C LEU E 174 -5.38 46.44 -9.48
N HIS E 175 -4.69 46.78 -8.40
CA HIS E 175 -4.84 46.11 -7.12
C HIS E 175 -5.07 47.15 -6.02
N LEU E 176 -6.17 47.01 -5.30
CA LEU E 176 -6.47 47.83 -4.13
C LEU E 176 -7.02 46.96 -3.01
N HIS E 177 -6.37 45.83 -2.73
CA HIS E 177 -7.06 44.71 -2.14
C HIS E 177 -6.81 44.51 -0.65
N ASN E 178 -6.33 45.52 0.08
CA ASN E 178 -6.46 45.47 1.53
C ASN E 178 -6.69 46.79 2.24
N ASN E 179 -6.71 47.92 1.53
CA ASN E 179 -6.88 49.18 2.22
C ASN E 179 -8.33 49.40 2.59
N LYS E 180 -8.57 50.31 3.53
CA LYS E 180 -9.91 50.57 4.04
C LYS E 180 -10.58 51.66 3.21
N ILE E 181 -10.89 51.32 1.97
CA ILE E 181 -11.65 52.19 1.10
C ILE E 181 -13.09 52.27 1.62
N ARG E 182 -13.58 53.49 1.83
CA ARG E 182 -14.92 53.66 2.36
C ARG E 182 -15.95 53.69 1.23
N SER E 183 -15.70 54.49 0.20
CA SER E 183 -16.62 54.62 -0.90
C SER E 183 -15.90 55.22 -2.09
N LEU E 184 -15.91 54.50 -3.22
CA LEU E 184 -15.36 55.00 -4.46
C LEU E 184 -16.26 56.11 -5.00
N SER E 185 -15.65 57.16 -5.51
CA SER E 185 -16.42 58.18 -6.19
C SER E 185 -16.88 57.67 -7.55
N GLN E 186 -18.00 58.23 -8.02
CA GLN E 186 -18.66 57.72 -9.22
C GLN E 186 -17.82 57.86 -10.48
N HIS E 187 -16.78 58.69 -10.47
CA HIS E 187 -15.97 58.89 -11.66
C HIS E 187 -14.51 58.56 -11.39
N CYS E 188 -14.26 57.62 -10.48
CA CYS E 188 -12.89 57.24 -10.12
C CYS E 188 -12.15 56.52 -11.23
N PHE E 189 -12.85 55.66 -11.98
CA PHE E 189 -12.22 54.88 -13.03
C PHE E 189 -12.50 55.44 -14.42
N ASP E 190 -13.14 56.60 -14.50
CA ASP E 190 -13.52 57.17 -15.79
C ASP E 190 -12.28 57.40 -16.65
N GLY E 191 -12.37 57.06 -17.93
CA GLY E 191 -11.28 57.19 -18.85
C GLY E 191 -10.27 56.07 -18.81
N LEU E 192 -10.49 55.07 -17.95
CA LEU E 192 -9.57 53.95 -17.83
C LEU E 192 -10.17 52.75 -18.54
N ASP E 193 -9.57 52.36 -19.66
CA ASP E 193 -9.95 51.17 -20.39
C ASP E 193 -8.84 50.14 -20.30
N ASN E 194 -9.02 49.02 -21.00
CA ASN E 194 -8.01 47.96 -21.09
C ASN E 194 -7.73 47.35 -19.72
N LEU E 195 -8.59 47.61 -18.75
CA LEU E 195 -8.40 47.15 -17.38
C LEU E 195 -9.03 45.77 -17.24
N GLU E 196 -8.20 44.74 -17.22
CA GLU E 196 -8.71 43.37 -17.10
C GLU E 196 -9.03 43.05 -15.64
N THR E 197 -8.02 43.11 -14.78
CA THR E 197 -8.18 42.69 -13.40
C THR E 197 -8.38 43.88 -12.48
N LEU E 198 -9.35 43.79 -11.57
CA LEU E 198 -9.58 44.83 -10.57
C LEU E 198 -9.87 44.13 -9.24
N ASP E 199 -9.09 44.44 -8.22
CA ASP E 199 -9.22 43.82 -6.92
C ASP E 199 -9.62 44.84 -5.87
N LEU E 200 -10.71 44.57 -5.17
CA LEU E 200 -11.17 45.38 -4.04
C LEU E 200 -11.52 44.45 -2.88
N ASN E 201 -10.63 43.51 -2.60
CA ASN E 201 -10.97 42.41 -1.70
C ASN E 201 -11.32 42.88 -0.30
N TYR E 202 -10.37 43.44 0.44
CA TYR E 202 -10.63 43.77 1.83
C TYR E 202 -10.81 45.28 2.02
N ASN E 203 -12.06 45.73 2.04
CA ASN E 203 -12.34 47.15 2.18
C ASN E 203 -13.58 47.32 3.05
N ASN E 204 -14.13 48.53 3.01
CA ASN E 204 -15.36 48.85 3.73
C ASN E 204 -16.40 49.47 2.82
N LEU E 205 -16.57 48.95 1.61
CA LEU E 205 -17.57 49.49 0.70
C LEU E 205 -18.97 49.19 1.23
N GLY E 206 -19.64 50.22 1.73
CA GLY E 206 -20.96 50.03 2.30
C GLY E 206 -22.03 49.67 1.29
N GLU E 207 -21.86 50.10 0.04
CA GLU E 207 -22.80 49.78 -1.02
C GLU E 207 -22.00 49.44 -2.28
N PHE E 208 -22.69 48.89 -3.25
CA PHE E 208 -22.02 48.46 -4.48
C PHE E 208 -21.61 49.68 -5.30
N PRO E 209 -20.33 49.82 -5.64
CA PRO E 209 -19.90 50.99 -6.41
C PRO E 209 -20.40 50.92 -7.85
N GLN E 210 -20.86 52.06 -8.35
CA GLN E 210 -21.37 52.17 -9.71
C GLN E 210 -20.28 52.54 -10.72
N ALA E 211 -19.06 52.79 -10.26
CA ALA E 211 -17.96 53.17 -11.13
C ALA E 211 -17.51 52.05 -12.04
N ILE E 212 -17.98 50.82 -11.80
CA ILE E 212 -17.60 49.70 -12.65
C ILE E 212 -18.09 49.90 -14.08
N LYS E 213 -19.25 50.54 -14.25
CA LYS E 213 -19.85 50.69 -15.57
C LYS E 213 -18.92 51.39 -16.56
N ALA E 214 -17.98 52.19 -16.07
CA ALA E 214 -17.03 52.86 -16.97
C ALA E 214 -16.09 51.88 -17.65
N LEU E 215 -15.81 50.74 -17.04
CA LEU E 215 -14.89 49.78 -17.61
C LEU E 215 -15.52 49.11 -18.83
N PRO E 216 -14.93 49.24 -20.02
CA PRO E 216 -15.54 48.62 -21.20
C PRO E 216 -15.11 47.18 -21.43
N SER E 217 -13.96 46.77 -20.89
CA SER E 217 -13.49 45.40 -21.07
C SER E 217 -12.92 44.94 -19.73
N LEU E 218 -13.77 44.33 -18.91
CA LEU E 218 -13.41 43.90 -17.57
C LEU E 218 -13.46 42.38 -17.51
N LYS E 219 -12.37 41.76 -17.09
CA LYS E 219 -12.32 40.30 -17.05
C LYS E 219 -12.71 39.78 -15.67
N GLU E 220 -11.99 40.19 -14.63
CA GLU E 220 -12.29 39.78 -13.27
C GLU E 220 -12.76 40.98 -12.46
N LEU E 221 -13.35 40.70 -11.29
CA LEU E 221 -13.78 41.76 -10.39
C LEU E 221 -13.90 41.16 -8.99
N GLY E 222 -12.98 41.52 -8.11
CA GLY E 222 -12.94 40.94 -6.78
C GLY E 222 -13.30 41.93 -5.69
N PHE E 223 -14.42 41.67 -5.03
CA PHE E 223 -14.80 42.42 -3.84
C PHE E 223 -15.29 41.47 -2.75
N HIS E 224 -14.51 40.45 -2.43
CA HIS E 224 -14.98 39.30 -1.69
C HIS E 224 -14.79 39.42 -0.18
N SER E 225 -14.57 40.61 0.35
CA SER E 225 -14.56 40.71 1.81
C SER E 225 -15.27 41.95 2.35
N ASN E 226 -15.38 42.99 1.54
CA ASN E 226 -16.00 44.22 2.01
C ASN E 226 -17.50 44.03 2.20
N SER E 227 -18.03 44.68 3.24
CA SER E 227 -19.40 44.46 3.67
C SER E 227 -20.37 45.14 2.71
N ILE E 228 -20.72 44.43 1.65
CA ILE E 228 -21.77 44.87 0.74
C ILE E 228 -23.09 44.26 1.18
N SER E 229 -24.16 45.04 1.13
CA SER E 229 -25.46 44.58 1.61
C SER E 229 -26.40 44.25 0.46
N VAL E 230 -26.41 45.07 -0.58
CA VAL E 230 -27.36 44.88 -1.68
C VAL E 230 -26.67 45.24 -2.99
N ILE E 231 -26.74 44.32 -3.95
CA ILE E 231 -26.28 44.59 -5.31
C ILE E 231 -27.45 45.13 -6.11
N PRO E 232 -27.37 46.33 -6.67
CA PRO E 232 -28.47 46.83 -7.50
C PRO E 232 -28.63 46.00 -8.77
N ASP E 233 -29.86 46.00 -9.28
CA ASP E 233 -30.15 45.31 -10.52
C ASP E 233 -29.44 46.00 -11.68
N GLY E 234 -28.96 45.19 -12.63
CA GLY E 234 -28.26 45.73 -13.79
C GLY E 234 -27.00 46.47 -13.43
N ALA E 235 -26.23 45.93 -12.50
CA ALA E 235 -25.01 46.57 -12.03
C ALA E 235 -23.76 46.02 -12.70
N PHE E 236 -23.92 45.25 -13.77
CA PHE E 236 -22.80 44.69 -14.54
C PHE E 236 -23.03 44.90 -16.03
N ASP E 237 -23.88 45.88 -16.37
CA ASP E 237 -24.26 46.10 -17.75
C ASP E 237 -23.12 46.53 -18.65
N GLY E 238 -22.24 47.40 -18.18
CA GLY E 238 -21.22 47.98 -19.01
C GLY E 238 -20.00 47.12 -19.27
N ASN E 239 -19.93 45.94 -18.66
CA ASN E 239 -18.76 45.07 -18.79
C ASN E 239 -19.20 43.68 -19.20
N PRO E 240 -19.50 43.47 -20.49
CA PRO E 240 -20.01 42.18 -20.94
C PRO E 240 -18.96 41.11 -21.12
N LEU E 241 -17.73 41.31 -20.64
CA LEU E 241 -16.68 40.31 -20.79
C LEU E 241 -16.21 39.76 -19.45
N LEU E 242 -17.07 39.71 -18.44
CA LEU E 242 -16.65 39.21 -17.15
C LEU E 242 -16.33 37.72 -17.20
N ARG E 243 -15.38 37.33 -16.36
CA ARG E 243 -14.93 35.94 -16.29
C ARG E 243 -15.28 35.32 -14.94
N THR E 244 -14.92 35.97 -13.83
CA THR E 244 -15.13 35.42 -12.50
C THR E 244 -15.34 36.57 -11.53
N ILE E 245 -16.43 36.51 -10.79
CA ILE E 245 -16.74 37.50 -9.76
C ILE E 245 -16.54 36.86 -8.40
N HIS E 246 -15.68 37.46 -7.59
CA HIS E 246 -15.44 37.00 -6.23
C HIS E 246 -16.31 37.84 -5.31
N LEU E 247 -17.55 37.38 -5.08
CA LEU E 247 -18.49 38.14 -4.26
C LEU E 247 -18.88 37.39 -3.00
N TYR E 248 -18.12 36.37 -2.60
CA TYR E 248 -18.43 35.66 -1.39
C TYR E 248 -18.00 36.48 -0.17
N ASP E 249 -18.46 36.04 1.00
CA ASP E 249 -18.08 36.62 2.28
C ASP E 249 -18.50 38.09 2.39
N ASN E 250 -19.76 38.37 2.03
CA ASN E 250 -20.35 39.67 2.25
C ASN E 250 -21.65 39.44 3.00
N PRO E 251 -22.04 40.33 3.89
CA PRO E 251 -23.36 40.24 4.51
C PRO E 251 -24.46 40.77 3.60
N LEU E 252 -24.52 40.26 2.38
CA LEU E 252 -25.48 40.69 1.39
C LEU E 252 -26.80 39.96 1.61
N SER E 253 -27.90 40.63 1.29
CA SER E 253 -29.22 40.08 1.55
C SER E 253 -30.04 40.00 0.27
N PHE E 254 -29.89 40.98 -0.60
CA PHE E 254 -30.65 41.05 -1.84
C PHE E 254 -29.69 41.10 -3.02
N VAL E 255 -30.15 40.60 -4.18
CA VAL E 255 -29.29 40.50 -5.34
C VAL E 255 -29.90 41.21 -6.54
N GLY E 256 -31.15 40.89 -6.85
CA GLY E 256 -31.83 41.46 -8.00
C GLY E 256 -32.04 40.39 -9.05
N ASN E 257 -33.21 40.43 -9.69
CA ASN E 257 -33.59 39.39 -10.63
C ASN E 257 -32.65 39.35 -11.84
N SER E 258 -32.31 40.52 -12.38
CA SER E 258 -31.47 40.61 -13.57
C SER E 258 -30.06 41.06 -13.24
N ALA E 259 -29.58 40.77 -12.04
CA ALA E 259 -28.24 41.19 -11.65
C ALA E 259 -27.17 40.57 -12.53
N PHE E 260 -27.31 39.28 -12.85
CA PHE E 260 -26.37 38.57 -13.71
C PHE E 260 -27.10 38.24 -15.01
N HIS E 261 -27.10 39.21 -15.92
CA HIS E 261 -27.80 39.08 -17.19
C HIS E 261 -26.87 39.42 -18.33
N ASN E 262 -26.89 38.57 -19.36
CA ASN E 262 -26.07 38.75 -20.56
C ASN E 262 -24.58 38.83 -20.22
N LEU E 263 -24.04 37.76 -19.65
CA LEU E 263 -22.61 37.58 -19.48
C LEU E 263 -22.19 36.31 -20.20
N SER E 264 -21.01 36.34 -20.79
CA SER E 264 -20.60 35.24 -21.66
C SER E 264 -19.70 34.26 -20.95
N ASP E 265 -18.64 34.75 -20.32
CA ASP E 265 -17.59 33.89 -19.76
C ASP E 265 -17.71 33.74 -18.24
N LEU E 266 -18.91 33.87 -17.70
CA LEU E 266 -19.11 33.75 -16.26
C LEU E 266 -19.00 32.27 -15.89
N HIS E 267 -17.81 31.84 -15.48
CA HIS E 267 -17.54 30.44 -15.20
C HIS E 267 -17.82 30.08 -13.75
N SER E 268 -18.64 30.87 -13.06
CA SER E 268 -19.07 30.55 -11.71
C SER E 268 -20.12 31.57 -11.28
N LEU E 269 -20.99 31.16 -10.37
CA LEU E 269 -21.95 32.08 -9.76
C LEU E 269 -22.30 31.57 -8.38
N VAL E 270 -21.64 32.09 -7.36
CA VAL E 270 -21.78 31.60 -6.00
C VAL E 270 -22.40 32.72 -5.17
N ILE E 271 -23.63 32.53 -4.72
CA ILE E 271 -24.30 33.47 -3.85
C ILE E 271 -24.70 32.73 -2.58
N ARG E 272 -24.35 33.30 -1.43
CA ARG E 272 -24.63 32.69 -0.13
C ARG E 272 -25.13 33.76 0.82
N GLY E 273 -26.32 33.56 1.38
CA GLY E 273 -26.82 34.47 2.37
C GLY E 273 -27.83 35.47 1.84
N ALA E 274 -28.21 35.32 0.57
CA ALA E 274 -29.14 36.24 -0.07
C ALA E 274 -30.55 35.96 0.43
N SER E 275 -30.77 36.26 1.71
CA SER E 275 -32.01 35.91 2.39
C SER E 275 -33.22 36.61 1.81
N MET E 276 -33.04 37.78 1.20
CA MET E 276 -34.18 38.49 0.62
C MET E 276 -34.53 38.02 -0.78
N VAL E 277 -33.74 37.13 -1.35
CA VAL E 277 -34.04 36.59 -2.68
C VAL E 277 -35.22 35.63 -2.55
N GLN E 278 -36.30 35.92 -3.26
CA GLN E 278 -37.47 35.04 -3.30
C GLN E 278 -37.84 34.66 -4.73
N GLN E 279 -36.90 34.74 -5.65
CA GLN E 279 -37.12 34.41 -7.04
C GLN E 279 -35.81 33.97 -7.67
N PHE E 280 -35.89 33.04 -8.61
CA PHE E 280 -34.69 32.57 -9.30
C PHE E 280 -34.11 33.70 -10.15
N PRO E 281 -32.80 33.87 -10.17
CA PRO E 281 -32.20 34.97 -10.95
C PRO E 281 -32.44 34.80 -12.43
N ASN E 282 -32.59 35.92 -13.14
CA ASN E 282 -32.67 35.89 -14.59
C ASN E 282 -31.29 35.65 -15.17
N LEU E 283 -31.14 34.55 -15.90
CA LEU E 283 -29.86 34.19 -16.50
C LEU E 283 -29.96 34.07 -18.02
N THR E 284 -30.90 34.76 -18.63
CA THR E 284 -31.10 34.66 -20.07
C THR E 284 -29.96 35.34 -20.81
N GLY E 285 -28.94 34.57 -21.18
CA GLY E 285 -27.79 35.12 -21.87
C GLY E 285 -26.48 34.54 -21.39
N THR E 286 -26.48 34.00 -20.17
CA THR E 286 -25.31 33.36 -19.60
C THR E 286 -25.42 31.86 -19.84
N VAL E 287 -24.45 31.31 -20.56
CA VAL E 287 -24.54 29.92 -21.01
C VAL E 287 -23.26 29.16 -20.71
N HIS E 288 -22.37 29.72 -19.88
CA HIS E 288 -21.10 29.07 -19.58
C HIS E 288 -20.90 28.89 -18.08
N LEU E 289 -21.98 28.77 -17.33
CA LEU E 289 -21.87 28.60 -15.88
C LEU E 289 -21.28 27.23 -15.58
N GLU E 290 -20.01 27.20 -15.16
CA GLU E 290 -19.39 25.95 -14.76
C GLU E 290 -20.05 25.38 -13.52
N SER E 291 -20.34 26.23 -12.53
CA SER E 291 -20.95 25.82 -11.28
C SER E 291 -21.85 26.94 -10.78
N LEU E 292 -23.09 26.60 -10.43
CA LEU E 292 -24.10 27.54 -9.96
C LEU E 292 -24.44 27.17 -8.53
N THR E 293 -24.53 28.16 -7.65
CA THR E 293 -24.78 27.93 -6.22
C THR E 293 -25.60 29.06 -5.65
N LEU E 294 -26.65 28.74 -4.92
CA LEU E 294 -27.42 29.70 -4.14
C LEU E 294 -27.75 29.04 -2.81
N THR E 295 -26.83 29.16 -1.85
CA THR E 295 -26.91 28.32 -0.66
C THR E 295 -27.92 28.84 0.36
N GLY E 296 -27.67 30.00 0.94
CA GLY E 296 -28.61 30.53 1.92
C GLY E 296 -29.57 31.47 1.25
N THR E 297 -30.76 30.98 0.90
CA THR E 297 -31.65 31.73 0.04
C THR E 297 -33.10 31.37 0.40
N LYS E 298 -34.00 31.76 -0.49
CA LYS E 298 -35.40 31.36 -0.44
C LYS E 298 -35.93 31.26 -1.85
N ILE E 299 -35.87 30.07 -2.44
CA ILE E 299 -36.15 29.87 -3.86
C ILE E 299 -37.09 28.68 -3.97
N SER E 300 -38.34 28.94 -4.32
CA SER E 300 -39.37 27.91 -4.31
C SER E 300 -39.77 27.45 -5.71
N SER E 301 -39.07 27.90 -6.76
CA SER E 301 -39.47 27.53 -8.11
C SER E 301 -38.25 27.61 -9.02
N ILE E 302 -37.68 26.45 -9.36
CA ILE E 302 -36.66 26.37 -10.40
C ILE E 302 -37.36 26.33 -11.75
N PRO E 303 -37.05 27.24 -12.67
CA PRO E 303 -37.72 27.20 -13.97
C PRO E 303 -37.35 25.96 -14.76
N ASN E 304 -38.31 25.51 -15.57
CA ASN E 304 -38.13 24.33 -16.40
C ASN E 304 -37.11 24.52 -17.51
N ASN E 305 -36.81 25.76 -17.86
CA ASN E 305 -35.87 26.04 -18.95
C ASN E 305 -34.44 26.12 -18.43
N LEU E 306 -34.00 25.09 -17.72
CA LEU E 306 -32.60 25.02 -17.31
C LEU E 306 -31.75 24.38 -18.39
N CYS E 307 -32.13 23.17 -18.83
CA CYS E 307 -31.36 22.48 -19.86
C CYS E 307 -31.47 23.14 -21.23
N GLN E 308 -32.49 23.99 -21.44
CA GLN E 308 -32.54 24.77 -22.67
C GLN E 308 -31.31 25.67 -22.81
N GLU E 309 -30.67 25.97 -21.71
CA GLU E 309 -29.43 26.73 -21.63
C GLU E 309 -28.42 25.94 -20.81
N GLN E 310 -27.34 26.61 -20.41
CA GLN E 310 -26.31 26.00 -19.59
C GLN E 310 -25.77 24.73 -20.23
N LYS E 311 -25.34 24.83 -21.49
CA LYS E 311 -24.83 23.67 -22.19
C LYS E 311 -23.67 23.01 -21.46
N MET E 312 -22.88 23.79 -20.73
CA MET E 312 -21.80 23.26 -19.90
C MET E 312 -22.13 23.62 -18.46
N LEU E 313 -22.19 22.61 -17.59
CA LEU E 313 -22.50 22.81 -16.18
C LEU E 313 -22.09 21.55 -15.44
N ARG E 314 -21.23 21.68 -14.44
CA ARG E 314 -20.74 20.50 -13.75
C ARG E 314 -20.83 20.61 -12.23
N THR E 315 -21.71 21.44 -11.70
CA THR E 315 -22.03 21.48 -10.28
C THR E 315 -23.27 22.33 -10.10
N LEU E 316 -24.26 21.81 -9.39
CA LEU E 316 -25.53 22.51 -9.18
C LEU E 316 -25.91 22.38 -7.71
N ASP E 317 -25.76 23.46 -6.97
CA ASP E 317 -25.98 23.47 -5.53
C ASP E 317 -27.10 24.45 -5.21
N LEU E 318 -28.16 23.96 -4.57
CA LEU E 318 -29.20 24.81 -3.99
C LEU E 318 -29.65 24.15 -2.70
N SER E 319 -29.00 24.45 -1.58
CA SER E 319 -29.32 23.70 -0.38
C SER E 319 -30.31 24.42 0.54
N TYR E 320 -29.93 25.53 1.14
CA TYR E 320 -30.76 26.06 2.22
C TYR E 320 -31.85 26.98 1.69
N ASN E 321 -32.70 26.45 0.83
CA ASN E 321 -33.81 27.21 0.29
C ASN E 321 -34.95 26.25 -0.03
N ASN E 322 -36.15 26.61 0.40
CA ASN E 322 -37.29 25.70 0.31
C ASN E 322 -37.74 25.55 -1.13
N ILE E 323 -37.62 24.34 -1.66
CA ILE E 323 -38.07 24.01 -3.01
C ILE E 323 -39.32 23.15 -2.91
N ARG E 324 -40.40 23.60 -3.57
CA ARG E 324 -41.65 22.87 -3.53
C ARG E 324 -41.56 21.57 -4.33
N ASP E 325 -40.93 21.62 -5.51
CA ASP E 325 -40.85 20.46 -6.37
C ASP E 325 -39.69 20.64 -7.34
N LEU E 326 -39.20 19.53 -7.86
CA LEU E 326 -38.08 19.64 -8.79
C LEU E 326 -38.56 19.58 -10.22
N PRO E 327 -37.89 20.30 -11.13
CA PRO E 327 -38.21 20.15 -12.56
C PRO E 327 -37.39 19.03 -13.18
N SER E 328 -37.77 18.61 -14.38
CA SER E 328 -37.08 17.52 -15.06
C SER E 328 -35.75 18.03 -15.61
N PHE E 329 -34.65 17.36 -15.25
CA PHE E 329 -33.34 17.68 -15.81
C PHE E 329 -33.07 16.84 -17.05
N ASN E 330 -34.00 16.84 -18.00
CA ASN E 330 -33.88 16.01 -19.18
C ASN E 330 -32.78 16.54 -20.09
N GLY E 331 -31.94 15.64 -20.58
CA GLY E 331 -30.81 16.05 -21.37
C GLY E 331 -29.74 16.72 -20.53
N CYS E 332 -28.86 17.45 -21.22
CA CYS E 332 -27.74 18.13 -20.60
C CYS E 332 -26.90 17.18 -19.77
N HIS E 333 -26.36 16.15 -20.42
CA HIS E 333 -25.56 15.13 -19.73
C HIS E 333 -24.17 15.71 -19.43
N ALA E 334 -24.18 16.73 -18.57
CA ALA E 334 -22.95 17.35 -18.11
C ALA E 334 -22.88 17.55 -16.61
N LEU E 335 -24.01 17.59 -15.91
CA LEU E 335 -24.00 17.79 -14.47
C LEU E 335 -23.24 16.65 -13.79
N GLU E 336 -22.28 17.00 -12.96
CA GLU E 336 -21.50 15.99 -12.26
C GLU E 336 -22.00 15.77 -10.83
N GLU E 337 -22.24 16.84 -10.08
CA GLU E 337 -22.69 16.74 -8.70
C GLU E 337 -23.93 17.61 -8.53
N ILE E 338 -24.96 17.07 -7.89
CA ILE E 338 -26.17 17.80 -7.56
C ILE E 338 -26.36 17.67 -6.05
N SER E 339 -26.67 18.77 -5.39
CA SER E 339 -26.90 18.77 -3.95
C SER E 339 -28.16 19.58 -3.68
N LEU E 340 -29.17 18.92 -3.14
CA LEU E 340 -30.45 19.55 -2.79
C LEU E 340 -30.83 19.12 -1.39
N GLN E 341 -30.34 19.84 -0.39
CA GLN E 341 -30.62 19.52 1.00
C GLN E 341 -31.56 20.55 1.58
N ARG E 342 -32.05 20.28 2.79
CA ARG E 342 -32.76 21.25 3.60
C ARG E 342 -34.00 21.82 2.90
N ASN E 343 -34.33 21.27 1.74
CA ASN E 343 -35.44 21.78 0.96
C ASN E 343 -36.76 21.21 1.49
N GLN E 344 -37.83 21.44 0.71
CA GLN E 344 -39.15 20.92 1.04
C GLN E 344 -39.73 20.09 -0.09
N ILE E 345 -38.88 19.43 -0.87
CA ILE E 345 -39.35 18.52 -1.90
C ILE E 345 -40.06 17.34 -1.24
N TYR E 346 -41.21 16.96 -1.79
CA TYR E 346 -42.00 15.88 -1.23
C TYR E 346 -42.20 14.71 -2.18
N GLN E 347 -41.80 14.83 -3.44
CA GLN E 347 -41.97 13.74 -4.38
C GLN E 347 -40.89 13.81 -5.44
N ILE E 348 -40.65 12.69 -6.11
CA ILE E 348 -39.72 12.61 -7.22
C ILE E 348 -40.47 11.99 -8.39
N LYS E 349 -40.63 12.76 -9.47
CA LYS E 349 -41.29 12.23 -10.64
C LYS E 349 -40.39 11.18 -11.32
N GLU E 350 -41.04 10.35 -12.15
CA GLU E 350 -40.32 9.27 -12.81
C GLU E 350 -39.24 9.80 -13.75
N GLY E 351 -39.54 10.85 -14.50
CA GLY E 351 -38.63 11.35 -15.50
C GLY E 351 -37.78 12.51 -15.06
N THR E 352 -37.67 12.72 -13.75
CA THR E 352 -36.89 13.83 -13.22
C THR E 352 -35.42 13.68 -13.60
N PHE E 353 -34.83 12.53 -13.29
CA PHE E 353 -33.43 12.27 -13.64
C PHE E 353 -33.35 11.50 -14.96
N GLN E 354 -33.96 12.09 -15.98
CA GLN E 354 -33.99 11.48 -17.31
C GLN E 354 -32.58 11.48 -17.89
N GLY E 355 -31.96 10.29 -17.94
CA GLY E 355 -30.61 10.20 -18.44
C GLY E 355 -29.60 10.79 -17.47
N LEU E 356 -29.03 11.94 -17.86
CA LEU E 356 -28.11 12.68 -17.00
C LEU E 356 -26.93 11.82 -16.57
N ILE E 357 -26.16 11.34 -17.53
CA ILE E 357 -25.01 10.48 -17.24
C ILE E 357 -23.91 11.30 -16.59
N SER E 358 -22.92 10.60 -16.04
CA SER E 358 -21.79 11.24 -15.34
C SER E 358 -22.27 12.11 -14.18
N LEU E 359 -23.41 11.74 -13.60
CA LEU E 359 -23.95 12.39 -12.40
C LEU E 359 -23.38 11.60 -11.23
N ARG E 360 -22.11 11.85 -10.91
CA ARG E 360 -21.39 10.95 -10.02
C ARG E 360 -21.71 11.14 -8.55
N ILE E 361 -22.44 12.20 -8.18
CA ILE E 361 -22.89 12.41 -6.81
C ILE E 361 -24.29 12.99 -6.88
N LEU E 362 -25.16 12.57 -5.96
CA LEU E 362 -26.52 13.09 -5.86
C LEU E 362 -26.90 13.02 -4.38
N ASP E 363 -27.37 14.13 -3.84
CA ASP E 363 -27.69 14.24 -2.43
C ASP E 363 -29.07 14.85 -2.25
N LEU E 364 -29.97 14.11 -1.59
CA LEU E 364 -31.29 14.61 -1.20
C LEU E 364 -31.48 14.27 0.27
N SER E 365 -30.99 15.13 1.16
CA SER E 365 -31.06 14.85 2.59
C SER E 365 -31.86 15.95 3.29
N ARG E 366 -32.62 15.54 4.29
CA ARG E 366 -33.41 16.43 5.14
C ARG E 366 -34.43 17.22 4.32
N ASN E 367 -35.22 16.47 3.56
CA ASN E 367 -36.42 17.01 2.92
C ASN E 367 -37.45 15.89 2.92
N LEU E 368 -38.65 16.19 3.39
CA LEU E 368 -39.66 15.16 3.62
C LEU E 368 -40.09 14.56 2.28
N ILE E 369 -39.60 13.36 1.99
CA ILE E 369 -39.95 12.63 0.78
C ILE E 369 -40.71 11.38 1.16
N HIS E 370 -41.83 11.13 0.48
CA HIS E 370 -42.59 9.91 0.68
C HIS E 370 -43.11 9.31 -0.63
N GLU E 371 -42.65 9.82 -1.77
CA GLU E 371 -43.11 9.33 -3.08
C GLU E 371 -41.91 9.27 -4.01
N ILE E 372 -41.26 8.12 -4.08
CA ILE E 372 -40.19 7.89 -5.06
C ILE E 372 -40.70 6.90 -6.08
N HIS E 373 -40.67 7.29 -7.35
CA HIS E 373 -41.06 6.39 -8.44
C HIS E 373 -39.95 5.39 -8.69
N SER E 374 -40.35 4.15 -8.99
CA SER E 374 -39.38 3.08 -9.19
C SER E 374 -38.45 3.37 -10.36
N ARG E 375 -39.01 3.87 -11.46
CA ARG E 375 -38.22 4.20 -12.63
C ARG E 375 -37.58 5.58 -12.50
N ALA E 376 -36.69 5.75 -11.53
CA ALA E 376 -36.09 7.05 -11.31
C ALA E 376 -34.57 6.97 -11.21
N PHE E 377 -34.02 5.77 -11.30
CA PHE E 377 -32.58 5.58 -11.21
C PHE E 377 -32.01 4.64 -12.26
N ALA E 378 -32.84 3.87 -12.96
CA ALA E 378 -32.34 2.96 -13.96
C ALA E 378 -31.65 3.66 -15.12
N THR E 379 -32.23 4.77 -15.61
CA THR E 379 -31.64 5.52 -16.70
C THR E 379 -30.39 6.28 -16.28
N LEU E 380 -30.11 6.38 -14.98
CA LEU E 380 -28.91 7.04 -14.50
C LEU E 380 -27.68 6.27 -14.96
N GLY E 381 -26.64 6.99 -15.35
CA GLY E 381 -25.39 6.37 -15.72
C GLY E 381 -24.58 6.04 -14.48
N PRO E 382 -23.27 6.32 -14.52
CA PRO E 382 -22.44 6.08 -13.33
C PRO E 382 -22.85 6.99 -12.19
N ILE E 383 -22.75 6.47 -10.97
CA ILE E 383 -23.03 7.25 -9.77
C ILE E 383 -22.32 6.59 -8.61
N THR E 384 -21.58 7.39 -7.84
CA THR E 384 -20.74 6.87 -6.77
C THR E 384 -21.42 7.03 -5.42
N ASN E 385 -21.87 8.24 -5.07
CA ASN E 385 -22.58 8.43 -3.82
C ASN E 385 -24.03 8.82 -4.07
N LEU E 386 -24.90 8.43 -3.16
CA LEU E 386 -26.32 8.77 -3.26
C LEU E 386 -26.87 8.73 -1.83
N ASP E 387 -27.06 9.91 -1.24
CA ASP E 387 -27.51 10.00 0.14
C ASP E 387 -28.94 10.50 0.15
N VAL E 388 -29.87 9.66 0.58
CA VAL E 388 -31.26 10.04 0.78
C VAL E 388 -31.56 9.82 2.25
N SER E 389 -31.35 10.85 3.08
CA SER E 389 -31.33 10.68 4.52
C SER E 389 -32.30 11.65 5.18
N PHE E 390 -32.81 11.22 6.34
CA PHE E 390 -33.71 12.03 7.16
C PHE E 390 -34.96 12.47 6.38
N ASN E 391 -35.30 11.71 5.34
CA ASN E 391 -36.40 12.07 4.45
C ASN E 391 -37.71 11.38 4.79
N GLU E 392 -37.71 10.45 5.74
CA GLU E 392 -38.92 9.75 6.15
C GLU E 392 -39.56 9.05 4.96
N LEU E 393 -38.83 8.14 4.34
CA LEU E 393 -39.29 7.38 3.18
C LEU E 393 -40.15 6.20 3.61
N THR E 394 -40.77 5.56 2.61
CA THR E 394 -41.53 4.35 2.82
C THR E 394 -41.10 3.19 1.93
N SER E 395 -40.73 3.47 0.68
CA SER E 395 -40.34 2.41 -0.25
C SER E 395 -39.18 2.91 -1.08
N PHE E 396 -38.05 2.23 -1.01
CA PHE E 396 -36.84 2.65 -1.70
C PHE E 396 -36.60 1.75 -2.90
N PRO E 397 -36.87 2.20 -4.12
CA PRO E 397 -36.59 1.36 -5.29
C PRO E 397 -35.11 1.14 -5.49
N THR E 398 -34.77 -0.03 -6.01
CA THR E 398 -33.37 -0.38 -6.26
C THR E 398 -33.16 -0.78 -7.70
N GLU E 399 -33.80 -0.06 -8.63
CA GLU E 399 -33.72 -0.36 -10.05
C GLU E 399 -32.60 0.47 -10.66
N GLY E 400 -31.54 -0.19 -11.11
CA GLY E 400 -30.42 0.50 -11.70
C GLY E 400 -29.43 1.07 -10.72
N LEU E 401 -29.63 0.83 -9.42
CA LEU E 401 -28.69 1.28 -8.40
C LEU E 401 -27.55 0.28 -8.32
N ASN E 402 -26.56 0.47 -9.19
CA ASN E 402 -25.39 -0.39 -9.25
C ASN E 402 -24.15 0.48 -9.16
N GLY E 403 -23.20 0.08 -8.31
CA GLY E 403 -21.97 0.81 -8.15
C GLY E 403 -22.00 1.94 -7.14
N LEU E 404 -23.11 2.15 -6.44
CA LEU E 404 -23.15 3.14 -5.38
C LEU E 404 -22.21 2.71 -4.27
N ASN E 405 -21.16 3.49 -4.03
CA ASN E 405 -20.23 3.16 -2.96
C ASN E 405 -20.67 3.69 -1.60
N GLN E 406 -21.63 4.62 -1.57
CA GLN E 406 -22.09 5.24 -0.33
C GLN E 406 -23.59 5.50 -0.47
N LEU E 407 -24.41 4.58 0.03
CA LEU E 407 -25.85 4.77 0.10
C LEU E 407 -26.22 4.88 1.57
N LYS E 408 -26.90 5.96 1.93
CA LYS E 408 -27.22 6.25 3.33
C LYS E 408 -28.68 6.64 3.46
N LEU E 409 -29.40 5.99 4.39
CA LEU E 409 -30.80 6.27 4.63
C LEU E 409 -31.08 6.35 6.12
N VAL E 410 -30.25 7.07 6.88
CA VAL E 410 -30.26 6.99 8.33
C VAL E 410 -31.62 7.33 8.92
N GLY E 411 -32.14 8.51 8.59
CA GLY E 411 -33.40 8.93 9.17
C GLY E 411 -34.63 8.58 8.38
N ASN E 412 -34.94 7.29 8.28
CA ASN E 412 -36.14 6.86 7.54
C ASN E 412 -36.85 5.80 8.37
N PHE E 413 -37.71 6.24 9.30
CA PHE E 413 -38.37 5.35 10.22
C PHE E 413 -39.48 4.53 9.55
N LYS E 414 -40.10 5.07 8.50
CA LYS E 414 -41.17 4.36 7.81
C LYS E 414 -40.64 3.50 6.66
N LEU E 415 -39.34 3.26 6.60
CA LEU E 415 -38.73 2.37 5.62
C LEU E 415 -38.44 1.07 6.35
N LYS E 416 -39.40 0.15 6.34
CA LYS E 416 -39.31 -1.06 7.17
C LYS E 416 -38.47 -2.15 6.51
N GLU E 417 -38.86 -2.56 5.30
CA GLU E 417 -38.24 -3.72 4.68
C GLU E 417 -36.78 -3.47 4.35
N ALA E 418 -36.04 -4.56 4.13
CA ALA E 418 -34.65 -4.49 3.77
C ALA E 418 -34.50 -4.31 2.26
N LEU E 419 -33.28 -4.42 1.75
CA LEU E 419 -32.99 -4.19 0.35
C LEU E 419 -32.32 -5.41 -0.25
N ALA E 420 -32.63 -5.66 -1.53
CA ALA E 420 -32.10 -6.82 -2.22
C ALA E 420 -30.59 -6.69 -2.44
N ALA E 421 -29.84 -7.66 -1.93
CA ALA E 421 -28.39 -7.64 -2.02
C ALA E 421 -27.89 -7.94 -3.43
N LYS E 422 -28.73 -8.48 -4.31
CA LYS E 422 -28.33 -8.76 -5.68
C LYS E 422 -28.50 -7.55 -6.59
N ASP E 423 -29.15 -6.49 -6.11
CA ASP E 423 -29.28 -5.26 -6.89
C ASP E 423 -28.10 -4.32 -6.71
N PHE E 424 -27.39 -4.40 -5.60
CA PHE E 424 -26.22 -3.58 -5.34
C PHE E 424 -24.99 -4.43 -5.63
N VAL E 425 -24.62 -4.51 -6.91
CA VAL E 425 -23.48 -5.33 -7.31
C VAL E 425 -22.17 -4.84 -6.72
N ASN E 426 -22.09 -3.57 -6.33
CA ASN E 426 -20.86 -3.04 -5.72
C ASN E 426 -21.29 -1.91 -4.78
N LEU E 427 -21.34 -2.21 -3.49
CA LEU E 427 -21.70 -1.25 -2.46
C LEU E 427 -20.69 -1.39 -1.33
N ARG E 428 -20.20 -0.26 -0.81
CA ARG E 428 -19.11 -0.31 0.15
C ARG E 428 -19.57 0.15 1.53
N SER E 429 -20.20 1.32 1.61
CA SER E 429 -20.70 1.81 2.88
C SER E 429 -22.20 2.02 2.80
N LEU E 430 -22.91 1.50 3.80
CA LEU E 430 -24.37 1.56 3.80
C LEU E 430 -24.85 2.08 5.15
N SER E 431 -25.77 3.02 5.13
CA SER E 431 -26.41 3.53 6.34
C SER E 431 -27.91 3.32 6.24
N VAL E 432 -28.47 2.56 7.17
CA VAL E 432 -29.87 2.18 7.12
C VAL E 432 -30.53 2.52 8.45
N PRO E 433 -31.83 2.80 8.47
CA PRO E 433 -32.47 3.15 9.75
C PRO E 433 -32.43 2.02 10.77
N TYR E 434 -32.53 0.78 10.34
CA TYR E 434 -32.57 -0.37 11.23
C TYR E 434 -31.40 -1.29 10.96
N ALA E 435 -30.70 -1.69 12.02
CA ALA E 435 -29.57 -2.60 11.87
C ALA E 435 -29.98 -3.97 11.35
N TYR E 436 -31.27 -4.30 11.38
CA TYR E 436 -31.74 -5.57 10.86
C TYR E 436 -31.76 -5.60 9.33
N GLN E 437 -31.47 -4.48 8.68
CA GLN E 437 -31.39 -4.43 7.23
C GLN E 437 -29.96 -4.51 6.72
N CYS E 438 -29.01 -3.94 7.46
CA CYS E 438 -27.62 -3.98 7.04
C CYS E 438 -27.02 -5.38 7.12
N CYS E 439 -27.55 -6.24 7.99
CA CYS E 439 -27.01 -7.59 8.12
C CYS E 439 -27.31 -8.46 6.92
N ALA E 440 -28.34 -8.12 6.14
CA ALA E 440 -28.69 -8.91 4.97
C ALA E 440 -27.64 -8.89 3.88
N PHE E 441 -26.69 -7.95 3.94
CA PHE E 441 -25.59 -7.87 2.99
C PHE E 441 -24.35 -8.58 3.47
N TRP E 442 -24.50 -9.56 4.37
CA TRP E 442 -23.40 -10.27 5.01
C TRP E 442 -22.27 -9.32 5.38
N GLY E 443 -22.62 -8.18 5.99
CA GLY E 443 -21.64 -7.17 6.29
C GLY E 443 -20.61 -7.64 7.29
N CYS E 444 -19.42 -7.06 7.17
CA CYS E 444 -18.28 -7.38 8.04
C CYS E 444 -17.95 -8.86 8.00
N ILE E 486 -17.41 -8.73 -1.33
CA ILE E 486 -17.14 -7.30 -1.25
C ILE E 486 -17.34 -6.82 0.18
N ILE E 487 -16.32 -6.16 0.74
CA ILE E 487 -16.42 -5.65 2.10
C ILE E 487 -17.47 -4.54 2.14
N ILE E 488 -18.39 -4.64 3.08
CA ILE E 488 -19.48 -3.68 3.23
C ILE E 488 -19.46 -3.19 4.67
N HIS E 489 -19.06 -1.94 4.87
CA HIS E 489 -19.11 -1.34 6.18
C HIS E 489 -20.46 -0.67 6.40
N CYS E 490 -21.04 -0.89 7.57
CA CYS E 490 -22.36 -0.35 7.90
C CYS E 490 -22.25 0.52 9.14
N THR E 491 -22.63 1.79 9.00
CA THR E 491 -22.58 2.74 10.10
C THR E 491 -23.45 2.30 11.28
N PRO E 492 -24.71 1.87 11.08
CA PRO E 492 -25.44 1.29 12.21
C PRO E 492 -25.05 -0.17 12.39
N SER E 493 -24.30 -0.46 13.45
CA SER E 493 -23.77 -1.80 13.63
C SER E 493 -24.87 -2.78 14.01
N THR E 494 -24.86 -3.94 13.36
CA THR E 494 -25.81 -5.00 13.71
C THR E 494 -25.52 -5.54 15.11
N GLY E 495 -24.26 -5.80 15.41
CA GLY E 495 -23.85 -6.20 16.73
C GLY E 495 -24.29 -7.61 17.10
N ALA E 496 -23.91 -8.01 18.31
CA ALA E 496 -24.29 -9.30 18.85
C ALA E 496 -25.65 -9.27 19.53
N PHE E 497 -26.09 -8.11 20.02
CA PHE E 497 -27.42 -8.01 20.61
C PHE E 497 -28.50 -8.33 19.58
N LYS E 498 -28.34 -7.82 18.36
CA LYS E 498 -29.33 -8.02 17.31
C LYS E 498 -28.81 -9.07 16.33
N PRO E 499 -29.35 -10.28 16.34
CA PRO E 499 -28.88 -11.31 15.42
C PRO E 499 -29.47 -11.13 14.03
N CYS E 500 -28.89 -11.84 13.07
CA CYS E 500 -29.37 -11.87 11.70
C CYS E 500 -30.12 -13.15 11.37
N GLU E 501 -29.54 -14.31 11.65
CA GLU E 501 -30.14 -15.59 11.32
C GLU E 501 -30.52 -16.39 12.56
N TYR E 502 -29.60 -16.56 13.50
CA TYR E 502 -29.85 -17.40 14.68
C TYR E 502 -30.03 -16.52 15.90
N LEU E 503 -31.27 -16.44 16.39
CA LEU E 503 -31.58 -15.55 17.51
C LEU E 503 -30.91 -16.00 18.80
N LEU E 504 -31.02 -17.28 19.16
CA LEU E 504 -30.55 -17.72 20.47
C LEU E 504 -29.03 -17.73 20.52
N GLY E 505 -28.39 -18.46 19.61
CA GLY E 505 -26.94 -18.50 19.59
C GLY E 505 -26.36 -19.63 18.76
N SER E 506 -25.33 -20.28 19.30
CA SER E 506 -24.61 -21.32 18.58
C SER E 506 -25.38 -22.63 18.56
N TRP E 507 -24.75 -23.68 18.03
CA TRP E 507 -25.37 -25.00 18.00
C TRP E 507 -25.61 -25.52 19.41
N MET E 508 -24.67 -25.28 20.32
CA MET E 508 -24.77 -25.81 21.67
C MET E 508 -25.64 -24.97 22.59
N ILE E 509 -25.95 -23.73 22.23
CA ILE E 509 -26.79 -22.91 23.11
C ILE E 509 -28.25 -23.02 22.73
N ARG E 510 -28.54 -23.29 21.45
CA ARG E 510 -29.93 -23.45 21.03
C ARG E 510 -30.59 -24.61 21.75
N LEU E 511 -29.86 -25.70 21.95
CA LEU E 511 -30.41 -26.85 22.66
C LEU E 511 -30.61 -26.59 24.15
N THR E 512 -29.83 -25.68 24.73
CA THR E 512 -29.98 -25.38 26.15
C THR E 512 -31.35 -24.81 26.48
N VAL E 513 -31.83 -23.85 25.69
CA VAL E 513 -33.14 -23.27 25.95
C VAL E 513 -34.23 -24.29 25.65
N TRP E 514 -34.05 -25.09 24.60
CA TRP E 514 -35.00 -26.17 24.31
C TRP E 514 -35.12 -27.14 25.48
N PHE E 515 -33.99 -27.50 26.11
CA PHE E 515 -34.01 -28.38 27.26
C PHE E 515 -34.64 -27.74 28.49
N ILE E 516 -34.27 -26.48 28.79
CA ILE E 516 -34.80 -25.85 29.99
C ILE E 516 -36.29 -25.56 29.87
N PHE E 517 -36.78 -25.22 28.68
CA PHE E 517 -38.21 -24.93 28.53
C PHE E 517 -39.06 -26.17 28.81
N LEU E 518 -38.63 -27.34 28.33
CA LEU E 518 -39.38 -28.56 28.57
C LEU E 518 -39.41 -28.92 30.05
N VAL E 519 -38.28 -28.76 30.76
CA VAL E 519 -38.21 -29.16 32.15
C VAL E 519 -38.79 -28.11 33.09
N ALA E 520 -38.97 -26.88 32.63
CA ALA E 520 -39.62 -25.85 33.44
C ALA E 520 -41.09 -25.71 33.11
N LEU E 521 -41.63 -26.62 32.28
CA LEU E 521 -43.02 -26.54 31.87
C LEU E 521 -43.82 -27.74 32.35
N PHE E 522 -43.28 -28.94 32.13
CA PHE E 522 -44.00 -30.16 32.49
C PHE E 522 -44.19 -30.27 33.99
N PHE E 523 -43.19 -29.89 34.78
CA PHE E 523 -43.27 -30.01 36.22
C PHE E 523 -44.14 -28.94 36.86
N ASN E 524 -44.18 -27.73 36.30
CA ASN E 524 -44.87 -26.62 36.97
C ASN E 524 -46.37 -26.87 37.10
N LEU E 525 -46.97 -27.53 36.11
CA LEU E 525 -48.38 -27.85 36.19
C LEU E 525 -48.69 -28.91 37.24
N LEU E 526 -47.81 -29.88 37.44
CA LEU E 526 -48.02 -30.94 38.42
C LEU E 526 -48.05 -30.40 39.85
N VAL E 527 -47.17 -29.46 40.20
CA VAL E 527 -47.18 -28.91 41.55
C VAL E 527 -48.47 -28.15 41.80
N ILE E 528 -48.92 -27.37 40.83
CA ILE E 528 -50.19 -26.65 40.98
C ILE E 528 -51.35 -27.63 41.11
N LEU E 529 -51.32 -28.71 40.32
CA LEU E 529 -52.38 -29.72 40.42
C LEU E 529 -52.41 -30.36 41.80
N THR E 530 -51.24 -30.70 42.34
CA THR E 530 -51.19 -31.27 43.68
C THR E 530 -51.63 -30.27 44.75
N THR E 531 -51.31 -28.99 44.56
CA THR E 531 -51.70 -27.97 45.53
C THR E 531 -53.21 -27.76 45.54
N PHE E 532 -53.83 -27.73 44.35
CA PHE E 532 -55.25 -27.46 44.22
C PHE E 532 -56.09 -28.71 44.02
N ALA E 533 -55.54 -29.89 44.31
CA ALA E 533 -56.32 -31.12 44.19
C ALA E 533 -57.48 -31.13 45.17
N CYS E 534 -57.20 -31.08 46.47
CA CYS E 534 -58.26 -31.02 47.47
C CYS E 534 -58.78 -29.59 47.64
N ALA E 535 -57.88 -28.63 47.75
CA ALA E 535 -58.24 -27.20 47.86
C ALA E 535 -59.19 -26.95 49.02
N THR E 536 -58.99 -27.67 50.12
CA THR E 536 -59.80 -27.51 51.32
C THR E 536 -59.00 -26.88 52.44
N SER E 537 -57.84 -27.45 52.79
CA SER E 537 -56.94 -26.90 53.79
C SER E 537 -55.73 -26.35 53.07
N LEU E 538 -55.51 -25.04 53.18
CA LEU E 538 -54.42 -24.35 52.49
C LEU E 538 -53.62 -23.55 53.50
N PRO E 539 -52.63 -24.17 54.14
CA PRO E 539 -51.76 -23.43 55.06
C PRO E 539 -50.94 -22.39 54.33
N SER E 540 -50.50 -21.38 55.09
CA SER E 540 -49.65 -20.34 54.53
C SER E 540 -48.33 -20.90 54.03
N SER E 541 -47.90 -22.05 54.54
CA SER E 541 -46.68 -22.68 54.08
C SER E 541 -46.78 -23.14 52.63
N LYS E 542 -47.92 -23.73 52.25
CA LYS E 542 -48.08 -24.32 50.93
C LYS E 542 -48.43 -23.31 49.85
N LEU E 543 -49.07 -22.19 50.20
CA LEU E 543 -49.47 -21.20 49.21
C LEU E 543 -48.27 -20.56 48.52
N PHE E 544 -47.22 -20.21 49.27
CA PHE E 544 -46.05 -19.59 48.68
C PHE E 544 -45.36 -20.52 47.70
N ILE E 545 -45.19 -21.79 48.07
CA ILE E 545 -44.54 -22.73 47.16
C ILE E 545 -45.45 -23.15 46.02
N GLY E 546 -46.76 -22.98 46.16
CA GLY E 546 -47.65 -23.21 45.04
C GLY E 546 -47.64 -22.08 44.03
N LEU E 547 -47.52 -20.83 44.50
CA LEU E 547 -47.43 -19.69 43.60
C LEU E 547 -46.09 -19.58 42.91
N ILE E 548 -45.04 -20.18 43.47
CA ILE E 548 -43.75 -20.22 42.79
C ILE E 548 -43.88 -21.00 41.49
N SER E 549 -44.66 -22.08 41.49
CA SER E 549 -44.90 -22.82 40.26
C SER E 549 -45.63 -21.98 39.23
N VAL E 550 -46.56 -21.12 39.67
CA VAL E 550 -47.25 -20.25 38.73
C VAL E 550 -46.28 -19.22 38.14
N SER E 551 -45.42 -18.65 38.98
CA SER E 551 -44.41 -17.73 38.46
C SER E 551 -43.46 -18.42 37.50
N ASN E 552 -43.08 -19.66 37.79
CA ASN E 552 -42.21 -20.41 36.88
C ASN E 552 -42.92 -20.74 35.58
N LEU E 553 -44.23 -21.00 35.62
CA LEU E 553 -44.98 -21.19 34.40
C LEU E 553 -45.02 -19.91 33.57
N PHE E 554 -45.17 -18.76 34.23
CA PHE E 554 -45.09 -17.48 33.53
C PHE E 554 -43.73 -17.26 32.90
N MET E 555 -42.65 -17.61 33.60
CA MET E 555 -41.32 -17.53 33.00
C MET E 555 -41.19 -18.49 31.83
N GLY E 556 -41.79 -19.67 31.94
CA GLY E 556 -41.79 -20.62 30.84
C GLY E 556 -42.54 -20.14 29.62
N ILE E 557 -43.57 -19.31 29.80
CA ILE E 557 -44.25 -18.72 28.66
C ILE E 557 -43.28 -17.83 27.88
N TYR E 558 -42.53 -16.99 28.59
CA TYR E 558 -41.51 -16.17 27.95
C TYR E 558 -40.45 -17.04 27.28
N THR E 559 -40.03 -18.11 27.94
CA THR E 559 -39.01 -18.99 27.36
C THR E 559 -39.51 -19.65 26.08
N GLY E 560 -40.77 -20.12 26.08
CA GLY E 560 -41.37 -20.69 24.89
C GLY E 560 -41.59 -19.69 23.78
N ILE E 561 -41.82 -18.42 24.13
CA ILE E 561 -41.86 -17.38 23.11
C ILE E 561 -40.54 -17.33 22.35
N LEU E 562 -39.42 -17.29 23.07
CA LEU E 562 -38.13 -17.18 22.42
C LEU E 562 -37.74 -18.45 21.68
N THR E 563 -38.00 -19.62 22.28
CA THR E 563 -37.62 -20.87 21.64
C THR E 563 -38.45 -21.15 20.38
N PHE E 564 -39.64 -20.55 20.27
CA PHE E 564 -40.46 -20.70 19.07
C PHE E 564 -40.19 -19.62 18.03
N LEU E 565 -39.89 -18.39 18.45
CA LEU E 565 -39.57 -17.34 17.48
C LEU E 565 -38.31 -17.69 16.70
N ASP E 566 -37.29 -18.23 17.38
CA ASP E 566 -36.11 -18.69 16.68
C ASP E 566 -36.39 -19.91 15.81
N ALA E 567 -37.20 -20.85 16.31
CA ALA E 567 -37.49 -22.05 15.54
C ALA E 567 -38.22 -21.73 14.25
N VAL E 568 -39.22 -20.85 14.30
CA VAL E 568 -39.96 -20.50 13.09
C VAL E 568 -39.12 -19.68 12.13
N SER E 569 -37.99 -19.12 12.58
CA SER E 569 -37.14 -18.32 11.72
C SER E 569 -35.71 -18.83 11.76
N TRP E 570 -35.55 -20.15 11.66
CA TRP E 570 -34.22 -20.77 11.68
C TRP E 570 -33.43 -20.31 10.46
N GLY E 571 -32.45 -19.44 10.67
CA GLY E 571 -31.64 -18.92 9.61
C GLY E 571 -32.24 -17.72 8.88
N ARG E 572 -33.45 -17.31 9.24
CA ARG E 572 -34.07 -16.15 8.61
C ARG E 572 -34.66 -15.22 9.65
N PHE E 573 -33.90 -14.92 10.71
CA PHE E 573 -34.38 -14.08 11.79
C PHE E 573 -34.45 -12.61 11.40
N ALA E 574 -33.64 -12.17 10.44
CA ALA E 574 -33.60 -10.74 10.10
C ALA E 574 -34.93 -10.23 9.57
N GLU E 575 -35.60 -10.99 8.69
CA GLU E 575 -36.85 -10.52 8.12
C GLU E 575 -38.00 -10.51 9.11
N PHE E 576 -37.83 -11.13 10.28
CA PHE E 576 -38.83 -11.07 11.33
C PHE E 576 -38.46 -10.13 12.47
N GLY E 577 -37.17 -9.80 12.62
CA GLY E 577 -36.74 -8.92 13.69
C GLY E 577 -37.32 -7.51 13.60
N ILE E 578 -37.43 -6.96 12.39
CA ILE E 578 -38.05 -5.65 12.22
C ILE E 578 -39.51 -5.64 12.63
N TRP E 579 -40.20 -6.78 12.51
CA TRP E 579 -41.59 -6.89 12.93
C TRP E 579 -41.73 -7.16 14.41
N TRP E 580 -40.76 -7.83 15.03
CA TRP E 580 -40.88 -8.20 16.43
C TRP E 580 -40.77 -6.97 17.34
N GLU E 581 -39.78 -6.12 17.11
CA GLU E 581 -39.59 -4.95 17.94
C GLU E 581 -40.60 -3.85 17.64
N THR E 582 -41.05 -3.73 16.39
CA THR E 582 -41.96 -2.66 15.99
C THR E 582 -43.41 -3.13 16.00
N GLY E 583 -43.67 -4.36 16.41
CA GLY E 583 -45.04 -4.83 16.53
C GLY E 583 -45.59 -4.57 17.91
N SER E 584 -46.48 -5.44 18.38
CA SER E 584 -47.04 -5.31 19.72
C SER E 584 -46.47 -6.30 20.71
N GLY E 585 -45.81 -7.36 20.25
CA GLY E 585 -45.30 -8.38 21.15
C GLY E 585 -44.04 -8.01 21.90
N CYS E 586 -43.31 -6.99 21.45
CA CYS E 586 -42.09 -6.59 22.14
C CYS E 586 -42.37 -5.95 23.49
N LYS E 587 -43.45 -5.19 23.62
CA LYS E 587 -43.85 -4.65 24.90
C LYS E 587 -44.61 -5.64 25.76
N VAL E 588 -45.06 -6.75 25.20
CA VAL E 588 -45.78 -7.77 25.96
C VAL E 588 -44.83 -8.79 26.56
N ALA E 589 -43.91 -9.31 25.76
CA ALA E 589 -42.97 -10.30 26.26
C ALA E 589 -42.09 -9.73 27.37
N GLY E 590 -41.62 -8.49 27.21
CA GLY E 590 -40.84 -7.86 28.26
C GLY E 590 -41.63 -7.68 29.54
N PHE E 591 -42.88 -7.26 29.44
CA PHE E 591 -43.71 -7.11 30.62
C PHE E 591 -43.94 -8.46 31.31
N LEU E 592 -44.19 -9.51 30.53
CA LEU E 592 -44.35 -10.84 31.14
C LEU E 592 -43.07 -11.30 31.83
N ALA E 593 -41.92 -11.04 31.21
CA ALA E 593 -40.66 -11.41 31.84
C ALA E 593 -40.44 -10.65 33.14
N VAL E 594 -40.74 -9.35 33.15
CA VAL E 594 -40.58 -8.57 34.38
C VAL E 594 -41.53 -9.07 35.46
N PHE E 595 -42.78 -9.34 35.09
CA PHE E 595 -43.76 -9.83 36.06
C PHE E 595 -43.35 -11.17 36.64
N SER E 596 -42.87 -12.09 35.81
CA SER E 596 -42.41 -13.38 36.30
C SER E 596 -41.15 -13.27 37.13
N SER E 597 -40.26 -12.33 36.81
CA SER E 597 -39.03 -12.16 37.58
C SER E 597 -39.32 -11.61 38.97
N GLU E 598 -40.14 -10.56 39.07
CA GLU E 598 -40.40 -9.94 40.37
C GLU E 598 -41.23 -10.84 41.28
N SER E 599 -42.06 -11.70 40.71
CA SER E 599 -42.76 -12.70 41.51
C SER E 599 -41.79 -13.69 42.15
N ALA E 600 -40.73 -14.07 41.45
CA ALA E 600 -39.72 -14.97 41.98
C ALA E 600 -38.93 -14.35 43.12
N ILE E 601 -39.04 -13.05 43.34
CA ILE E 601 -38.40 -12.36 44.44
C ILE E 601 -39.37 -12.10 45.58
N PHE E 602 -40.57 -11.61 45.25
CA PHE E 602 -41.51 -11.21 46.30
C PHE E 602 -42.04 -12.41 47.08
N LEU E 603 -42.37 -13.51 46.39
CA LEU E 603 -42.84 -14.70 47.09
C LEU E 603 -41.79 -15.23 48.04
N LEU E 604 -40.53 -15.28 47.59
CA LEU E 604 -39.44 -15.73 48.46
C LEU E 604 -39.24 -14.79 49.64
N MET E 605 -39.33 -13.49 49.41
CA MET E 605 -39.16 -12.54 50.50
C MET E 605 -40.26 -12.69 51.55
N LEU E 606 -41.50 -12.92 51.11
CA LEU E 606 -42.59 -13.10 52.06
C LEU E 606 -42.54 -14.45 52.77
N ALA E 607 -42.05 -15.50 52.11
CA ALA E 607 -42.05 -16.83 52.73
C ALA E 607 -41.11 -16.88 53.94
N THR E 608 -39.99 -16.16 53.89
CA THR E 608 -39.05 -16.16 55.00
C THR E 608 -39.64 -15.55 56.27
N VAL E 609 -40.41 -14.47 56.14
CA VAL E 609 -41.05 -13.88 57.31
C VAL E 609 -42.05 -14.86 57.91
N GLU E 610 -42.81 -15.55 57.06
CA GLU E 610 -43.74 -16.56 57.54
C GLU E 610 -43.02 -17.67 58.29
N ARG E 611 -41.91 -18.16 57.72
CA ARG E 611 -41.15 -19.21 58.40
C ARG E 611 -40.59 -18.73 59.73
N SER E 612 -40.06 -17.50 59.77
CA SER E 612 -39.54 -16.96 61.03
C SER E 612 -40.62 -16.77 62.08
N LEU E 613 -41.79 -16.28 61.70
CA LEU E 613 -42.88 -16.09 62.65
C LEU E 613 -43.47 -17.42 63.11
N SER E 614 -43.46 -18.45 62.26
CA SER E 614 -44.01 -19.74 62.65
C SER E 614 -43.27 -20.37 63.81
N ALA E 615 -41.95 -20.23 63.87
CA ALA E 615 -41.17 -20.84 64.94
C ALA E 615 -41.35 -20.13 66.28
N LYS E 616 -41.81 -18.87 66.27
CA LYS E 616 -41.95 -18.13 67.52
C LYS E 616 -43.07 -18.67 68.39
N ASP E 617 -44.00 -19.43 67.82
CA ASP E 617 -45.09 -20.01 68.59
C ASP E 617 -45.67 -21.23 67.88
N ASN E 625 -53.79 -17.83 63.05
CA ASN E 625 -54.90 -17.03 62.54
C ASN E 625 -54.41 -15.99 61.54
N HIS E 626 -53.14 -16.12 61.13
CA HIS E 626 -52.53 -15.19 60.20
C HIS E 626 -52.63 -15.66 58.74
N LEU E 627 -53.33 -16.76 58.48
CA LEU E 627 -53.44 -17.25 57.11
C LEU E 627 -54.22 -16.30 56.21
N LYS E 628 -55.23 -15.61 56.76
CA LYS E 628 -55.97 -14.62 55.98
C LYS E 628 -55.19 -13.34 55.78
N GLN E 629 -54.45 -12.89 56.79
CA GLN E 629 -53.59 -11.71 56.63
C GLN E 629 -52.49 -11.97 55.62
N PHE E 630 -51.92 -13.19 55.64
CA PHE E 630 -50.86 -13.52 54.69
C PHE E 630 -51.36 -13.59 53.26
N ARG E 631 -52.59 -14.06 53.03
CA ARG E 631 -53.14 -14.04 51.68
C ARG E 631 -53.26 -12.61 51.17
N VAL E 632 -53.72 -11.69 52.03
CA VAL E 632 -53.80 -10.28 51.64
C VAL E 632 -52.42 -9.73 51.35
N ALA E 633 -51.44 -10.04 52.20
CA ALA E 633 -50.08 -9.57 51.99
C ALA E 633 -49.43 -10.18 50.75
N ALA E 634 -49.92 -11.34 50.31
CA ALA E 634 -49.35 -12.00 49.14
C ALA E 634 -50.01 -11.59 47.83
N LEU E 635 -51.30 -11.25 47.85
CA LEU E 635 -51.98 -10.87 46.61
C LEU E 635 -51.42 -9.58 46.03
N LEU E 636 -50.95 -8.65 46.87
CA LEU E 636 -50.48 -7.36 46.38
C LEU E 636 -49.10 -7.44 45.73
N ALA E 637 -48.36 -8.52 45.94
CA ALA E 637 -47.06 -8.67 45.30
C ALA E 637 -47.20 -8.72 43.78
N PHE E 638 -48.21 -9.44 43.28
CA PHE E 638 -48.46 -9.47 41.84
C PHE E 638 -48.81 -8.09 41.29
N LEU E 639 -49.65 -7.34 42.01
CA LEU E 639 -50.02 -6.00 41.55
C LEU E 639 -48.82 -5.07 41.53
N GLY E 640 -47.95 -5.13 42.55
CA GLY E 640 -46.75 -4.33 42.53
C GLY E 640 -45.84 -4.65 41.36
N ALA E 641 -45.66 -5.95 41.06
CA ALA E 641 -44.86 -6.34 39.91
C ALA E 641 -45.50 -5.88 38.60
N THR E 642 -46.82 -5.95 38.49
CA THR E 642 -47.49 -5.46 37.29
C THR E 642 -47.27 -3.97 37.12
N VAL E 643 -47.39 -3.20 38.20
CA VAL E 643 -47.15 -1.76 38.12
C VAL E 643 -45.71 -1.48 37.70
N ALA E 644 -44.76 -2.20 38.29
CA ALA E 644 -43.36 -2.01 37.92
C ALA E 644 -43.12 -2.35 36.45
N GLY E 645 -43.71 -3.44 35.95
CA GLY E 645 -43.55 -3.81 34.56
C GLY E 645 -44.19 -2.83 33.60
N CYS E 646 -45.32 -2.24 33.97
CA CYS E 646 -45.99 -1.25 33.14
C CYS E 646 -45.36 0.14 33.26
N PHE E 647 -44.53 0.37 34.27
CA PHE E 647 -43.90 1.68 34.43
C PHE E 647 -43.11 2.11 33.18
N PRO E 648 -42.23 1.28 32.60
CA PRO E 648 -41.50 1.74 31.40
C PRO E 648 -42.39 1.98 30.19
N LEU E 649 -43.58 1.39 30.16
CA LEU E 649 -44.44 1.50 28.97
C LEU E 649 -44.87 2.94 28.71
N PHE E 650 -44.92 3.79 29.73
CA PHE E 650 -45.23 5.19 29.52
C PHE E 650 -44.16 5.88 28.68
N HIS E 651 -42.89 5.59 28.97
CA HIS E 651 -41.77 6.13 28.20
C HIS E 651 -41.60 5.34 26.91
N ARG E 652 -41.19 6.04 25.85
CA ARG E 652 -40.99 5.43 24.53
C ARG E 652 -39.51 5.49 24.19
N GLY E 653 -38.94 4.34 23.84
CA GLY E 653 -37.55 4.31 23.41
C GLY E 653 -36.63 3.51 24.31
N GLU E 654 -37.16 2.48 24.97
CA GLU E 654 -36.34 1.65 25.83
C GLU E 654 -36.63 0.17 25.59
N TYR E 655 -37.74 -0.12 24.91
CA TYR E 655 -38.14 -1.49 24.60
C TYR E 655 -37.79 -1.93 23.19
N SER E 656 -37.69 -0.99 22.25
CA SER E 656 -37.30 -1.32 20.87
C SER E 656 -35.79 -1.22 20.70
N ALA E 657 -35.05 -1.93 21.56
CA ALA E 657 -33.60 -1.89 21.50
C ALA E 657 -32.95 -3.25 21.63
N SER E 658 -33.72 -4.34 21.66
CA SER E 658 -33.16 -5.68 21.79
C SER E 658 -34.21 -6.68 21.35
N PRO E 659 -33.83 -7.72 20.61
CA PRO E 659 -34.81 -8.75 20.24
C PRO E 659 -35.40 -9.47 21.44
N LEU E 660 -34.66 -9.56 22.54
CA LEU E 660 -35.20 -10.11 23.77
C LEU E 660 -36.30 -9.24 24.36
N CYS E 661 -36.38 -7.98 23.93
CA CYS E 661 -37.40 -7.04 24.38
C CYS E 661 -37.36 -6.89 25.91
N LEU E 662 -36.15 -6.80 26.45
CA LEU E 662 -35.95 -6.63 27.88
C LEU E 662 -35.20 -5.33 28.13
N PRO E 663 -35.45 -4.66 29.25
CA PRO E 663 -34.90 -3.31 29.45
C PRO E 663 -33.46 -3.27 29.92
N PHE E 664 -32.98 -4.27 30.63
CA PHE E 664 -31.60 -4.24 31.14
C PHE E 664 -30.54 -4.64 30.11
N PRO E 665 -30.74 -5.68 29.28
CA PRO E 665 -29.64 -6.11 28.41
C PRO E 665 -29.18 -5.10 27.38
N THR E 666 -30.02 -4.12 27.03
CA THR E 666 -29.64 -3.13 26.03
C THR E 666 -28.55 -2.18 26.51
N GLY E 667 -28.24 -2.20 27.81
CA GLY E 667 -27.18 -1.36 28.35
C GLY E 667 -27.71 -0.40 29.41
N GLU E 668 -27.06 0.76 29.50
CA GLU E 668 -27.43 1.78 30.47
C GLU E 668 -27.97 3.05 29.86
N THR E 669 -27.61 3.37 28.61
CA THR E 669 -28.11 4.57 27.95
C THR E 669 -29.63 4.53 27.79
N PRO E 670 -30.23 3.41 27.35
CA PRO E 670 -31.70 3.37 27.31
C PRO E 670 -32.28 3.24 28.71
N SER E 671 -33.21 4.13 29.03
CA SER E 671 -33.90 4.13 30.33
C SER E 671 -32.91 4.16 31.49
N LEU E 672 -32.14 5.24 31.60
CA LEU E 672 -31.20 5.37 32.69
C LEU E 672 -31.91 5.45 34.04
N GLY E 673 -33.07 6.11 34.09
CA GLY E 673 -33.82 6.21 35.33
C GLY E 673 -34.59 4.96 35.69
N PHE E 674 -34.56 3.93 34.83
CA PHE E 674 -35.26 2.68 35.08
C PHE E 674 -34.32 1.51 35.36
N THR E 675 -33.25 1.36 34.58
CA THR E 675 -32.34 0.25 34.79
C THR E 675 -31.65 0.33 36.14
N VAL E 676 -31.21 1.51 36.54
CA VAL E 676 -30.51 1.67 37.82
C VAL E 676 -31.43 1.30 38.98
N THR E 677 -32.68 1.76 38.94
CA THR E 677 -33.62 1.42 39.99
C THR E 677 -34.00 -0.05 39.98
N LEU E 678 -34.10 -0.66 38.79
CA LEU E 678 -34.49 -2.06 38.70
C LEU E 678 -33.48 -2.99 39.35
N VAL E 679 -32.18 -2.71 39.21
CA VAL E 679 -31.18 -3.56 39.83
C VAL E 679 -31.26 -3.48 41.35
N LEU E 680 -31.34 -2.26 41.90
CA LEU E 680 -31.42 -2.11 43.34
C LEU E 680 -32.73 -2.66 43.90
N LEU E 681 -33.81 -2.67 43.11
CA LEU E 681 -35.06 -3.23 43.60
C LEU E 681 -34.91 -4.70 43.97
N ASN E 682 -34.18 -5.46 43.16
CA ASN E 682 -33.87 -6.84 43.51
C ASN E 682 -32.72 -6.97 44.49
N SER E 683 -31.76 -6.03 44.47
CA SER E 683 -30.63 -6.09 45.38
C SER E 683 -31.05 -5.91 46.83
N LEU E 684 -31.96 -4.97 47.10
CA LEU E 684 -32.36 -4.68 48.48
C LEU E 684 -33.22 -5.78 49.09
N ALA E 685 -33.91 -6.57 48.26
CA ALA E 685 -34.76 -7.62 48.80
C ALA E 685 -33.95 -8.78 49.37
N PHE E 686 -32.89 -9.20 48.67
CA PHE E 686 -32.08 -10.31 49.14
C PHE E 686 -31.35 -10.01 50.43
N LEU E 687 -30.86 -8.77 50.60
CA LEU E 687 -30.16 -8.42 51.83
C LEU E 687 -31.08 -8.50 53.04
N LEU E 688 -32.31 -8.03 52.90
CA LEU E 688 -33.29 -8.12 53.97
C LEU E 688 -33.82 -9.53 54.16
N MET E 689 -33.82 -10.36 53.12
CA MET E 689 -34.25 -11.75 53.20
C MET E 689 -33.24 -12.65 53.89
N ALA E 690 -31.95 -12.43 53.64
CA ALA E 690 -30.93 -13.34 54.18
C ALA E 690 -30.86 -13.28 55.70
N VAL E 691 -30.95 -12.09 56.28
CA VAL E 691 -30.86 -11.97 57.73
C VAL E 691 -32.01 -12.66 58.44
N ILE E 692 -33.17 -12.78 57.80
CA ILE E 692 -34.31 -13.44 58.41
C ILE E 692 -33.98 -14.89 58.72
N TYR E 693 -33.38 -15.60 57.76
CA TYR E 693 -32.94 -16.98 58.02
C TYR E 693 -31.66 -17.03 58.82
N THR E 694 -30.80 -16.03 58.71
CA THR E 694 -29.57 -16.01 59.49
C THR E 694 -29.87 -15.96 60.99
N LYS E 695 -30.87 -15.16 61.37
CA LYS E 695 -31.27 -15.05 62.77
C LYS E 695 -31.82 -16.36 63.32
N LEU E 696 -32.19 -17.30 62.44
CA LEU E 696 -32.77 -18.57 62.89
C LEU E 696 -31.72 -19.54 63.42
N TYR E 697 -30.43 -19.29 63.18
CA TYR E 697 -29.40 -20.21 63.68
C TYR E 697 -29.40 -20.30 65.19
N CYS E 698 -29.54 -19.17 65.88
CA CYS E 698 -29.62 -19.16 67.33
C CYS E 698 -30.89 -19.81 67.85
N ASN E 699 -31.98 -19.76 67.09
CA ASN E 699 -33.24 -20.38 67.49
C ASN E 699 -33.18 -21.90 67.45
N LEU E 700 -32.48 -22.46 66.47
CA LEU E 700 -32.37 -23.91 66.30
C LEU E 700 -31.43 -24.46 67.37
N GLU E 701 -32.01 -24.92 68.47
CA GLU E 701 -31.23 -25.47 69.56
C GLU E 701 -31.01 -26.97 69.39
N GLU E 707 -41.65 -30.06 66.83
CA GLU E 707 -41.12 -29.20 65.78
C GLU E 707 -40.49 -30.02 64.66
N ASN E 708 -40.50 -31.35 64.84
CA ASN E 708 -39.88 -32.22 63.85
C ASN E 708 -40.57 -32.12 62.49
N SER E 709 -41.91 -32.10 62.48
CA SER E 709 -42.64 -31.98 61.23
C SER E 709 -42.48 -30.58 60.63
N GLN E 710 -42.54 -29.54 61.45
CA GLN E 710 -42.38 -28.18 60.97
C GLN E 710 -40.99 -27.93 60.40
N SER E 711 -39.99 -28.67 60.90
CA SER E 711 -38.62 -28.50 60.42
C SER E 711 -38.44 -29.00 58.99
N SER E 712 -39.42 -29.72 58.44
CA SER E 712 -39.28 -30.28 57.10
C SER E 712 -39.18 -29.22 56.02
N MET E 713 -39.93 -28.13 56.12
CA MET E 713 -39.96 -27.12 55.09
C MET E 713 -38.87 -26.07 55.22
N ILE E 714 -38.19 -26.00 56.37
CA ILE E 714 -37.18 -24.96 56.57
C ILE E 714 -36.02 -25.16 55.60
N LYS E 715 -35.56 -26.39 55.44
CA LYS E 715 -34.49 -26.68 54.49
C LYS E 715 -34.90 -26.38 53.05
N HIS E 716 -36.14 -26.69 52.68
CA HIS E 716 -36.60 -26.40 51.33
C HIS E 716 -36.60 -24.90 51.06
N VAL E 717 -37.10 -24.11 52.01
CA VAL E 717 -37.11 -22.66 51.86
C VAL E 717 -35.70 -22.11 51.81
N ALA E 718 -34.80 -22.64 52.65
CA ALA E 718 -33.41 -22.21 52.61
C ALA E 718 -32.78 -22.48 51.25
N TRP E 719 -33.00 -23.68 50.69
CA TRP E 719 -32.51 -23.98 49.36
C TRP E 719 -33.11 -23.07 48.30
N LEU E 720 -34.41 -22.80 48.37
CA LEU E 720 -35.06 -21.92 47.41
C LEU E 720 -34.49 -20.52 47.43
N ILE E 721 -34.32 -19.93 48.62
CA ILE E 721 -33.77 -18.59 48.71
C ILE E 721 -32.28 -18.55 48.44
N PHE E 722 -31.58 -19.68 48.58
CA PHE E 722 -30.16 -19.76 48.28
C PHE E 722 -29.88 -19.72 46.77
N THR E 723 -30.62 -20.51 46.00
CA THR E 723 -30.31 -20.63 44.57
C THR E 723 -30.68 -19.37 43.81
N ASN E 724 -31.85 -18.78 44.09
CA ASN E 724 -32.24 -17.55 43.44
C ASN E 724 -31.33 -16.38 43.81
N CYS E 725 -30.72 -16.42 44.99
CA CYS E 725 -29.74 -15.40 45.37
C CYS E 725 -28.40 -15.61 44.68
N ILE E 726 -27.94 -16.86 44.58
CA ILE E 726 -26.63 -17.10 43.97
C ILE E 726 -26.68 -17.01 42.45
N PHE E 727 -27.83 -17.25 41.82
CA PHE E 727 -27.91 -17.18 40.37
C PHE E 727 -28.05 -15.75 39.84
N PHE E 728 -28.56 -14.83 40.66
CA PHE E 728 -28.79 -13.47 40.18
C PHE E 728 -27.50 -12.65 40.09
N CYS E 729 -26.49 -12.96 40.91
CA CYS E 729 -25.28 -12.16 40.89
C CYS E 729 -24.59 -12.15 39.53
N PRO E 730 -24.37 -13.28 38.86
CA PRO E 730 -23.82 -13.20 37.49
C PRO E 730 -24.73 -12.47 36.53
N VAL E 731 -26.05 -12.55 36.69
CA VAL E 731 -26.96 -11.85 35.80
C VAL E 731 -26.79 -10.34 35.92
N ALA E 732 -26.77 -9.84 37.15
CA ALA E 732 -26.65 -8.41 37.38
C ALA E 732 -25.22 -7.91 37.24
N PHE E 733 -24.22 -8.81 37.22
CA PHE E 733 -22.84 -8.38 37.05
C PHE E 733 -22.60 -7.71 35.71
N PHE E 734 -23.20 -8.25 34.64
CA PHE E 734 -23.04 -7.69 33.32
C PHE E 734 -23.97 -6.51 33.06
N SER E 735 -24.87 -6.20 34.00
CA SER E 735 -25.68 -4.99 33.86
C SER E 735 -24.82 -3.73 33.98
N PHE E 736 -23.88 -3.72 34.92
CA PHE E 736 -22.99 -2.59 35.15
C PHE E 736 -21.69 -2.72 34.36
N ALA E 737 -21.58 -3.74 33.51
CA ALA E 737 -20.37 -3.96 32.73
C ALA E 737 -20.24 -2.96 31.58
N PRO E 738 -21.26 -2.75 30.75
CA PRO E 738 -21.10 -1.78 29.65
C PRO E 738 -20.80 -0.37 30.13
N LEU E 739 -21.36 0.05 31.26
CA LEU E 739 -21.05 1.36 31.80
C LEU E 739 -19.68 1.35 32.46
N ILE E 740 -19.18 2.56 32.74
CA ILE E 740 -17.85 2.80 33.30
C ILE E 740 -16.79 2.37 32.30
N THR E 741 -16.02 3.35 31.79
CA THR E 741 -14.98 3.05 30.80
C THR E 741 -13.88 2.16 31.35
N ALA E 742 -13.63 2.21 32.66
CA ALA E 742 -12.53 1.44 33.24
C ALA E 742 -12.77 -0.07 33.18
N ILE E 743 -14.00 -0.49 32.89
CA ILE E 743 -14.34 -1.91 32.79
C ILE E 743 -14.88 -2.18 31.39
N SER E 744 -14.36 -3.22 30.75
CA SER E 744 -14.78 -3.61 29.41
C SER E 744 -15.42 -4.99 29.43
N ILE E 745 -16.29 -5.23 28.46
CA ILE E 745 -17.04 -6.48 28.39
C ILE E 745 -17.40 -6.74 26.94
N SER E 746 -17.49 -8.02 26.59
CA SER E 746 -17.91 -8.41 25.25
C SER E 746 -19.41 -8.51 25.18
N PRO E 747 -20.08 -7.77 24.29
CA PRO E 747 -21.53 -7.89 24.15
C PRO E 747 -21.98 -9.27 23.68
N GLU E 748 -21.10 -10.07 23.08
CA GLU E 748 -21.49 -11.39 22.60
C GLU E 748 -21.93 -12.30 23.74
N ILE E 749 -21.20 -12.26 24.87
CA ILE E 749 -21.54 -13.11 26.01
C ILE E 749 -22.63 -12.51 26.88
N MET E 750 -22.90 -11.21 26.76
CA MET E 750 -23.96 -10.61 27.57
C MET E 750 -25.32 -11.18 27.21
N LYS E 751 -25.58 -11.40 25.92
CA LYS E 751 -26.84 -12.04 25.53
C LYS E 751 -26.86 -13.51 25.92
N SER E 752 -25.75 -14.22 25.76
CA SER E 752 -25.72 -15.64 26.08
C SER E 752 -25.97 -15.90 27.55
N VAL E 753 -25.32 -15.11 28.43
CA VAL E 753 -25.51 -15.31 29.86
C VAL E 753 -26.93 -14.95 30.29
N THR E 754 -27.59 -14.04 29.58
CA THR E 754 -28.95 -13.67 29.93
C THR E 754 -29.96 -14.75 29.60
N LEU E 755 -29.73 -15.52 28.53
CA LEU E 755 -30.65 -16.55 28.10
C LEU E 755 -30.51 -17.84 28.91
N ILE E 756 -29.46 -17.95 29.73
CA ILE E 756 -29.20 -19.19 30.44
C ILE E 756 -29.40 -18.99 31.93
N PHE E 757 -28.79 -17.96 32.49
CA PHE E 757 -28.81 -17.73 33.93
C PHE E 757 -30.06 -17.00 34.41
N PHE E 758 -30.85 -16.43 33.51
CA PHE E 758 -32.09 -15.78 33.93
C PHE E 758 -33.21 -16.79 34.16
N PRO E 759 -33.46 -17.74 33.25
CA PRO E 759 -34.55 -18.70 33.48
C PRO E 759 -34.20 -19.85 34.43
N LEU E 760 -32.93 -20.04 34.78
CA LEU E 760 -32.57 -21.12 35.70
C LEU E 760 -33.25 -20.96 37.07
N PRO E 761 -33.23 -19.79 37.71
CA PRO E 761 -33.87 -19.70 39.04
C PRO E 761 -35.34 -20.06 39.04
N ALA E 762 -36.02 -19.90 37.92
CA ALA E 762 -37.44 -20.25 37.86
C ALA E 762 -37.61 -21.62 37.21
N CYS E 763 -36.61 -22.48 37.35
CA CYS E 763 -36.65 -23.78 36.69
C CYS E 763 -36.33 -24.93 37.64
N LEU E 764 -35.50 -24.67 38.65
CA LEU E 764 -35.00 -25.74 39.50
C LEU E 764 -35.90 -26.02 40.70
N ASN E 765 -36.71 -25.05 41.14
CA ASN E 765 -37.55 -25.28 42.32
C ASN E 765 -38.51 -26.46 42.16
N PRO E 766 -39.29 -26.57 41.07
CA PRO E 766 -40.24 -27.68 40.97
C PRO E 766 -39.60 -29.06 40.98
N VAL E 767 -38.42 -29.22 40.38
CA VAL E 767 -37.76 -30.53 40.38
C VAL E 767 -37.38 -30.94 41.80
N LEU E 768 -36.83 -29.99 42.56
CA LEU E 768 -36.47 -30.25 43.95
C LEU E 768 -37.69 -30.49 44.82
N TYR E 769 -38.81 -29.82 44.55
CA TYR E 769 -40.01 -30.04 45.35
C TYR E 769 -40.58 -31.44 45.19
N VAL E 770 -40.51 -32.01 43.99
CA VAL E 770 -41.05 -33.34 43.76
C VAL E 770 -40.21 -34.41 44.46
N PHE E 771 -38.90 -34.33 44.33
CA PHE E 771 -38.03 -35.35 44.89
C PHE E 771 -37.63 -35.04 46.33
N PHE E 772 -37.02 -33.88 46.57
CA PHE E 772 -36.44 -33.61 47.89
C PHE E 772 -37.52 -33.30 48.93
N ASN E 773 -38.52 -32.51 48.56
CA ASN E 773 -39.53 -32.10 49.53
C ASN E 773 -40.48 -33.26 49.81
N PRO E 774 -40.64 -33.67 51.08
CA PRO E 774 -41.52 -34.81 51.39
C PRO E 774 -43.00 -34.50 51.25
N LYS E 775 -43.40 -33.24 51.32
CA LYS E 775 -44.82 -32.89 51.23
C LYS E 775 -45.42 -33.22 49.87
N PHE E 776 -44.59 -33.49 48.86
CA PHE E 776 -45.10 -33.91 47.56
C PHE E 776 -45.90 -35.21 47.67
N LYS E 777 -45.39 -36.17 48.44
CA LYS E 777 -46.08 -37.44 48.61
C LYS E 777 -47.41 -37.28 49.34
N GLU E 778 -47.59 -36.19 50.10
CA GLU E 778 -48.87 -35.95 50.76
C GLU E 778 -50.00 -35.78 49.75
N ASP E 779 -49.80 -34.91 48.76
CA ASP E 779 -50.81 -34.68 47.74
C ASP E 779 -50.72 -35.66 46.58
N TRP E 780 -49.62 -36.41 46.47
CA TRP E 780 -49.53 -37.43 45.42
C TRP E 780 -50.59 -38.50 45.60
N LYS E 781 -50.85 -38.90 46.85
CA LYS E 781 -51.91 -39.87 47.10
C LYS E 781 -53.29 -39.24 46.96
N LEU E 782 -53.45 -37.98 47.35
CA LEU E 782 -54.72 -37.30 47.22
C LEU E 782 -55.15 -37.14 45.76
N LEU E 783 -54.21 -36.82 44.86
CA LEU E 783 -54.54 -36.64 43.46
C LEU E 783 -55.07 -37.91 42.82
N LYS E 784 -54.47 -39.06 43.13
CA LYS E 784 -54.90 -40.32 42.51
C LYS E 784 -56.33 -40.66 42.89
N ARG E 785 -56.69 -40.47 44.17
CA ARG E 785 -58.04 -40.74 44.63
C ARG E 785 -59.03 -39.65 44.26
N ARG E 786 -58.55 -38.45 43.90
CA ARG E 786 -59.44 -37.40 43.44
C ARG E 786 -60.16 -37.81 42.16
N VAL E 787 -59.45 -38.45 41.25
CA VAL E 787 -60.03 -38.89 39.98
C VAL E 787 -60.37 -40.38 40.00
N THR E 788 -59.35 -41.22 40.21
CA THR E 788 -59.57 -42.66 40.20
C THR E 788 -60.22 -43.12 41.50
N LYS F 1 -6.91 4.32 20.33
CA LYS F 1 -5.74 3.99 21.13
C LYS F 1 -5.10 2.69 20.64
N GLU F 2 -5.72 2.06 19.65
CA GLU F 2 -5.18 0.86 19.04
C GLU F 2 -3.80 1.15 18.44
N THR F 3 -2.84 0.28 18.70
CA THR F 3 -1.48 0.50 18.24
C THR F 3 -1.41 0.39 16.72
N ALA F 4 -0.50 1.17 16.14
CA ALA F 4 -0.25 1.16 14.71
C ALA F 4 1.16 0.67 14.44
N PHE F 5 1.26 -0.30 13.51
CA PHE F 5 2.54 -0.91 13.16
C PHE F 5 2.96 -0.31 11.81
N VAL F 6 3.84 0.68 11.87
CA VAL F 6 4.32 1.40 10.71
C VAL F 6 5.81 1.12 10.54
N GLU F 7 6.22 0.79 9.31
CA GLU F 7 7.62 0.55 9.03
C GLU F 7 7.98 1.22 7.72
N VAL F 8 9.27 1.51 7.56
CA VAL F 8 9.78 2.17 6.36
C VAL F 8 10.71 1.21 5.65
N VAL F 9 10.75 1.33 4.32
CA VAL F 9 11.54 0.46 3.46
C VAL F 9 12.40 1.34 2.58
N LEU F 10 13.57 0.84 2.18
CA LEU F 10 14.52 1.61 1.38
C LEU F 10 14.96 0.76 0.20
N PHE F 11 14.44 1.06 -0.99
CA PHE F 11 14.88 0.38 -2.20
C PHE F 11 16.32 0.79 -2.50
N GLU F 12 17.05 -0.05 -3.21
CA GLU F 12 18.44 0.25 -3.55
C GLU F 12 18.65 0.27 -5.05
N THR F 20 18.24 -4.71 -2.77
CA THR F 20 18.21 -5.01 -1.35
C THR F 20 17.47 -3.92 -0.60
N THR F 21 16.53 -4.31 0.26
CA THR F 21 15.65 -3.37 0.94
C THR F 21 15.79 -3.52 2.45
N TYR F 22 16.53 -2.60 3.06
CA TYR F 22 16.56 -2.51 4.52
C TYR F 22 15.21 -2.05 5.03
N THR F 23 14.77 -2.63 6.15
CA THR F 23 13.48 -2.31 6.73
C THR F 23 13.66 -1.88 8.18
N THR F 24 13.06 -0.75 8.55
CA THR F 24 13.06 -0.26 9.92
C THR F 24 11.62 0.04 10.32
N GLY F 25 11.22 -0.43 11.49
CA GLY F 25 9.86 -0.24 11.94
C GLY F 25 9.73 0.61 13.19
N LEU F 26 8.51 1.05 13.47
CA LEU F 26 8.23 1.81 14.69
C LEU F 26 6.76 1.69 14.99
N THR F 27 6.38 2.11 16.19
CA THR F 27 5.01 1.95 16.64
C THR F 27 4.33 3.30 16.85
N GLY F 28 3.03 3.31 16.61
CA GLY F 28 2.23 4.50 16.83
C GLY F 28 0.83 4.06 17.20
N ARG F 29 -0.04 5.05 17.40
CA ARG F 29 -1.40 4.79 17.82
C ARG F 29 -2.36 5.28 16.76
N PHE F 30 -3.28 4.41 16.34
CA PHE F 30 -4.35 4.83 15.45
C PHE F 30 -5.19 5.89 16.14
N SER F 31 -5.94 6.64 15.34
CA SER F 31 -6.82 7.66 15.85
C SER F 31 -8.24 7.44 15.35
N ARG F 32 -9.21 7.81 16.19
CA ARG F 32 -10.63 7.64 15.85
C ARG F 32 -11.14 8.76 14.98
N ALA F 33 -10.44 9.05 13.88
CA ALA F 33 -10.90 10.01 12.89
C ALA F 33 -11.06 9.39 11.52
N GLY F 34 -10.26 8.38 11.19
CA GLY F 34 -10.39 7.67 9.93
C GLY F 34 -10.51 6.19 10.19
N ALA F 35 -11.23 5.53 9.28
CA ALA F 35 -11.49 4.11 9.41
C ALA F 35 -10.18 3.34 9.53
N THR F 36 -10.00 2.65 10.66
CA THR F 36 -8.75 1.96 10.93
C THR F 36 -8.60 0.75 10.02
N LEU F 37 -7.68 0.84 9.07
CA LEU F 37 -7.35 -0.28 8.21
C LEU F 37 -5.96 -0.04 7.63
N SER F 38 -5.37 -1.10 7.08
CA SER F 38 -4.01 -1.04 6.58
C SER F 38 -3.93 -0.26 5.26
N ALA F 39 -2.79 0.38 5.04
CA ALA F 39 -2.55 1.14 3.84
C ALA F 39 -1.05 1.20 3.60
N GLU F 40 -0.67 1.56 2.38
CA GLU F 40 0.74 1.57 1.99
C GLU F 40 0.95 2.61 0.90
N GLY F 41 2.10 3.27 0.94
CA GLY F 41 2.42 4.26 -0.07
C GLY F 41 3.78 4.88 0.20
N GLU F 42 4.15 5.84 -0.65
CA GLU F 42 5.40 6.55 -0.50
C GLU F 42 5.27 7.65 0.54
N ILE F 43 6.34 7.91 1.27
CA ILE F 43 6.34 8.96 2.28
C ILE F 43 6.49 10.31 1.58
N VAL F 44 5.55 11.21 1.82
CA VAL F 44 5.60 12.57 1.29
C VAL F 44 5.40 13.53 2.45
N GLN F 45 6.49 14.15 2.89
CA GLN F 45 6.40 15.14 3.96
C GLN F 45 5.54 16.30 3.51
N MET F 46 4.65 16.77 4.38
CA MET F 46 3.82 17.91 4.10
C MET F 46 3.91 18.92 5.24
N HIS F 47 4.19 20.15 4.89
CA HIS F 47 4.28 21.19 5.90
C HIS F 47 2.88 21.49 6.45
N PRO F 48 2.77 21.77 7.76
CA PRO F 48 1.43 22.06 8.31
C PRO F 48 0.73 23.22 7.64
N LEU F 49 1.48 24.25 7.25
CA LEU F 49 0.89 25.42 6.60
C LEU F 49 0.55 25.18 5.14
N GLY F 50 1.11 24.15 4.51
CA GLY F 50 0.79 23.87 3.13
C GLY F 50 -0.53 23.18 2.92
N LEU F 51 -1.12 22.63 3.97
CA LEU F 51 -2.43 22.01 3.87
C LEU F 51 -3.54 22.97 4.25
N CYS F 52 -3.61 24.11 3.57
CA CYS F 52 -4.71 25.04 3.78
C CYS F 52 -5.69 24.89 2.62
N ASN F 53 -6.85 25.56 2.71
CA ASN F 53 -7.89 25.41 1.70
C ASN F 53 -8.13 26.67 0.88
N ASN F 54 -7.81 27.86 1.39
CA ASN F 54 -8.05 29.09 0.66
C ASN F 54 -7.23 29.19 -0.61
N ASN F 55 -6.20 28.38 -0.77
CA ASN F 55 -5.42 28.36 -2.00
C ASN F 55 -6.31 27.98 -3.18
N ASP F 56 -6.08 28.65 -4.31
CA ASP F 56 -6.88 28.42 -5.51
C ASP F 56 -6.47 27.15 -6.23
N GLU F 57 -5.22 27.08 -6.66
CA GLU F 57 -4.70 25.91 -7.37
C GLU F 57 -3.33 25.56 -6.82
N GLU F 58 -3.08 24.28 -6.61
CA GLU F 58 -1.80 23.79 -6.14
C GLU F 58 -1.40 22.55 -6.93
N ASP F 59 -0.10 22.29 -6.98
CA ASP F 59 0.41 21.14 -7.70
C ASP F 59 -0.09 19.85 -7.08
N LEU F 60 -0.35 18.86 -7.92
CA LEU F 60 -0.92 17.60 -7.49
C LEU F 60 0.14 16.50 -7.53
N TYR F 61 0.00 15.55 -6.61
CA TYR F 61 0.91 14.42 -6.55
C TYR F 61 0.22 13.19 -7.14
N GLU F 62 1.02 12.16 -7.44
CA GLU F 62 0.42 10.91 -7.89
C GLU F 62 -0.41 10.31 -6.77
N TYR F 63 -1.49 9.64 -7.17
CA TYR F 63 -2.43 9.08 -6.20
C TYR F 63 -1.71 8.05 -5.33
N GLY F 64 -1.90 8.16 -4.03
CA GLY F 64 -1.33 7.21 -3.11
C GLY F 64 -0.02 7.69 -2.54
N TRP F 65 -0.04 8.15 -1.30
CA TRP F 65 1.17 8.62 -0.63
C TRP F 65 0.86 8.82 0.84
N VAL F 66 1.71 8.27 1.70
CA VAL F 66 1.57 8.45 3.13
C VAL F 66 2.21 9.77 3.53
N GLY F 67 1.39 10.73 3.96
CA GLY F 67 1.88 12.04 4.27
C GLY F 67 2.29 12.15 5.73
N VAL F 68 3.43 12.77 5.97
CA VAL F 68 3.95 12.99 7.32
C VAL F 68 3.80 14.47 7.61
N VAL F 69 3.08 14.81 8.67
CA VAL F 69 2.83 16.20 9.05
C VAL F 69 3.30 16.36 10.48
N LYS F 70 4.34 17.17 10.68
CA LYS F 70 4.85 17.45 12.02
C LYS F 70 4.15 18.69 12.56
N LEU F 71 3.26 18.51 13.53
CA LEU F 71 2.51 19.62 14.08
C LEU F 71 3.42 20.57 14.84
N GLU F 72 3.06 21.85 14.83
CA GLU F 72 3.76 22.92 15.51
C GLU F 72 2.98 23.29 16.78
N GLN F 73 3.56 24.16 17.61
CA GLN F 73 2.93 24.55 18.87
C GLN F 73 1.63 25.29 18.61
N PRO F 74 0.58 25.02 19.41
CA PRO F 74 -0.70 25.69 19.17
C PRO F 74 -0.65 27.19 19.33
N GLU F 75 0.16 27.70 20.25
CA GLU F 75 0.25 29.14 20.48
C GLU F 75 1.02 29.86 19.38
N LEU F 76 1.81 29.14 18.59
CA LEU F 76 2.52 29.76 17.49
C LEU F 76 1.56 30.27 16.42
N ASP F 77 0.50 29.52 16.14
CA ASP F 77 -0.47 29.93 15.14
C ASP F 77 -1.71 30.47 15.84
N PRO F 78 -1.94 31.79 15.82
CA PRO F 78 -3.16 32.32 16.46
C PRO F 78 -4.42 32.02 15.68
N LYS F 79 -4.36 31.99 14.36
CA LYS F 79 -5.53 31.77 13.51
C LYS F 79 -5.21 30.72 12.47
N PRO F 80 -5.18 29.43 12.86
CA PRO F 80 -4.90 28.37 11.89
C PRO F 80 -5.94 28.35 10.79
N CYS F 81 -5.46 28.07 9.57
CA CYS F 81 -6.35 28.12 8.40
C CYS F 81 -7.41 27.03 8.47
N LEU F 82 -7.05 25.84 8.94
CA LEU F 82 -7.99 24.73 9.07
C LEU F 82 -7.71 23.99 10.38
N THR F 83 -8.68 23.21 10.81
CA THR F 83 -8.54 22.38 12.01
C THR F 83 -7.62 21.20 11.70
N VAL F 84 -7.19 20.49 12.74
CA VAL F 84 -6.33 19.33 12.53
C VAL F 84 -7.06 18.27 11.71
N LEU F 85 -8.34 18.05 12.00
CA LEU F 85 -9.14 17.15 11.18
C LEU F 85 -9.27 17.69 9.76
N GLY F 86 -9.36 19.01 9.60
CA GLY F 86 -9.39 19.61 8.29
C GLY F 86 -8.14 19.34 7.47
N LYS F 87 -6.96 19.38 8.12
CA LYS F 87 -5.73 19.02 7.43
C LYS F 87 -5.80 17.61 6.86
N ALA F 88 -6.20 16.64 7.68
CA ALA F 88 -6.30 15.26 7.21
C ALA F 88 -7.34 15.10 6.11
N LYS F 89 -8.48 15.77 6.22
CA LYS F 89 -9.49 15.67 5.18
C LYS F 89 -9.03 16.29 3.88
N ARG F 90 -8.25 17.38 3.95
CA ARG F 90 -7.71 17.97 2.73
C ARG F 90 -6.71 17.05 2.05
N ALA F 91 -5.84 16.41 2.83
CA ALA F 91 -4.83 15.53 2.25
C ALA F 91 -5.44 14.34 1.51
N VAL F 92 -6.48 13.73 2.07
CA VAL F 92 -7.13 12.61 1.40
C VAL F 92 -7.71 13.06 0.07
N GLN F 93 -8.36 14.23 0.06
CA GLN F 93 -8.82 14.79 -1.21
C GLN F 93 -7.67 15.08 -2.17
N ARG F 94 -6.51 15.46 -1.64
CA ARG F 94 -5.36 15.78 -2.50
C ARG F 94 -4.87 14.52 -3.22
N GLY F 95 -5.08 13.35 -2.63
CA GLY F 95 -4.67 12.11 -3.25
C GLY F 95 -3.92 11.20 -2.30
N ALA F 96 -3.78 11.62 -1.05
CA ALA F 96 -3.10 10.80 -0.06
C ALA F 96 -3.95 9.57 0.26
N THR F 97 -3.31 8.58 0.88
CA THR F 97 -4.00 7.36 1.28
C THR F 97 -3.93 7.09 2.77
N ALA F 98 -2.95 7.63 3.50
CA ALA F 98 -2.85 7.41 4.94
C ALA F 98 -2.00 8.54 5.51
N VAL F 99 -2.61 9.41 6.31
CA VAL F 99 -1.92 10.57 6.84
C VAL F 99 -1.33 10.21 8.19
N ILE F 100 -0.04 10.46 8.36
CA ILE F 100 0.65 10.25 9.62
C ILE F 100 0.98 11.61 10.21
N PHE F 101 0.47 11.87 11.40
CA PHE F 101 0.75 13.13 12.07
C PHE F 101 1.97 12.96 12.98
N ASP F 102 2.30 14.02 13.71
CA ASP F 102 3.37 13.97 14.71
C ASP F 102 2.95 14.96 15.79
N VAL F 103 2.27 14.45 16.82
CA VAL F 103 1.67 15.30 17.84
C VAL F 103 2.62 15.43 19.01
N SER F 104 3.89 15.08 18.80
CA SER F 104 4.88 15.15 19.87
C SER F 104 5.10 16.57 20.36
N GLU F 105 4.70 17.57 19.58
CA GLU F 105 4.81 18.97 19.99
C GLU F 105 3.47 19.60 20.32
N ASN F 106 2.39 19.14 19.69
CA ASN F 106 1.04 19.60 20.01
C ASN F 106 0.26 18.45 20.62
N PRO F 107 0.38 18.21 21.93
CA PRO F 107 -0.35 17.09 22.54
C PRO F 107 -1.86 17.21 22.41
N GLU F 108 -2.39 18.43 22.31
CA GLU F 108 -3.84 18.62 22.26
C GLU F 108 -4.47 18.07 20.98
N ALA F 109 -3.67 17.78 19.95
CA ALA F 109 -4.22 17.26 18.71
C ALA F 109 -4.88 15.90 18.87
N ILE F 110 -4.43 15.09 19.83
CA ILE F 110 -5.07 13.80 20.06
C ILE F 110 -6.52 13.97 20.43
N ASP F 111 -6.81 14.91 21.34
CA ASP F 111 -8.19 15.26 21.64
C ASP F 111 -8.88 15.88 20.44
N GLN F 112 -8.18 16.71 19.67
CA GLN F 112 -8.75 17.30 18.47
C GLN F 112 -9.23 16.25 17.48
N LEU F 113 -8.55 15.11 17.41
CA LEU F 113 -8.95 14.03 16.52
C LEU F 113 -10.01 13.13 17.13
N ASN F 114 -9.77 12.63 18.34
CA ASN F 114 -10.70 11.69 18.96
C ASN F 114 -12.04 12.33 19.31
N GLN F 115 -12.08 13.66 19.49
CA GLN F 115 -13.35 14.33 19.71
C GLN F 115 -14.21 14.31 18.44
N GLY F 116 -13.60 14.56 17.29
CA GLY F 116 -14.32 14.58 16.04
C GLY F 116 -14.68 13.20 15.53
N SER F 117 -15.52 12.49 16.27
CA SER F 117 -15.97 11.16 15.88
C SER F 117 -17.32 11.20 15.16
N GLU F 118 -17.85 12.39 14.88
CA GLU F 118 -19.15 12.50 14.23
C GLU F 118 -19.11 12.09 12.76
N ASP F 119 -18.02 12.38 12.05
CA ASP F 119 -17.89 12.07 10.62
C ASP F 119 -16.58 11.34 10.40
N PRO F 120 -16.60 10.01 10.43
CA PRO F 120 -15.36 9.24 10.24
C PRO F 120 -14.79 9.44 8.84
N LEU F 121 -13.46 9.39 8.73
CA LEU F 121 -12.80 9.52 7.44
C LEU F 121 -12.62 8.15 6.80
N LYS F 122 -12.53 8.14 5.46
CA LYS F 122 -12.46 6.88 4.73
C LYS F 122 -11.10 6.21 4.90
N ARG F 123 -10.06 6.96 5.21
CA ARG F 123 -8.72 6.39 5.22
C ARG F 123 -8.08 6.56 6.60
N PRO F 124 -7.13 5.69 6.94
CA PRO F 124 -6.56 5.73 8.29
C PRO F 124 -5.82 7.03 8.58
N VAL F 125 -5.83 7.40 9.85
CA VAL F 125 -5.09 8.55 10.35
C VAL F 125 -4.35 8.11 11.60
N VAL F 126 -3.05 8.41 11.65
CA VAL F 126 -2.17 7.91 12.70
C VAL F 126 -1.45 9.10 13.32
N TYR F 127 -1.24 9.07 14.63
CA TYR F 127 -0.42 10.04 15.31
C TYR F 127 0.71 9.33 16.05
N VAL F 128 1.93 9.82 15.86
CA VAL F 128 3.12 9.22 16.44
C VAL F 128 3.75 10.25 17.38
N LYS F 129 3.79 9.93 18.67
CA LYS F 129 4.29 10.84 19.67
C LYS F 129 5.57 10.29 20.27
N GLY F 130 6.10 11.00 21.26
CA GLY F 130 7.28 10.54 21.97
C GLY F 130 8.53 10.55 21.10
N ALA F 131 9.53 9.79 21.55
CA ALA F 131 10.81 9.71 20.87
C ALA F 131 10.77 8.82 19.65
N ASP F 132 9.69 8.08 19.42
CA ASP F 132 9.54 7.29 18.21
C ASP F 132 9.41 8.16 16.97
N ALA F 133 8.76 9.32 17.08
CA ALA F 133 8.70 10.25 15.95
C ALA F 133 10.06 10.85 15.63
N ILE F 134 10.98 10.89 16.59
CA ILE F 134 12.32 11.38 16.30
C ILE F 134 13.01 10.48 15.28
N LYS F 135 12.86 9.16 15.44
CA LYS F 135 13.43 8.24 14.46
C LYS F 135 12.78 8.40 13.10
N LEU F 136 11.46 8.60 13.07
CA LEU F 136 10.78 8.81 11.79
C LEU F 136 11.27 10.07 11.10
N MET F 137 11.46 11.15 11.87
CA MET F 137 12.01 12.38 11.29
C MET F 137 13.44 12.21 10.83
N ASN F 138 14.26 11.47 11.56
CA ASN F 138 15.62 11.20 11.12
C ASN F 138 15.66 10.38 9.83
N ILE F 139 14.56 9.71 9.48
CA ILE F 139 14.50 8.98 8.23
C ILE F 139 13.98 9.88 7.11
N VAL F 140 12.93 10.65 7.38
CA VAL F 140 12.43 11.58 6.38
C VAL F 140 13.43 12.69 6.09
N ASN F 141 14.36 12.93 7.01
CA ASN F 141 15.38 13.97 6.82
C ASN F 141 16.56 13.48 5.99
N LYS F 142 16.94 12.21 6.10
CA LYS F 142 18.16 11.71 5.48
C LYS F 142 17.89 10.99 4.16
N GLN F 143 17.07 9.95 4.19
CA GLN F 143 16.86 9.13 3.00
C GLN F 143 16.11 9.91 1.93
N LYS F 144 16.48 9.65 0.68
CA LYS F 144 15.86 10.30 -0.46
C LYS F 144 14.52 9.69 -0.85
N VAL F 145 14.37 8.38 -0.71
CA VAL F 145 13.12 7.69 -1.03
C VAL F 145 12.82 6.72 0.10
N ALA F 146 11.56 6.68 0.53
CA ALA F 146 11.14 5.74 1.55
C ALA F 146 9.80 5.14 1.14
N ARG F 147 9.46 4.04 1.77
CA ARG F 147 8.21 3.33 1.47
C ARG F 147 7.58 2.92 2.79
N ALA F 148 6.40 3.45 3.08
CA ALA F 148 5.76 3.26 4.37
C ALA F 148 4.53 2.38 4.25
N ARG F 149 4.44 1.40 5.14
CA ARG F 149 3.27 0.55 5.29
C ARG F 149 2.79 0.61 6.73
N ILE F 150 1.47 0.69 6.89
CA ILE F 150 0.86 0.70 8.21
C ILE F 150 -0.12 -0.46 8.29
N GLN F 151 -0.10 -1.16 9.42
CA GLN F 151 -0.86 -2.39 9.54
C GLN F 151 -1.32 -2.57 10.98
N HIS F 152 -2.41 -3.31 11.14
CA HIS F 152 -2.91 -3.68 12.46
C HIS F 152 -3.37 -5.14 12.43
N ARG F 153 -2.58 -6.02 13.06
CA ARG F 153 -2.89 -7.45 13.08
C ARG F 153 -2.77 -7.98 14.51
N PRO F 154 -3.77 -7.74 15.36
CA PRO F 154 -3.73 -8.30 16.71
C PRO F 154 -4.24 -9.74 16.71
N PRO F 155 -3.36 -10.72 16.93
CA PRO F 155 -3.81 -12.11 16.98
C PRO F 155 -4.13 -12.57 18.39
N ARG F 156 -4.61 -13.80 18.53
CA ARG F 156 -4.90 -14.43 19.83
C ARG F 156 -5.92 -13.55 20.56
N GLN F 157 -5.74 -13.32 21.86
CA GLN F 157 -6.68 -12.50 22.63
C GLN F 157 -5.93 -11.60 23.60
N GLU F 160 -6.61 -17.06 23.39
CA GLU F 160 -8.03 -17.34 23.30
C GLU F 160 -8.52 -18.08 24.53
N TYR F 161 -7.68 -18.12 25.57
CA TYR F 161 -8.06 -18.73 26.83
C TYR F 161 -8.53 -17.74 27.88
N PHE F 162 -8.09 -16.48 27.78
CA PHE F 162 -8.54 -15.45 28.71
C PHE F 162 -10.03 -15.20 28.61
N ASP F 163 -10.63 -15.40 27.43
CA ASP F 163 -12.05 -15.15 27.26
C ASP F 163 -12.89 -16.21 27.96
N MET F 164 -12.49 -17.48 27.88
CA MET F 164 -13.21 -18.56 28.54
C MET F 164 -12.89 -18.65 30.03
N GLY F 165 -11.93 -17.87 30.51
CA GLY F 165 -11.57 -17.89 31.91
C GLY F 165 -12.71 -17.53 32.84
N ILE F 166 -13.52 -16.54 32.47
CA ILE F 166 -14.66 -16.17 33.31
C ILE F 166 -15.67 -17.32 33.38
N PHE F 167 -15.97 -17.94 32.24
CA PHE F 167 -16.88 -19.07 32.20
C PHE F 167 -16.38 -20.26 33.02
N LEU F 168 -15.09 -20.55 32.98
CA LEU F 168 -14.52 -21.62 33.78
C LEU F 168 -14.45 -21.28 35.27
N ALA F 169 -14.20 -20.01 35.60
CA ALA F 169 -14.00 -19.63 37.00
C ALA F 169 -15.32 -19.51 37.75
N PHE F 170 -16.28 -18.78 37.19
CA PHE F 170 -17.58 -18.65 37.86
C PHE F 170 -18.28 -19.99 38.02
N PHE F 171 -18.03 -20.92 37.11
CA PHE F 171 -18.63 -22.25 37.21
C PHE F 171 -18.19 -22.98 38.48
N VAL F 172 -16.91 -22.89 38.85
CA VAL F 172 -16.44 -23.56 40.05
C VAL F 172 -17.05 -22.92 41.30
N VAL F 173 -17.21 -21.59 41.31
CA VAL F 173 -17.85 -20.93 42.43
C VAL F 173 -19.30 -21.39 42.55
N VAL F 174 -20.00 -21.49 41.41
CA VAL F 174 -21.37 -21.97 41.42
C VAL F 174 -21.44 -23.40 41.96
N SER F 175 -20.49 -24.24 41.57
CA SER F 175 -20.46 -25.60 42.08
C SER F 175 -20.19 -25.67 43.58
N LEU F 176 -19.27 -24.85 44.09
CA LEU F 176 -18.88 -24.90 45.49
C LEU F 176 -19.89 -24.27 46.44
N VAL F 177 -20.57 -23.20 46.03
CA VAL F 177 -21.54 -22.59 46.93
C VAL F 177 -22.69 -23.54 47.24
N CYS F 178 -23.11 -24.36 46.28
CA CYS F 178 -24.12 -25.38 46.55
C CYS F 178 -23.62 -26.44 47.53
N LEU F 179 -22.37 -26.88 47.41
CA LEU F 179 -21.82 -27.84 48.36
C LEU F 179 -21.71 -27.24 49.76
N ILE F 180 -21.51 -25.92 49.86
CA ILE F 180 -21.46 -25.30 51.18
C ILE F 180 -22.78 -25.49 51.92
N LEU F 181 -23.90 -25.24 51.24
CA LEU F 181 -25.21 -25.34 51.89
C LEU F 181 -25.53 -26.78 52.28
N LEU F 182 -25.06 -27.76 51.50
CA LEU F 182 -25.29 -29.15 51.85
C LEU F 182 -24.63 -29.50 53.18
N VAL F 183 -23.39 -29.06 53.40
CA VAL F 183 -22.74 -29.28 54.67
C VAL F 183 -23.43 -28.48 55.78
N LYS F 184 -23.90 -27.28 55.45
CA LYS F 184 -24.58 -26.46 56.46
C LYS F 184 -25.85 -27.12 56.97
N ILE F 185 -26.64 -27.72 56.06
CA ILE F 185 -27.95 -28.24 56.44
C ILE F 185 -27.89 -29.59 57.14
N LYS F 186 -26.79 -30.32 57.01
CA LYS F 186 -26.70 -31.64 57.63
C LYS F 186 -26.62 -31.53 59.16
N LEU F 187 -25.77 -30.64 59.66
CA LEU F 187 -25.58 -30.50 61.10
C LEU F 187 -26.71 -29.76 61.79
N LYS F 188 -27.55 -29.04 61.04
CA LYS F 188 -28.66 -28.31 61.63
C LYS F 188 -29.98 -29.00 61.36
N VAL G 21 27.01 72.90 -9.69
CA VAL G 21 26.71 73.55 -8.42
C VAL G 21 27.38 72.79 -7.27
N GLN G 22 28.06 73.53 -6.40
CA GLN G 22 28.70 72.96 -5.22
C GLN G 22 28.20 73.69 -3.99
N LEU G 23 27.97 72.94 -2.91
CA LEU G 23 27.50 73.48 -1.64
C LEU G 23 28.59 73.27 -0.61
N VAL G 24 29.24 74.36 -0.18
CA VAL G 24 30.33 74.31 0.78
C VAL G 24 29.86 74.93 2.08
N GLU G 25 30.05 74.22 3.18
CA GLU G 25 29.60 74.64 4.50
C GLU G 25 30.80 75.01 5.37
N SER G 26 30.70 76.13 6.06
CA SER G 26 31.74 76.57 6.97
C SER G 26 31.23 76.57 8.41
N SER G 442 24.09 77.77 20.19
CA SER G 442 24.95 78.95 20.16
C SER G 442 25.98 78.84 19.03
N LEU G 443 25.53 78.33 17.88
CA LEU G 443 26.39 78.17 16.72
C LEU G 443 25.72 78.75 15.48
N ARG G 444 26.55 79.06 14.48
CA ARG G 444 26.08 79.55 13.19
C ARG G 444 26.67 78.69 12.09
N LEU G 445 25.81 78.20 11.20
CA LEU G 445 26.22 77.36 10.08
C LEU G 445 25.84 78.07 8.79
N SER G 446 26.83 78.34 7.95
CA SER G 446 26.62 79.08 6.71
C SER G 446 27.14 78.27 5.53
N CYS G 447 26.29 78.10 4.52
CA CYS G 447 26.66 77.39 3.30
C CYS G 447 26.57 78.36 2.14
N ALA G 448 27.67 78.51 1.41
CA ALA G 448 27.73 79.44 0.29
C ALA G 448 27.45 78.69 -1.00
N ALA G 449 26.46 79.15 -1.75
CA ALA G 449 26.08 78.54 -3.02
C ALA G 449 26.24 79.56 -4.13
N SER G 450 27.13 79.28 -5.07
CA SER G 450 27.32 80.14 -6.23
C SER G 450 27.43 79.26 -7.48
N GLY G 451 26.67 78.17 -7.52
CA GLY G 451 26.73 77.26 -8.63
C GLY G 451 25.52 77.38 -9.54
N TYR G 452 24.33 77.54 -8.95
CA TYR G 452 23.13 77.71 -9.74
C TYR G 452 23.06 79.15 -10.23
N THR G 453 22.00 79.48 -10.96
CA THR G 453 21.89 80.82 -11.55
C THR G 453 21.54 81.84 -10.48
N TYR G 454 20.36 81.69 -9.85
CA TYR G 454 19.89 82.61 -8.83
C TYR G 454 18.61 82.07 -8.24
N SER G 455 18.01 82.87 -7.35
CA SER G 455 16.69 82.62 -6.75
C SER G 455 16.57 81.20 -6.22
N PRO G 456 17.26 80.86 -5.13
CA PRO G 456 17.14 79.50 -4.58
C PRO G 456 15.71 79.22 -4.14
N TYR G 457 15.29 77.99 -4.35
CA TYR G 457 13.93 77.57 -4.06
C TYR G 457 13.96 76.43 -3.08
N CYS G 458 13.20 76.58 -1.98
CA CYS G 458 13.04 75.52 -1.00
C CYS G 458 14.39 75.00 -0.51
N MET G 459 15.15 75.86 0.17
CA MET G 459 16.39 75.44 0.81
C MET G 459 16.07 74.89 2.19
N GLY G 460 16.97 74.05 2.69
CA GLY G 460 16.73 73.44 3.98
C GLY G 460 17.96 72.75 4.51
N TRP G 461 17.92 72.46 5.81
CA TRP G 461 18.99 71.77 6.52
C TRP G 461 18.54 70.37 6.92
N PHE G 462 19.47 69.43 6.87
CA PHE G 462 19.20 68.05 7.27
C PHE G 462 20.33 67.55 8.15
N ARG G 463 20.00 66.70 9.11
CA ARG G 463 20.98 66.07 9.98
C ARG G 463 20.82 64.56 9.93
N GLN G 464 21.95 63.85 9.96
CA GLN G 464 21.95 62.40 9.89
C GLN G 464 22.73 61.83 11.07
N ALA G 465 22.08 60.98 11.85
CA ALA G 465 22.83 60.28 12.88
C ALA G 465 23.64 59.15 12.27
N PRO G 466 24.78 58.78 12.87
CA PRO G 466 25.65 57.77 12.25
C PRO G 466 25.05 56.38 12.32
N GLY G 467 24.14 56.08 11.39
CA GLY G 467 23.49 54.78 11.35
C GLY G 467 21.99 54.91 11.26
N LYS G 468 21.51 56.14 11.28
CA LYS G 468 20.08 56.43 11.16
C LYS G 468 19.79 57.10 9.83
N ALA G 469 18.54 57.50 9.62
CA ALA G 469 18.14 58.21 8.43
C ALA G 469 18.42 59.71 8.63
N ARG G 470 18.03 60.53 7.66
CA ARG G 470 18.18 61.97 7.79
C ARG G 470 16.78 62.59 7.74
N GLU G 471 16.63 63.72 8.43
CA GLU G 471 15.34 64.36 8.52
C GLU G 471 15.52 65.86 8.47
N GLY G 472 14.44 66.56 8.12
CA GLY G 472 14.47 68.01 8.01
C GLY G 472 14.40 68.67 9.38
N VAL G 473 15.06 69.83 9.48
CA VAL G 473 14.94 70.66 10.66
C VAL G 473 14.38 72.05 10.36
N ALA G 474 14.57 72.57 9.16
CA ALA G 474 14.03 73.87 8.77
C ALA G 474 14.12 73.99 7.26
N THR G 475 13.04 74.46 6.64
CA THR G 475 12.95 74.55 5.19
C THR G 475 12.46 75.94 4.83
N VAL G 476 13.36 76.79 4.33
CA VAL G 476 13.00 78.14 3.94
C VAL G 476 12.38 78.13 2.55
N ASP G 477 11.18 78.69 2.44
CA ASP G 477 10.48 78.82 1.18
C ASP G 477 10.98 80.03 0.42
N LEU G 478 10.74 80.03 -0.90
CA LEU G 478 11.12 81.18 -1.72
C LEU G 478 10.42 82.45 -1.28
N ASP G 479 9.13 82.34 -0.92
CA ASP G 479 8.40 83.53 -0.46
C ASP G 479 8.97 84.07 0.84
N GLY G 480 9.73 83.27 1.56
CA GLY G 480 10.31 83.70 2.82
C GLY G 480 9.71 82.99 4.00
N SER G 481 8.96 81.93 3.73
CA SER G 481 8.32 81.13 4.77
C SER G 481 9.27 80.01 5.19
N THR G 482 9.03 79.49 6.39
CA THR G 482 9.87 78.42 6.94
C THR G 482 8.98 77.41 7.64
N ILE G 483 9.44 76.16 7.63
CA ILE G 483 8.74 75.07 8.30
C ILE G 483 9.75 74.34 9.17
N TYR G 484 9.56 74.39 10.48
CA TYR G 484 10.43 73.68 11.41
C TYR G 484 9.81 72.34 11.81
N ALA G 485 10.45 71.67 12.77
CA ALA G 485 9.88 70.44 13.34
C ALA G 485 9.48 70.69 14.78
N ASP G 486 8.91 69.68 15.43
CA ASP G 486 8.51 69.80 16.82
C ASP G 486 9.70 70.01 17.75
N SER G 487 10.80 69.31 17.50
CA SER G 487 12.01 69.42 18.31
C SER G 487 12.89 70.59 17.86
N VAL G 488 12.45 71.35 16.88
CA VAL G 488 13.23 72.45 16.35
C VAL G 488 12.61 73.81 16.62
N LYS G 489 11.28 73.88 16.76
CA LYS G 489 10.59 75.14 16.97
C LYS G 489 11.07 75.84 18.24
N GLY G 490 11.46 77.11 18.09
CA GLY G 490 11.93 77.91 19.20
C GLY G 490 13.39 77.72 19.55
N ARG G 491 14.06 76.73 18.95
CA ARG G 491 15.46 76.48 19.21
C ARG G 491 16.36 76.71 18.01
N PHE G 492 15.80 76.84 16.81
CA PHE G 492 16.57 77.12 15.61
C PHE G 492 15.86 78.21 14.82
N THR G 493 16.63 79.13 14.25
CA THR G 493 16.10 80.19 13.40
C THR G 493 16.92 80.22 12.12
N ILE G 494 16.39 79.63 11.06
CA ILE G 494 17.08 79.58 9.78
C ILE G 494 17.00 80.95 9.13
N SER G 495 18.14 81.46 8.68
CA SER G 495 18.22 82.77 8.04
C SER G 495 18.74 82.61 6.62
N GLN G 496 18.10 83.33 5.70
CA GLN G 496 18.39 83.20 4.28
C GLN G 496 18.36 84.56 3.63
N ASP G 497 19.34 84.84 2.77
CA ASP G 497 19.34 86.03 1.94
C ASP G 497 19.70 85.63 0.52
N ASN G 498 18.84 86.02 -0.43
CA ASN G 498 19.06 85.73 -1.84
C ASN G 498 19.97 86.75 -2.51
N ALA G 499 20.39 87.78 -1.78
CA ALA G 499 21.30 88.78 -2.33
C ALA G 499 22.67 88.16 -2.56
N LYS G 500 23.30 87.68 -1.49
CA LYS G 500 24.58 86.98 -1.61
C LYS G 500 24.43 85.47 -1.70
N ASN G 501 23.19 84.96 -1.70
CA ASN G 501 22.90 83.54 -1.86
C ASN G 501 23.62 82.69 -0.80
N THR G 502 23.36 82.97 0.47
CA THR G 502 23.92 82.20 1.56
C THR G 502 22.76 81.56 2.32
N LEU G 503 23.10 80.88 3.42
CA LEU G 503 22.09 80.22 4.23
C LEU G 503 22.62 80.15 5.67
N TYR G 504 21.94 80.83 6.58
CA TYR G 504 22.36 80.89 7.97
C TYR G 504 21.48 80.00 8.83
N LEU G 505 22.09 79.42 9.86
CA LEU G 505 21.37 78.63 10.84
C LEU G 505 21.83 79.04 12.23
N GLN G 506 20.88 79.39 13.09
CA GLN G 506 21.16 79.80 14.46
C GLN G 506 20.52 78.77 15.39
N MET G 507 21.31 78.27 16.35
CA MET G 507 20.85 77.27 17.29
C MET G 507 21.04 77.78 18.71
N ASN G 508 20.07 77.47 19.57
CA ASN G 508 20.09 77.94 20.96
C ASN G 508 19.55 76.85 21.86
N SER G 509 19.89 76.95 23.15
CA SER G 509 19.49 75.99 24.17
C SER G 509 19.86 74.58 23.75
N LEU G 510 21.13 74.37 23.41
CA LEU G 510 21.58 73.09 22.88
C LEU G 510 21.57 72.02 23.96
N LYS G 511 21.34 70.77 23.53
CA LYS G 511 21.36 69.62 24.40
C LYS G 511 22.00 68.47 23.65
N PRO G 512 22.66 67.54 24.36
CA PRO G 512 23.30 66.42 23.66
C PRO G 512 22.30 65.42 23.12
N GLU G 513 21.42 65.88 22.24
CA GLU G 513 20.39 65.03 21.65
C GLU G 513 20.44 65.11 20.14
N ASP G 514 20.81 66.28 19.61
CA ASP G 514 20.82 66.53 18.17
C ASP G 514 22.23 66.67 17.63
N THR G 515 23.20 66.03 18.27
CA THR G 515 24.60 66.14 17.85
C THR G 515 24.88 65.10 16.78
N ALA G 516 25.03 65.55 15.54
CA ALA G 516 25.30 64.66 14.41
C ALA G 516 25.87 65.48 13.26
N MET G 517 25.97 64.84 12.10
CA MET G 517 26.48 65.50 10.91
C MET G 517 25.32 66.20 10.19
N TYR G 518 25.40 67.52 10.11
CA TYR G 518 24.32 68.31 9.52
C TYR G 518 24.63 68.64 8.06
N TYR G 519 23.63 68.48 7.21
CA TYR G 519 23.78 68.67 5.78
C TYR G 519 22.88 69.80 5.29
N CYS G 520 23.33 70.47 4.24
CA CYS G 520 22.61 71.56 3.60
C CYS G 520 22.18 71.14 2.20
N ALA G 521 20.98 71.55 1.81
CA ALA G 521 20.46 71.18 0.51
C ALA G 521 19.52 72.27 0.01
N SER G 522 19.37 72.34 -1.31
CA SER G 522 18.53 73.34 -1.95
C SER G 522 17.98 72.76 -3.25
N ARG G 523 16.98 73.45 -3.81
CA ARG G 523 16.33 72.98 -5.02
C ARG G 523 16.25 74.12 -6.01
N THR G 524 16.77 73.91 -7.22
CA THR G 524 16.70 74.93 -8.27
C THR G 524 15.30 75.03 -8.85
N ARG G 525 14.81 73.94 -9.42
CA ARG G 525 13.49 73.94 -10.05
C ARG G 525 12.39 73.99 -9.00
N ALA G 526 11.37 74.79 -9.28
CA ALA G 526 10.21 74.93 -8.41
C ALA G 526 9.12 73.95 -8.86
N GLY G 527 7.93 74.09 -8.28
CA GLY G 527 6.80 73.25 -8.64
C GLY G 527 6.48 72.14 -7.68
N VAL G 528 7.15 72.07 -6.53
CA VAL G 528 6.92 71.03 -5.53
C VAL G 528 6.73 71.69 -4.18
N THR G 529 5.73 71.21 -3.44
CA THR G 529 5.47 71.73 -2.10
C THR G 529 6.68 71.53 -1.19
N CYS G 530 7.06 72.59 -0.47
CA CYS G 530 8.16 72.50 0.47
C CYS G 530 7.77 71.69 1.69
N GLY G 531 8.77 71.21 2.40
CA GLY G 531 8.54 70.47 3.63
C GLY G 531 9.79 69.80 4.13
N LEU G 532 9.65 69.07 5.23
CA LEU G 532 10.75 68.32 5.82
C LEU G 532 10.82 66.97 5.13
N ASN G 533 11.51 66.95 3.99
CA ASN G 533 11.61 65.74 3.19
C ASN G 533 12.89 65.85 2.36
N TRP G 534 13.59 64.72 2.22
CA TRP G 534 14.87 64.70 1.52
C TRP G 534 14.76 64.27 0.08
N ALA G 535 13.60 63.81 -0.37
CA ALA G 535 13.47 63.29 -1.73
C ALA G 535 13.35 64.38 -2.78
N ILE G 536 13.01 65.60 -2.39
CA ILE G 536 12.76 66.64 -3.38
C ILE G 536 13.98 67.51 -3.67
N PHE G 537 15.00 67.48 -2.82
CA PHE G 537 16.17 68.32 -3.02
C PHE G 537 17.11 67.70 -4.04
N SER G 538 17.84 68.56 -4.73
CA SER G 538 18.69 68.13 -5.84
C SER G 538 20.18 68.26 -5.54
N TYR G 539 20.59 69.26 -4.77
CA TYR G 539 22.00 69.49 -4.49
C TYR G 539 22.27 69.41 -3.00
N TRP G 540 23.24 68.59 -2.63
CA TRP G 540 23.59 68.39 -1.23
C TRP G 540 25.02 68.84 -1.00
N GLY G 541 25.29 69.31 0.22
CA GLY G 541 26.61 69.66 0.66
C GLY G 541 27.26 68.54 1.44
N GLN G 542 28.49 68.80 1.89
CA GLN G 542 29.23 67.82 2.69
C GLN G 542 28.83 67.90 4.14
N GLY G 543 28.70 69.12 4.67
CA GLY G 543 28.23 69.31 6.02
C GLY G 543 29.33 69.18 7.06
N THR G 544 29.10 69.80 8.21
CA THR G 544 30.03 69.81 9.32
C THR G 544 29.42 69.11 10.53
N GLN G 545 30.22 68.27 11.17
CA GLN G 545 29.79 67.59 12.39
C GLN G 545 29.59 68.61 13.49
N VAL G 546 28.45 68.55 14.16
CA VAL G 546 28.07 69.52 15.18
C VAL G 546 27.78 68.76 16.46
N THR G 547 28.50 69.09 17.52
CA THR G 547 28.28 68.53 18.85
C THR G 547 28.18 69.64 19.88
N VAL G 548 27.46 69.35 20.95
CA VAL G 548 27.26 70.33 22.01
C VAL G 548 28.56 70.54 22.78
N SER G 549 28.61 71.63 23.54
CA SER G 549 29.79 71.95 24.34
C SER G 549 29.40 72.46 25.72
N LYS H 1 17.45 32.87 5.04
CA LYS H 1 17.42 32.53 6.45
C LYS H 1 17.05 33.74 7.29
N GLY H 2 16.47 33.48 8.46
CA GLY H 2 16.06 34.55 9.35
C GLY H 2 14.55 34.56 9.54
N CYS H 3 14.09 33.95 10.64
CA CYS H 3 12.68 33.91 10.95
C CYS H 3 12.45 33.81 12.45
N LEU H 4 11.24 33.43 12.85
CA LEU H 4 10.88 33.37 14.27
C LEU H 4 10.98 31.95 14.81
N SER H 5 10.30 30.99 14.18
CA SER H 5 10.32 29.62 14.71
C SER H 5 11.56 28.86 14.27
N CYS H 6 11.69 28.64 12.96
CA CYS H 6 12.80 27.89 12.37
C CYS H 6 13.02 26.55 13.07
N SER H 7 11.99 25.72 13.12
CA SER H 7 12.14 24.37 13.64
C SER H 7 13.00 23.54 12.68
N LYS H 8 13.73 22.59 13.25
CA LYS H 8 14.73 21.84 12.51
C LYS H 8 14.16 20.87 11.49
N ASP H 9 12.85 20.60 11.52
CA ASP H 9 12.23 19.67 10.58
C ASP H 9 11.35 20.35 9.56
N ASN H 10 10.66 21.42 9.93
CA ASN H 10 9.81 22.16 9.01
C ASN H 10 10.47 23.40 8.46
N GLY H 11 11.76 23.60 8.72
CA GLY H 11 12.35 24.85 8.33
C GLY H 11 11.79 25.97 9.18
N CYS H 12 11.79 27.17 8.61
CA CYS H 12 11.31 28.36 9.31
C CYS H 12 9.84 28.56 8.98
N SER H 13 8.99 28.49 10.01
CA SER H 13 7.55 28.42 9.83
C SER H 13 6.84 29.75 10.08
N ARG H 14 7.56 30.87 10.13
CA ARG H 14 6.91 32.17 10.28
C ARG H 14 7.89 33.25 9.85
N CYS H 15 7.56 33.96 8.78
CA CYS H 15 8.41 35.01 8.25
C CYS H 15 8.50 36.17 9.25
N GLN H 16 9.39 37.13 8.99
CA GLN H 16 9.72 38.09 10.04
C GLN H 16 8.65 39.17 10.17
N GLN H 17 8.60 40.10 9.23
CA GLN H 17 7.50 41.07 9.21
C GLN H 17 6.97 41.29 7.80
N LYS H 18 7.88 41.38 6.84
CA LYS H 18 7.53 41.80 5.48
C LYS H 18 8.23 40.94 4.44
N LEU H 19 8.38 39.65 4.72
CA LEU H 19 9.07 38.75 3.81
C LEU H 19 8.12 37.65 3.36
N PHE H 20 8.44 37.04 2.23
CA PHE H 20 7.54 36.06 1.65
C PHE H 20 7.86 34.65 2.14
N PHE H 21 6.82 33.85 2.31
CA PHE H 21 6.92 32.51 2.85
C PHE H 21 6.75 31.49 1.75
N PHE H 22 7.80 30.71 1.51
CA PHE H 22 7.86 29.84 0.34
C PHE H 22 8.20 28.42 0.78
N LEU H 23 7.45 27.46 0.23
CA LEU H 23 7.58 26.05 0.58
C LEU H 23 8.46 25.36 -0.44
N ARG H 24 9.69 25.03 -0.05
CA ARG H 24 10.67 24.40 -0.93
C ARG H 24 10.59 22.88 -0.74
N ARG H 25 10.27 22.17 -1.80
CA ARG H 25 10.18 20.72 -1.77
C ARG H 25 11.33 20.11 -2.56
N GLU H 26 12.09 19.22 -1.92
CA GLU H 26 13.06 18.40 -2.61
C GLU H 26 13.09 17.04 -1.95
N GLY H 27 13.20 16.00 -2.78
CA GLY H 27 13.13 14.65 -2.29
C GLY H 27 11.79 14.36 -1.64
N MET H 28 11.80 14.19 -0.33
CA MET H 28 10.56 13.96 0.41
C MET H 28 10.24 15.15 1.29
N ARG H 29 11.24 15.69 1.98
CA ARG H 29 11.01 16.77 2.93
C ARG H 29 10.56 18.03 2.20
N GLN H 30 9.69 18.79 2.88
CA GLN H 30 9.17 20.06 2.37
C GLN H 30 9.38 21.09 3.48
N TYR H 31 10.55 21.71 3.50
CA TYR H 31 10.85 22.70 4.51
C TYR H 31 10.53 24.10 4.00
N GLY H 32 9.89 24.88 4.86
CA GLY H 32 9.48 26.23 4.51
C GLY H 32 10.60 27.21 4.81
N GLU H 33 11.06 27.90 3.78
CA GLU H 33 12.08 28.92 3.92
C GLU H 33 11.50 30.25 3.50
N CYS H 34 11.97 31.32 4.13
CA CYS H 34 11.43 32.65 3.92
C CYS H 34 12.36 33.47 3.04
N LEU H 35 11.78 34.13 2.05
CA LEU H 35 12.57 34.86 1.06
C LEU H 35 12.15 36.32 0.97
N HIS H 36 13.03 37.17 0.44
CA HIS H 36 12.66 38.56 0.20
C HIS H 36 11.73 38.67 -1.01
N SER H 37 12.01 37.94 -2.07
CA SER H 37 11.23 38.03 -3.29
C SER H 37 10.94 36.61 -3.77
N CYS H 38 9.85 36.44 -4.54
CA CYS H 38 9.56 35.15 -5.14
C CYS H 38 10.68 34.76 -6.10
N PRO H 39 11.20 33.54 -5.99
CA PRO H 39 12.42 33.18 -6.73
C PRO H 39 12.27 33.29 -8.24
N SER H 40 11.38 32.51 -8.84
CA SER H 40 11.20 32.48 -10.28
C SER H 40 9.97 31.64 -10.60
N GLY H 41 9.19 32.07 -11.59
CA GLY H 41 7.94 31.42 -11.88
C GLY H 41 6.94 31.49 -10.74
N TYR H 42 7.06 32.49 -9.87
CA TYR H 42 6.13 32.69 -8.78
C TYR H 42 5.72 34.15 -8.78
N TYR H 43 4.65 34.48 -8.07
CA TYR H 43 4.23 35.86 -7.96
C TYR H 43 3.93 36.17 -6.50
N GLY H 44 4.59 37.20 -5.98
CA GLY H 44 4.37 37.59 -4.60
C GLY H 44 2.93 37.98 -4.34
N HIS H 45 2.46 37.69 -3.15
CA HIS H 45 1.09 37.96 -2.78
C HIS H 45 1.09 38.49 -1.35
N ARG H 46 1.06 39.81 -1.19
CA ARG H 46 1.06 40.42 0.12
C ARG H 46 -0.25 40.13 0.83
N ALA H 47 -0.20 40.23 2.16
CA ALA H 47 -1.38 39.99 2.99
C ALA H 47 -1.09 40.51 4.38
N PRO H 48 -2.07 41.07 5.09
CA PRO H 48 -1.82 41.52 6.46
C PRO H 48 -1.51 40.38 7.42
N ASP H 49 -1.84 39.14 7.06
CA ASP H 49 -1.60 38.01 7.94
C ASP H 49 -0.27 37.33 7.65
N MET H 50 -0.08 36.86 6.41
CA MET H 50 1.13 36.14 6.07
C MET H 50 1.41 36.31 4.58
N ASN H 51 2.62 36.72 4.25
CA ASN H 51 3.01 36.94 2.86
C ASN H 51 3.30 35.60 2.19
N ARG H 52 2.40 35.18 1.31
CA ARG H 52 2.51 33.90 0.63
C ARG H 52 3.08 34.11 -0.76
N CYS H 53 4.14 33.39 -1.09
CA CYS H 53 4.66 33.39 -2.44
C CYS H 53 4.03 32.24 -3.23
N ALA H 54 3.08 32.57 -4.09
CA ALA H 54 2.28 31.56 -4.78
C ALA H 54 2.82 31.31 -6.19
N ARG H 55 2.25 30.28 -6.82
CA ARG H 55 2.70 29.80 -8.12
C ARG H 55 1.85 30.39 -9.24
N CYS H 56 2.50 30.70 -10.36
CA CYS H 56 1.81 31.24 -11.52
C CYS H 56 1.10 30.13 -12.28
N ARG H 57 -0.10 30.45 -12.75
CA ARG H 57 -0.87 29.55 -13.60
C ARG H 57 -0.95 30.03 -15.04
N ILE H 58 -0.36 31.17 -15.35
CA ILE H 58 -0.38 31.70 -16.71
C ILE H 58 0.56 30.87 -17.57
N GLU H 59 0.10 30.51 -18.77
CA GLU H 59 0.82 29.57 -19.62
C GLU H 59 2.07 30.21 -20.22
N ASN H 60 3.15 29.42 -20.28
CA ASN H 60 4.40 29.82 -20.90
C ASN H 60 4.97 31.09 -20.30
N CYS H 61 5.16 31.10 -18.97
CA CYS H 61 5.67 32.29 -18.30
C CYS H 61 6.84 31.92 -17.42
N ASP H 62 7.88 32.74 -17.43
CA ASP H 62 9.04 32.52 -16.59
C ASP H 62 9.06 33.41 -15.35
N SER H 63 8.40 34.56 -15.41
CA SER H 63 8.31 35.46 -14.27
C SER H 63 7.08 36.32 -14.44
N CYS H 64 6.24 36.37 -13.41
CA CYS H 64 4.94 37.01 -13.48
C CYS H 64 4.83 38.12 -12.46
N PHE H 65 3.71 38.84 -12.52
CA PHE H 65 3.40 39.93 -11.62
C PHE H 65 2.16 39.62 -10.79
N SER H 66 1.08 39.24 -11.46
CA SER H 66 -0.16 38.86 -10.81
C SER H 66 -0.52 37.42 -11.16
N LYS H 67 -1.72 36.99 -10.79
CA LYS H 67 -2.16 35.65 -11.13
C LYS H 67 -2.19 35.44 -12.64
N ASP H 68 -2.57 36.46 -13.39
CA ASP H 68 -2.69 36.35 -14.84
C ASP H 68 -2.07 37.53 -15.57
N PHE H 69 -0.86 37.92 -15.18
CA PHE H 69 -0.12 38.98 -15.87
C PHE H 69 1.35 38.57 -15.93
N CYS H 70 1.74 37.94 -17.03
CA CYS H 70 3.13 37.52 -17.20
C CYS H 70 4.02 38.70 -17.52
N THR H 71 5.13 38.80 -16.80
CA THR H 71 6.08 39.89 -17.02
C THR H 71 7.09 39.53 -18.10
N LYS H 72 7.78 38.39 -17.96
CA LYS H 72 8.74 37.93 -18.96
C LYS H 72 8.27 36.57 -19.47
N CYS H 73 7.77 36.56 -20.70
CA CYS H 73 7.22 35.34 -21.28
C CYS H 73 8.34 34.39 -21.68
N LYS H 74 7.95 33.22 -22.16
CA LYS H 74 8.91 32.24 -22.64
C LYS H 74 9.53 32.71 -23.95
N VAL H 75 10.72 32.17 -24.25
CA VAL H 75 11.46 32.60 -25.43
C VAL H 75 10.71 32.31 -26.72
N GLY H 76 9.80 31.36 -26.72
CA GLY H 76 9.07 30.99 -27.91
C GLY H 76 7.81 31.77 -28.19
N PHE H 77 7.52 32.81 -27.42
CA PHE H 77 6.29 33.58 -27.58
C PHE H 77 6.59 35.06 -27.42
N TYR H 78 5.54 35.87 -27.58
CA TYR H 78 5.63 37.31 -27.40
C TYR H 78 4.48 37.76 -26.51
N LEU H 79 4.70 38.85 -25.80
CA LEU H 79 3.70 39.38 -24.88
C LEU H 79 3.12 40.67 -25.41
N HIS H 80 1.79 40.74 -25.43
CA HIS H 80 1.10 41.90 -25.95
C HIS H 80 0.67 42.81 -24.81
N ARG H 81 -0.19 42.30 -23.92
CA ARG H 81 -0.51 43.06 -22.72
C ARG H 81 0.01 42.35 -21.48
N GLY H 82 -0.50 41.15 -21.23
CA GLY H 82 0.02 40.34 -20.16
C GLY H 82 0.29 38.90 -20.56
N ARG H 83 -0.38 38.48 -21.63
CA ARG H 83 -0.35 37.09 -22.05
C ARG H 83 0.91 36.80 -22.85
N CYS H 84 1.12 35.53 -23.19
CA CYS H 84 2.26 35.10 -24.00
C CYS H 84 1.72 34.56 -25.32
N PHE H 85 1.71 35.40 -26.34
CA PHE H 85 1.16 35.07 -27.64
C PHE H 85 2.26 34.67 -28.62
N ASP H 86 2.00 33.59 -29.36
CA ASP H 86 2.84 33.23 -30.49
C ASP H 86 2.60 34.14 -31.70
N GLU H 87 1.34 34.50 -31.95
CA GLU H 87 0.99 35.38 -33.05
C GLU H 87 0.90 36.82 -32.55
N CYS H 88 1.60 37.71 -33.26
CA CYS H 88 1.56 39.13 -32.92
C CYS H 88 0.63 39.85 -33.86
N PRO H 89 -0.49 40.40 -33.37
CA PRO H 89 -1.43 41.09 -34.27
C PRO H 89 -0.88 42.38 -34.82
N ALA H 90 -1.68 43.09 -35.61
CA ALA H 90 -1.24 44.30 -36.27
C ALA H 90 -0.99 45.42 -35.25
N GLY H 91 -0.43 46.52 -35.73
CA GLY H 91 -0.14 47.67 -34.93
C GLY H 91 1.16 47.61 -34.17
N PHE H 92 1.74 46.42 -34.03
CA PHE H 92 2.99 46.25 -33.30
C PHE H 92 3.84 45.19 -34.00
N ALA H 93 5.16 45.38 -33.90
CA ALA H 93 6.09 44.49 -34.57
C ALA H 93 6.05 43.09 -33.93
N PRO H 94 6.27 42.05 -34.72
CA PRO H 94 6.24 40.68 -34.17
C PRO H 94 7.27 40.43 -33.08
N LEU H 95 8.42 41.11 -33.09
CA LEU H 95 9.42 40.89 -32.07
C LEU H 95 9.89 42.19 -31.45
N ASP H 96 9.80 43.30 -32.20
CA ASP H 96 10.30 44.60 -31.75
C ASP H 96 11.74 44.53 -31.27
N GLU H 97 12.51 43.58 -31.82
CA GLU H 97 13.92 43.38 -31.50
C GLU H 97 14.14 42.99 -30.04
N THR H 98 13.05 42.73 -29.30
CA THR H 98 13.23 42.35 -27.89
C THR H 98 12.28 41.24 -27.45
N MET H 99 11.81 40.37 -28.35
CA MET H 99 10.84 39.33 -28.03
C MET H 99 9.59 39.93 -27.39
N GLU H 100 9.03 40.93 -28.08
CA GLU H 100 7.86 41.64 -27.59
C GLU H 100 6.96 41.98 -28.77
N CYS H 101 5.68 41.67 -28.64
CA CYS H 101 4.71 41.97 -29.68
C CYS H 101 4.30 43.43 -29.63
C1 CLR I . -29.45 -30.58 47.11
C2 CLR I . -29.58 -31.36 48.41
C3 CLR I . -29.89 -32.83 48.14
C4 CLR I . -28.84 -33.43 47.23
C5 CLR I . -28.62 -32.61 45.98
C6 CLR I . -28.62 -33.20 44.78
C7 CLR I . -28.27 -32.51 43.51
C8 CLR I . -27.68 -31.13 43.72
C9 CLR I . -28.46 -30.39 44.81
C10 CLR I . -28.37 -31.13 46.17
C11 CLR I . -28.05 -28.91 44.89
C12 CLR I . -28.06 -28.19 43.55
C13 CLR I . -27.18 -28.89 42.51
C14 CLR I . -27.70 -30.34 42.43
C15 CLR I . -26.97 -30.92 41.23
C16 CLR I . -26.94 -29.74 40.23
C17 CLR I . -27.32 -28.46 41.03
C18 CLR I . -25.71 -28.84 42.93
C19 CLR I . -26.99 -30.94 46.81
C20 CLR I . -26.56 -27.24 40.49
C21 CLR I . -27.03 -25.91 41.07
C22 CLR I . -26.68 -27.20 38.96
C23 CLR I . -25.71 -26.24 38.27
C24 CLR I . -25.98 -26.16 36.77
C25 CLR I . -24.93 -25.38 35.97
C26 CLR I . -25.00 -23.89 36.32
C27 CLR I . -25.11 -25.56 34.47
O1 CLR I . -29.96 -33.51 49.38
C1 CLR J . -25.40 -37.96 46.37
C2 CLR J . -26.49 -38.66 47.18
C3 CLR J . -26.74 -37.95 48.50
C4 CLR J . -27.07 -36.49 48.25
C5 CLR J . -26.05 -35.80 47.38
C6 CLR J . -25.52 -34.64 47.74
C7 CLR J . -24.66 -33.78 46.87
C8 CLR J . -24.59 -34.29 45.43
C9 CLR J . -24.47 -35.82 45.41
C10 CLR J . -25.72 -36.48 46.06
C11 CLR J . -24.16 -36.33 44.00
C12 CLR J . -22.95 -35.65 43.37
C13 CLR J . -23.09 -34.13 43.31
C14 CLR J . -23.39 -33.67 44.74
C15 CLR J . -23.33 -32.15 44.66
C16 CLR J . -22.14 -31.92 43.72
C17 CLR J . -21.80 -33.28 43.06
C18 CLR J . -24.20 -33.71 42.33
C19 CLR J . -26.95 -36.39 45.14
C20 CLR J . -21.21 -33.05 41.66
C21 CLR J . -20.93 -34.30 40.85
C22 CLR J . -19.91 -32.25 41.85
C23 CLR J . -19.19 -31.83 40.58
C24 CLR J . -20.03 -30.88 39.75
C25 CLR J . -19.64 -30.82 38.27
C26 CLR J . -18.27 -30.16 38.11
C27 CLR J . -20.69 -30.13 37.43
O1 CLR J . -27.78 -38.62 49.18
#